data_3N8B
# 
_entry.id   3N8B 
# 
_audit_conform.dict_name       mmcif_pdbx.dic 
_audit_conform.dict_version    5.397 
_audit_conform.dict_location   http://mmcif.pdb.org/dictionaries/ascii/mmcif_pdbx.dic 
# 
loop_
_database_2.database_id 
_database_2.database_code 
_database_2.pdbx_database_accession 
_database_2.pdbx_DOI 
PDB   3N8B         pdb_00003n8b 10.2210/pdb3n8b/pdb 
RCSB  RCSB059506   ?            ?                   
WWPDB D_1000059506 ?            ?                   
# 
loop_
_pdbx_audit_revision_history.ordinal 
_pdbx_audit_revision_history.data_content_type 
_pdbx_audit_revision_history.major_revision 
_pdbx_audit_revision_history.minor_revision 
_pdbx_audit_revision_history.revision_date 
1 'Structure model' 1 0 2010-10-06 
2 'Structure model' 1 1 2011-07-13 
3 'Structure model' 1 2 2013-06-19 
4 'Structure model' 1 3 2018-02-28 
5 'Structure model' 1 4 2024-10-09 
# 
_pdbx_audit_revision_details.ordinal             1 
_pdbx_audit_revision_details.revision_ordinal    1 
_pdbx_audit_revision_details.data_content_type   'Structure model' 
_pdbx_audit_revision_details.provider            repository 
_pdbx_audit_revision_details.type                'Initial release' 
_pdbx_audit_revision_details.description         ? 
_pdbx_audit_revision_details.details             ? 
# 
loop_
_pdbx_audit_revision_group.ordinal 
_pdbx_audit_revision_group.revision_ordinal 
_pdbx_audit_revision_group.data_content_type 
_pdbx_audit_revision_group.group 
1 2 'Structure model' 'Version format compliance' 
2 3 'Structure model' 'Database references'       
3 4 'Structure model' Advisory                    
4 5 'Structure model' Advisory                    
5 5 'Structure model' 'Data collection'           
6 5 'Structure model' 'Database references'       
7 5 'Structure model' 'Derived calculations'      
8 5 'Structure model' 'Structure summary'         
# 
loop_
_pdbx_audit_revision_category.ordinal 
_pdbx_audit_revision_category.revision_ordinal 
_pdbx_audit_revision_category.data_content_type 
_pdbx_audit_revision_category.category 
1  4 'Structure model' pdbx_unobs_or_zero_occ_atoms 
2  5 'Structure model' chem_comp_atom               
3  5 'Structure model' chem_comp_bond               
4  5 'Structure model' database_2                   
5  5 'Structure model' pdbx_entry_details           
6  5 'Structure model' pdbx_modification_feature    
7  5 'Structure model' pdbx_struct_conn_angle       
8  5 'Structure model' pdbx_unobs_or_zero_occ_atoms 
9  5 'Structure model' struct_conn                  
10 5 'Structure model' struct_ref_seq_dif           
11 5 'Structure model' struct_site                  
# 
loop_
_pdbx_audit_revision_item.ordinal 
_pdbx_audit_revision_item.revision_ordinal 
_pdbx_audit_revision_item.data_content_type 
_pdbx_audit_revision_item.item 
1  5 'Structure model' '_database_2.pdbx_DOI'                        
2  5 'Structure model' '_database_2.pdbx_database_accession'         
3  5 'Structure model' '_pdbx_struct_conn_angle.ptnr1_auth_comp_id'  
4  5 'Structure model' '_pdbx_struct_conn_angle.ptnr1_auth_seq_id'   
5  5 'Structure model' '_pdbx_struct_conn_angle.ptnr1_label_asym_id' 
6  5 'Structure model' '_pdbx_struct_conn_angle.ptnr1_label_comp_id' 
7  5 'Structure model' '_pdbx_struct_conn_angle.ptnr1_label_seq_id'  
8  5 'Structure model' '_pdbx_struct_conn_angle.ptnr3_auth_comp_id'  
9  5 'Structure model' '_pdbx_struct_conn_angle.ptnr3_auth_seq_id'   
10 5 'Structure model' '_pdbx_struct_conn_angle.ptnr3_label_asym_id' 
11 5 'Structure model' '_pdbx_struct_conn_angle.ptnr3_label_comp_id' 
12 5 'Structure model' '_pdbx_struct_conn_angle.ptnr3_label_seq_id'  
13 5 'Structure model' '_pdbx_struct_conn_angle.value'               
14 5 'Structure model' '_struct_conn.pdbx_dist_value'                
15 5 'Structure model' '_struct_conn.pdbx_leaving_atom_flag'         
16 5 'Structure model' '_struct_conn.ptnr1_auth_asym_id'             
17 5 'Structure model' '_struct_conn.ptnr1_auth_comp_id'             
18 5 'Structure model' '_struct_conn.ptnr1_auth_seq_id'              
19 5 'Structure model' '_struct_conn.ptnr1_label_asym_id'            
20 5 'Structure model' '_struct_conn.ptnr1_label_atom_id'            
21 5 'Structure model' '_struct_conn.ptnr1_label_comp_id'            
22 5 'Structure model' '_struct_conn.ptnr1_label_seq_id'             
23 5 'Structure model' '_struct_conn.ptnr2_auth_asym_id'             
24 5 'Structure model' '_struct_conn.ptnr2_auth_comp_id'             
25 5 'Structure model' '_struct_conn.ptnr2_auth_seq_id'              
26 5 'Structure model' '_struct_conn.ptnr2_label_asym_id'            
27 5 'Structure model' '_struct_conn.ptnr2_label_atom_id'            
28 5 'Structure model' '_struct_conn.ptnr2_label_comp_id'            
29 5 'Structure model' '_struct_ref_seq_dif.details'                 
30 5 'Structure model' '_struct_site.pdbx_auth_asym_id'              
31 5 'Structure model' '_struct_site.pdbx_auth_comp_id'              
32 5 'Structure model' '_struct_site.pdbx_auth_seq_id'               
# 
_pdbx_database_status.entry_id                        3N8B 
_pdbx_database_status.status_code                     REL 
_pdbx_database_status.deposit_site                    RCSB 
_pdbx_database_status.process_site                    RCSB 
_pdbx_database_status.recvd_initial_deposition_date   2010-05-28 
_pdbx_database_status.status_code_sf                  REL 
_pdbx_database_status.status_code_mr                  ? 
_pdbx_database_status.SG_entry                        ? 
_pdbx_database_status.status_code_cs                  ? 
_pdbx_database_status.pdb_format_compatible           Y 
_pdbx_database_status.methods_development_category    ? 
_pdbx_database_status.status_code_nmr_data            ? 
# 
_pdbx_database_related.db_name        PDB 
_pdbx_database_related.db_id          3K44 
_pdbx_database_related.details        'Crystal Structure of Drosophila melanogaster Pur-alpha' 
_pdbx_database_related.content_type   unspecified 
# 
loop_
_audit_author.name 
_audit_author.pdbx_ordinal 
'Graebsch, A.' 1 
'Roche, S.'    2 
'Kostrewa, D.' 3 
'Niessing, D.' 4 
# 
loop_
_citation.id 
_citation.title 
_citation.journal_abbrev 
_citation.journal_volume 
_citation.page_first 
_citation.page_last 
_citation.year 
_citation.journal_id_ASTM 
_citation.country 
_citation.journal_id_ISSN 
_citation.journal_id_CSD 
_citation.book_publisher 
_citation.pdbx_database_id_PubMed 
_citation.pdbx_database_id_DOI 
primary 
'Of bits and bugs--on the use of bioinformatics and a bacterial crystal structure to solve a eukaryotic repeat-protein structure.' 
'Plos One'             5   e13402 e13402 2010 ?      US 1932-6203 ?    ? 20976240 10.1371/journal.pone.0013402 
1       'X-ray structure of Pur-alpha reveals a Whirly-like fold and an unusual nucleic-acid binding surface' 
Proc.Natl.Acad.Sci.USA 106 18521  18526  2009 PNASA6 US 0027-8424 0040 ? ?        ?                            
# 
loop_
_citation_author.citation_id 
_citation_author.name 
_citation_author.ordinal 
_citation_author.identifier_ORCID 
primary 'Graebsch, A.' 1 ? 
primary 'Roche, S.'    2 ? 
primary 'Kostrewa, D.' 3 ? 
primary 'Soding, J.'   4 ? 
primary 'Niessing, D.' 5 ? 
1       'Graebsch, A.' 6 ? 
1       'Roche, S.'    7 ? 
1       'Niessing, D.' 8 ? 
# 
loop_
_entity.id 
_entity.type 
_entity.src_method 
_entity.pdbx_description 
_entity.formula_weight 
_entity.pdbx_number_of_molecules 
_entity.pdbx_ec 
_entity.pdbx_mutation 
_entity.pdbx_fragment 
_entity.details 
1 polymer     man 'Uncharacterized protein' 11519.287 2   ? 'L17M, F27M, I64M' 'Pur-alpha residues 8-105' ? 
2 non-polymer syn 1,2-ETHANEDIOL            62.068    4   ? ?                  ?                          ? 
3 non-polymer syn 'MAGNESIUM ION'           24.305    2   ? ?                  ?                          ? 
4 water       nat water                     18.015    149 ? ?                  ?                          ? 
# 
_entity_poly.entity_id                      1 
_entity_poly.type                           'polypeptide(L)' 
_entity_poly.nstd_linkage                   no 
_entity_poly.nstd_monomer                   yes 
_entity_poly.pdbx_seq_one_letter_code       
;ERGEVYSEK(MSE)FTESERTYF(MSE)NVKENRKGDYFLNIVESKRSPSGDFERHSIFVYEEN(MSE)NEFESNLLKAI
AVIKQKVSTGSVGSSARHNKGYGEYGERSK
;
_entity_poly.pdbx_seq_one_letter_code_can   
;ERGEVYSEKMFTESERTYFMNVKENRKGDYFLNIVESKRSPSGDFERHSIFVYEENMNEFESNLLKAIAVIKQKVSTGSV
GSSARHNKGYGEYGERSK
;
_entity_poly.pdbx_strand_id                 A,B 
_entity_poly.pdbx_target_identifier         ? 
# 
loop_
_pdbx_entity_nonpoly.entity_id 
_pdbx_entity_nonpoly.name 
_pdbx_entity_nonpoly.comp_id 
2 1,2-ETHANEDIOL  EDO 
3 'MAGNESIUM ION' MG  
4 water           HOH 
# 
loop_
_entity_poly_seq.entity_id 
_entity_poly_seq.num 
_entity_poly_seq.mon_id 
_entity_poly_seq.hetero 
1 1  GLU n 
1 2  ARG n 
1 3  GLY n 
1 4  GLU n 
1 5  VAL n 
1 6  TYR n 
1 7  SER n 
1 8  GLU n 
1 9  LYS n 
1 10 MSE n 
1 11 PHE n 
1 12 THR n 
1 13 GLU n 
1 14 SER n 
1 15 GLU n 
1 16 ARG n 
1 17 THR n 
1 18 TYR n 
1 19 PHE n 
1 20 MSE n 
1 21 ASN n 
1 22 VAL n 
1 23 LYS n 
1 24 GLU n 
1 25 ASN n 
1 26 ARG n 
1 27 LYS n 
1 28 GLY n 
1 29 ASP n 
1 30 TYR n 
1 31 PHE n 
1 32 LEU n 
1 33 ASN n 
1 34 ILE n 
1 35 VAL n 
1 36 GLU n 
1 37 SER n 
1 38 LYS n 
1 39 ARG n 
1 40 SER n 
1 41 PRO n 
1 42 SER n 
1 43 GLY n 
1 44 ASP n 
1 45 PHE n 
1 46 GLU n 
1 47 ARG n 
1 48 HIS n 
1 49 SER n 
1 50 ILE n 
1 51 PHE n 
1 52 VAL n 
1 53 TYR n 
1 54 GLU n 
1 55 GLU n 
1 56 ASN n 
1 57 MSE n 
1 58 ASN n 
1 59 GLU n 
1 60 PHE n 
1 61 GLU n 
1 62 SER n 
1 63 ASN n 
1 64 LEU n 
1 65 LEU n 
1 66 LYS n 
1 67 ALA n 
1 68 ILE n 
1 69 ALA n 
1 70 VAL n 
1 71 ILE n 
1 72 LYS n 
1 73 GLN n 
1 74 LYS n 
1 75 VAL n 
1 76 SER n 
1 77 THR n 
1 78 GLY n 
1 79 SER n 
1 80 VAL n 
1 81 GLY n 
1 82 SER n 
1 83 SER n 
1 84 ALA n 
1 85 ARG n 
1 86 HIS n 
1 87 ASN n 
1 88 LYS n 
1 89 GLY n 
1 90 TYR n 
1 91 GLY n 
1 92 GLU n 
1 93 TYR n 
1 94 GLY n 
1 95 GLU n 
1 96 ARG n 
1 97 SER n 
1 98 LYS n 
# 
_entity_src_gen.entity_id                          1 
_entity_src_gen.pdbx_src_id                        1 
_entity_src_gen.pdbx_alt_source_flag               sample 
_entity_src_gen.pdbx_seq_type                      ? 
_entity_src_gen.pdbx_beg_seq_num                   ? 
_entity_src_gen.pdbx_end_seq_num                   ? 
_entity_src_gen.gene_src_common_name               'Lyme disease spirochete' 
_entity_src_gen.gene_src_genus                     ? 
_entity_src_gen.pdbx_gene_src_gene                 BB_0047 
_entity_src_gen.gene_src_species                   ? 
_entity_src_gen.gene_src_strain                    ? 
_entity_src_gen.gene_src_tissue                    ? 
_entity_src_gen.gene_src_tissue_fraction           ? 
_entity_src_gen.gene_src_details                   ? 
_entity_src_gen.pdbx_gene_src_fragment             ? 
_entity_src_gen.pdbx_gene_src_scientific_name      'Borrelia burgdorferi' 
_entity_src_gen.pdbx_gene_src_ncbi_taxonomy_id     139 
_entity_src_gen.pdbx_gene_src_variant              ? 
_entity_src_gen.pdbx_gene_src_cell_line            ? 
_entity_src_gen.pdbx_gene_src_atcc                 ? 
_entity_src_gen.pdbx_gene_src_organ                ? 
_entity_src_gen.pdbx_gene_src_organelle            ? 
_entity_src_gen.pdbx_gene_src_cell                 ? 
_entity_src_gen.pdbx_gene_src_cellular_location    ? 
_entity_src_gen.host_org_common_name               ? 
_entity_src_gen.pdbx_host_org_scientific_name      'Escherichia coli' 
_entity_src_gen.pdbx_host_org_ncbi_taxonomy_id     469008 
_entity_src_gen.host_org_genus                     ? 
_entity_src_gen.pdbx_host_org_gene                 ? 
_entity_src_gen.pdbx_host_org_organ                ? 
_entity_src_gen.host_org_species                   ? 
_entity_src_gen.pdbx_host_org_tissue               ? 
_entity_src_gen.pdbx_host_org_tissue_fraction      ? 
_entity_src_gen.pdbx_host_org_strain               'BL21 (DE3)' 
_entity_src_gen.pdbx_host_org_variant              ? 
_entity_src_gen.pdbx_host_org_cell_line            ? 
_entity_src_gen.pdbx_host_org_atcc                 ? 
_entity_src_gen.pdbx_host_org_culture_collection   ? 
_entity_src_gen.pdbx_host_org_cell                 ? 
_entity_src_gen.pdbx_host_org_organelle            ? 
_entity_src_gen.pdbx_host_org_cellular_location    ? 
_entity_src_gen.pdbx_host_org_vector_type          plasmid 
_entity_src_gen.pdbx_host_org_vector               ? 
_entity_src_gen.host_org_details                   ? 
_entity_src_gen.expression_system_id               ? 
_entity_src_gen.plasmid_name                       pGEX6p1 
_entity_src_gen.plasmid_details                    ? 
_entity_src_gen.pdbx_description                   ? 
# 
loop_
_chem_comp.id 
_chem_comp.type 
_chem_comp.mon_nstd_flag 
_chem_comp.name 
_chem_comp.pdbx_synonyms 
_chem_comp.formula 
_chem_comp.formula_weight 
ALA 'L-peptide linking' y ALANINE          ?                 'C3 H7 N O2'     89.093  
ARG 'L-peptide linking' y ARGININE         ?                 'C6 H15 N4 O2 1' 175.209 
ASN 'L-peptide linking' y ASPARAGINE       ?                 'C4 H8 N2 O3'    132.118 
ASP 'L-peptide linking' y 'ASPARTIC ACID'  ?                 'C4 H7 N O4'     133.103 
EDO non-polymer         . 1,2-ETHANEDIOL   'ETHYLENE GLYCOL' 'C2 H6 O2'       62.068  
GLN 'L-peptide linking' y GLUTAMINE        ?                 'C5 H10 N2 O3'   146.144 
GLU 'L-peptide linking' y 'GLUTAMIC ACID'  ?                 'C5 H9 N O4'     147.129 
GLY 'peptide linking'   y GLYCINE          ?                 'C2 H5 N O2'     75.067  
HIS 'L-peptide linking' y HISTIDINE        ?                 'C6 H10 N3 O2 1' 156.162 
HOH non-polymer         . WATER            ?                 'H2 O'           18.015  
ILE 'L-peptide linking' y ISOLEUCINE       ?                 'C6 H13 N O2'    131.173 
LEU 'L-peptide linking' y LEUCINE          ?                 'C6 H13 N O2'    131.173 
LYS 'L-peptide linking' y LYSINE           ?                 'C6 H15 N2 O2 1' 147.195 
MG  non-polymer         . 'MAGNESIUM ION'  ?                 'Mg 2'           24.305  
MSE 'L-peptide linking' n SELENOMETHIONINE ?                 'C5 H11 N O2 Se' 196.106 
PHE 'L-peptide linking' y PHENYLALANINE    ?                 'C9 H11 N O2'    165.189 
PRO 'L-peptide linking' y PROLINE          ?                 'C5 H9 N O2'     115.130 
SER 'L-peptide linking' y SERINE           ?                 'C3 H7 N O3'     105.093 
THR 'L-peptide linking' y THREONINE        ?                 'C4 H9 N O3'     119.119 
TYR 'L-peptide linking' y TYROSINE         ?                 'C9 H11 N O3'    181.189 
VAL 'L-peptide linking' y VALINE           ?                 'C5 H11 N O2'    117.146 
# 
loop_
_pdbx_poly_seq_scheme.asym_id 
_pdbx_poly_seq_scheme.entity_id 
_pdbx_poly_seq_scheme.seq_id 
_pdbx_poly_seq_scheme.mon_id 
_pdbx_poly_seq_scheme.ndb_seq_num 
_pdbx_poly_seq_scheme.pdb_seq_num 
_pdbx_poly_seq_scheme.auth_seq_num 
_pdbx_poly_seq_scheme.pdb_mon_id 
_pdbx_poly_seq_scheme.auth_mon_id 
_pdbx_poly_seq_scheme.pdb_strand_id 
_pdbx_poly_seq_scheme.pdb_ins_code 
_pdbx_poly_seq_scheme.hetero 
A 1 1  GLU 1  8   8  GLU GLU A . n 
A 1 2  ARG 2  9   9  ARG ARG A . n 
A 1 3  GLY 3  10  10 GLY GLY A . n 
A 1 4  GLU 4  11  11 GLU GLU A . n 
A 1 5  VAL 5  12  12 VAL VAL A . n 
A 1 6  TYR 6  13  13 TYR TYR A . n 
A 1 7  SER 7  14  14 SER SER A . n 
A 1 8  GLU 8  15  15 GLU GLU A . n 
A 1 9  LYS 9  16  16 LYS LYS A . n 
A 1 10 MSE 10 17  17 MSE MSE A . n 
A 1 11 PHE 11 18  18 PHE PHE A . n 
A 1 12 THR 12 19  19 THR THR A . n 
A 1 13 GLU 13 20  20 GLU GLU A . n 
A 1 14 SER 14 21  21 SER SER A . n 
A 1 15 GLU 15 22  22 GLU GLU A . n 
A 1 16 ARG 16 23  23 ARG ARG A . n 
A 1 17 THR 17 24  24 THR THR A . n 
A 1 18 TYR 18 25  25 TYR TYR A . n 
A 1 19 PHE 19 26  26 PHE PHE A . n 
A 1 20 MSE 20 27  27 MSE MSE A . n 
A 1 21 ASN 21 28  28 ASN ASN A . n 
A 1 22 VAL 22 29  29 VAL VAL A . n 
A 1 23 LYS 23 30  30 LYS LYS A . n 
A 1 24 GLU 24 31  31 GLU GLU A . n 
A 1 25 ASN 25 32  32 ASN ASN A . n 
A 1 26 ARG 26 33  33 ARG ARG A . n 
A 1 27 LYS 27 34  34 LYS LYS A . n 
A 1 28 GLY 28 35  35 GLY GLY A . n 
A 1 29 ASP 29 36  36 ASP ASP A . n 
A 1 30 TYR 30 37  37 TYR TYR A . n 
A 1 31 PHE 31 38  38 PHE PHE A . n 
A 1 32 LEU 32 39  39 LEU LEU A . n 
A 1 33 ASN 33 40  40 ASN ASN A . n 
A 1 34 ILE 34 41  41 ILE ILE A . n 
A 1 35 VAL 35 42  42 VAL VAL A . n 
A 1 36 GLU 36 43  43 GLU GLU A . n 
A 1 37 SER 37 44  44 SER SER A . n 
A 1 38 LYS 38 45  45 LYS LYS A . n 
A 1 39 ARG 39 46  46 ARG ARG A . n 
A 1 40 SER 40 47  47 SER SER A . n 
A 1 41 PRO 41 48  48 PRO PRO A . n 
A 1 42 SER 42 49  49 SER SER A . n 
A 1 43 GLY 43 50  50 GLY GLY A . n 
A 1 44 ASP 44 51  51 ASP ASP A . n 
A 1 45 PHE 45 52  52 PHE PHE A . n 
A 1 46 GLU 46 53  53 GLU GLU A . n 
A 1 47 ARG 47 54  54 ARG ARG A . n 
A 1 48 HIS 48 55  55 HIS HIS A . n 
A 1 49 SER 49 56  56 SER SER A . n 
A 1 50 ILE 50 57  57 ILE ILE A . n 
A 1 51 PHE 51 58  58 PHE PHE A . n 
A 1 52 VAL 52 59  59 VAL VAL A . n 
A 1 53 TYR 53 60  60 TYR TYR A . n 
A 1 54 GLU 54 61  61 GLU GLU A . n 
A 1 55 GLU 55 62  62 GLU GLU A . n 
A 1 56 ASN 56 63  63 ASN ASN A . n 
A 1 57 MSE 57 64  64 MSE MSE A . n 
A 1 58 ASN 58 65  65 ASN ASN A . n 
A 1 59 GLU 59 66  66 GLU GLU A . n 
A 1 60 PHE 60 67  67 PHE PHE A . n 
A 1 61 GLU 61 68  68 GLU GLU A . n 
A 1 62 SER 62 69  69 SER SER A . n 
A 1 63 ASN 63 70  70 ASN ASN A . n 
A 1 64 LEU 64 71  71 LEU LEU A . n 
A 1 65 LEU 65 72  72 LEU LEU A . n 
A 1 66 LYS 66 73  73 LYS LYS A . n 
A 1 67 ALA 67 74  74 ALA ALA A . n 
A 1 68 ILE 68 75  75 ILE ILE A . n 
A 1 69 ALA 69 76  76 ALA ALA A . n 
A 1 70 VAL 70 77  77 VAL VAL A . n 
A 1 71 ILE 71 78  78 ILE ILE A . n 
A 1 72 LYS 72 79  79 LYS LYS A . n 
A 1 73 GLN 73 80  80 GLN GLN A . n 
A 1 74 LYS 74 81  81 LYS LYS A . n 
A 1 75 VAL 75 82  82 VAL VAL A . n 
A 1 76 SER 76 83  ?  ?   ?   A . n 
A 1 77 THR 77 84  ?  ?   ?   A . n 
A 1 78 GLY 78 85  ?  ?   ?   A . n 
A 1 79 SER 79 86  ?  ?   ?   A . n 
A 1 80 VAL 80 87  ?  ?   ?   A . n 
A 1 81 GLY 81 88  ?  ?   ?   A . n 
A 1 82 SER 82 89  ?  ?   ?   A . n 
A 1 83 SER 83 90  ?  ?   ?   A . n 
A 1 84 ALA 84 91  ?  ?   ?   A . n 
A 1 85 ARG 85 92  ?  ?   ?   A . n 
A 1 86 HIS 86 93  ?  ?   ?   A . n 
A 1 87 ASN 87 94  ?  ?   ?   A . n 
A 1 88 LYS 88 95  ?  ?   ?   A . n 
A 1 89 GLY 89 96  ?  ?   ?   A . n 
A 1 90 TYR 90 97  ?  ?   ?   A . n 
A 1 91 GLY 91 98  ?  ?   ?   A . n 
A 1 92 GLU 92 99  ?  ?   ?   A . n 
A 1 93 TYR 93 100 ?  ?   ?   A . n 
A 1 94 GLY 94 101 ?  ?   ?   A . n 
A 1 95 GLU 95 102 ?  ?   ?   A . n 
A 1 96 ARG 96 103 ?  ?   ?   A . n 
A 1 97 SER 97 104 ?  ?   ?   A . n 
A 1 98 LYS 98 105 ?  ?   ?   A . n 
B 1 1  GLU 1  8   ?  ?   ?   B . n 
B 1 2  ARG 2  9   ?  ?   ?   B . n 
B 1 3  GLY 3  10  ?  ?   ?   B . n 
B 1 4  GLU 4  11  11 GLU GLU B . n 
B 1 5  VAL 5  12  12 VAL VAL B . n 
B 1 6  TYR 6  13  13 TYR TYR B . n 
B 1 7  SER 7  14  14 SER SER B . n 
B 1 8  GLU 8  15  15 GLU GLU B . n 
B 1 9  LYS 9  16  16 LYS LYS B . n 
B 1 10 MSE 10 17  17 MSE MSE B . n 
B 1 11 PHE 11 18  18 PHE PHE B . n 
B 1 12 THR 12 19  19 THR THR B . n 
B 1 13 GLU 13 20  20 GLU GLU B . n 
B 1 14 SER 14 21  21 SER SER B . n 
B 1 15 GLU 15 22  22 GLU GLU B . n 
B 1 16 ARG 16 23  23 ARG ARG B . n 
B 1 17 THR 17 24  24 THR THR B . n 
B 1 18 TYR 18 25  25 TYR TYR B . n 
B 1 19 PHE 19 26  26 PHE PHE B . n 
B 1 20 MSE 20 27  27 MSE MSE B . n 
B 1 21 ASN 21 28  28 ASN ASN B . n 
B 1 22 VAL 22 29  29 VAL VAL B . n 
B 1 23 LYS 23 30  30 LYS LYS B . n 
B 1 24 GLU 24 31  31 GLU GLU B . n 
B 1 25 ASN 25 32  32 ASN ASN B . n 
B 1 26 ARG 26 33  33 ARG ARG B . n 
B 1 27 LYS 27 34  34 LYS LYS B . n 
B 1 28 GLY 28 35  35 GLY GLY B . n 
B 1 29 ASP 29 36  36 ASP ASP B . n 
B 1 30 TYR 30 37  37 TYR TYR B . n 
B 1 31 PHE 31 38  38 PHE PHE B . n 
B 1 32 LEU 32 39  39 LEU LEU B . n 
B 1 33 ASN 33 40  40 ASN ASN B . n 
B 1 34 ILE 34 41  41 ILE ILE B . n 
B 1 35 VAL 35 42  42 VAL VAL B . n 
B 1 36 GLU 36 43  43 GLU GLU B . n 
B 1 37 SER 37 44  44 SER SER B . n 
B 1 38 LYS 38 45  45 LYS LYS B . n 
B 1 39 ARG 39 46  46 ARG ARG B . n 
B 1 40 SER 40 47  47 SER SER B . n 
B 1 41 PRO 41 48  48 PRO PRO B . n 
B 1 42 SER 42 49  49 SER SER B . n 
B 1 43 GLY 43 50  50 GLY GLY B . n 
B 1 44 ASP 44 51  51 ASP ASP B . n 
B 1 45 PHE 45 52  52 PHE PHE B . n 
B 1 46 GLU 46 53  53 GLU GLU B . n 
B 1 47 ARG 47 54  54 ARG ARG B . n 
B 1 48 HIS 48 55  55 HIS HIS B . n 
B 1 49 SER 49 56  56 SER SER B . n 
B 1 50 ILE 50 57  57 ILE ILE B . n 
B 1 51 PHE 51 58  58 PHE PHE B . n 
B 1 52 VAL 52 59  59 VAL VAL B . n 
B 1 53 TYR 53 60  60 TYR TYR B . n 
B 1 54 GLU 54 61  61 GLU GLU B . n 
B 1 55 GLU 55 62  62 GLU GLU B . n 
B 1 56 ASN 56 63  63 ASN ASN B . n 
B 1 57 MSE 57 64  64 MSE MSE B . n 
B 1 58 ASN 58 65  65 ASN ASN B . n 
B 1 59 GLU 59 66  66 GLU GLU B . n 
B 1 60 PHE 60 67  67 PHE PHE B . n 
B 1 61 GLU 61 68  68 GLU GLU B . n 
B 1 62 SER 62 69  69 SER SER B . n 
B 1 63 ASN 63 70  70 ASN ASN B . n 
B 1 64 LEU 64 71  71 LEU LEU B . n 
B 1 65 LEU 65 72  72 LEU LEU B . n 
B 1 66 LYS 66 73  73 LYS LYS B . n 
B 1 67 ALA 67 74  74 ALA ALA B . n 
B 1 68 ILE 68 75  75 ILE ILE B . n 
B 1 69 ALA 69 76  76 ALA ALA B . n 
B 1 70 VAL 70 77  77 VAL VAL B . n 
B 1 71 ILE 71 78  78 ILE ILE B . n 
B 1 72 LYS 72 79  79 LYS LYS B . n 
B 1 73 GLN 73 80  80 GLN GLN B . n 
B 1 74 LYS 74 81  81 LYS LYS B . n 
B 1 75 VAL 75 82  82 VAL VAL B . n 
B 1 76 SER 76 83  83 SER SER B . n 
B 1 77 THR 77 84  84 THR THR B . n 
B 1 78 GLY 78 85  ?  ?   ?   B . n 
B 1 79 SER 79 86  ?  ?   ?   B . n 
B 1 80 VAL 80 87  ?  ?   ?   B . n 
B 1 81 GLY 81 88  ?  ?   ?   B . n 
B 1 82 SER 82 89  ?  ?   ?   B . n 
B 1 83 SER 83 90  ?  ?   ?   B . n 
B 1 84 ALA 84 91  ?  ?   ?   B . n 
B 1 85 ARG 85 92  ?  ?   ?   B . n 
B 1 86 HIS 86 93  ?  ?   ?   B . n 
B 1 87 ASN 87 94  ?  ?   ?   B . n 
B 1 88 LYS 88 95  ?  ?   ?   B . n 
B 1 89 GLY 89 96  ?  ?   ?   B . n 
B 1 90 TYR 90 97  ?  ?   ?   B . n 
B 1 91 GLY 91 98  ?  ?   ?   B . n 
B 1 92 GLU 92 99  ?  ?   ?   B . n 
B 1 93 TYR 93 100 ?  ?   ?   B . n 
B 1 94 GLY 94 101 ?  ?   ?   B . n 
B 1 95 GLU 95 102 ?  ?   ?   B . n 
B 1 96 ARG 96 103 ?  ?   ?   B . n 
B 1 97 SER 97 104 ?  ?   ?   B . n 
B 1 98 LYS 98 105 ?  ?   ?   B . n 
# 
loop_
_pdbx_nonpoly_scheme.asym_id 
_pdbx_nonpoly_scheme.entity_id 
_pdbx_nonpoly_scheme.mon_id 
_pdbx_nonpoly_scheme.ndb_seq_num 
_pdbx_nonpoly_scheme.pdb_seq_num 
_pdbx_nonpoly_scheme.auth_seq_num 
_pdbx_nonpoly_scheme.pdb_mon_id 
_pdbx_nonpoly_scheme.auth_mon_id 
_pdbx_nonpoly_scheme.pdb_strand_id 
_pdbx_nonpoly_scheme.pdb_ins_code 
C 2 EDO 1  1   1   EDO EDO A . 
D 2 EDO 1  106 106 EDO EDO A . 
E 2 EDO 1  107 107 EDO EDO A . 
F 3 MG  1  108 108 MG  MG  A . 
G 2 EDO 1  1   1   EDO EDO B . 
H 3 MG  1  106 106 MG  MG  B . 
I 4 HOH 1  2   2   HOH HOH A . 
I 4 HOH 2  4   4   HOH HOH A . 
I 4 HOH 3  5   5   HOH HOH A . 
I 4 HOH 4  6   6   HOH HOH A . 
I 4 HOH 5  109 109 HOH HOH A . 
I 4 HOH 6  110 110 HOH HOH A . 
I 4 HOH 7  111 111 HOH HOH A . 
I 4 HOH 8  112 112 HOH HOH A . 
I 4 HOH 9  113 113 HOH HOH A . 
I 4 HOH 10 114 114 HOH HOH A . 
I 4 HOH 11 115 115 HOH HOH A . 
I 4 HOH 12 116 116 HOH HOH A . 
I 4 HOH 13 118 118 HOH HOH A . 
I 4 HOH 14 120 120 HOH HOH A . 
I 4 HOH 15 121 121 HOH HOH A . 
I 4 HOH 16 122 122 HOH HOH A . 
I 4 HOH 17 123 123 HOH HOH A . 
I 4 HOH 18 124 124 HOH HOH A . 
I 4 HOH 19 125 125 HOH HOH A . 
I 4 HOH 20 126 126 HOH HOH A . 
I 4 HOH 21 127 127 HOH HOH A . 
I 4 HOH 22 128 128 HOH HOH A . 
I 4 HOH 23 129 129 HOH HOH A . 
I 4 HOH 24 130 130 HOH HOH A . 
I 4 HOH 25 131 131 HOH HOH A . 
I 4 HOH 26 132 132 HOH HOH A . 
I 4 HOH 27 133 133 HOH HOH A . 
I 4 HOH 28 134 134 HOH HOH A . 
I 4 HOH 29 135 135 HOH HOH A . 
I 4 HOH 30 136 136 HOH HOH A . 
I 4 HOH 31 137 137 HOH HOH A . 
I 4 HOH 32 138 138 HOH HOH A . 
I 4 HOH 33 139 139 HOH HOH A . 
I 4 HOH 34 140 140 HOH HOH A . 
I 4 HOH 35 141 141 HOH HOH A . 
I 4 HOH 36 142 142 HOH HOH A . 
I 4 HOH 37 143 143 HOH HOH A . 
I 4 HOH 38 144 144 HOH HOH A . 
I 4 HOH 39 145 145 HOH HOH A . 
I 4 HOH 40 146 146 HOH HOH A . 
I 4 HOH 41 147 147 HOH HOH A . 
I 4 HOH 42 148 148 HOH HOH A . 
I 4 HOH 43 149 149 HOH HOH A . 
I 4 HOH 44 150 150 HOH HOH A . 
I 4 HOH 45 151 151 HOH HOH A . 
I 4 HOH 46 152 152 HOH HOH A . 
I 4 HOH 47 153 153 HOH HOH A . 
I 4 HOH 48 154 154 HOH HOH A . 
I 4 HOH 49 155 155 HOH HOH A . 
I 4 HOH 50 156 156 HOH HOH A . 
I 4 HOH 51 157 157 HOH HOH A . 
I 4 HOH 52 158 158 HOH HOH A . 
I 4 HOH 53 159 159 HOH HOH A . 
I 4 HOH 54 160 160 HOH HOH A . 
I 4 HOH 55 161 161 HOH HOH A . 
I 4 HOH 56 162 162 HOH HOH A . 
I 4 HOH 57 163 163 HOH HOH A . 
I 4 HOH 58 164 164 HOH HOH A . 
I 4 HOH 59 165 165 HOH HOH A . 
I 4 HOH 60 166 166 HOH HOH A . 
I 4 HOH 61 167 167 HOH HOH A . 
I 4 HOH 62 168 168 HOH HOH A . 
I 4 HOH 63 169 169 HOH HOH A . 
I 4 HOH 64 170 170 HOH HOH A . 
I 4 HOH 65 171 171 HOH HOH A . 
I 4 HOH 66 172 172 HOH HOH A . 
I 4 HOH 67 173 173 HOH HOH A . 
I 4 HOH 68 174 174 HOH HOH A . 
I 4 HOH 69 175 175 HOH HOH A . 
I 4 HOH 70 176 176 HOH HOH A . 
I 4 HOH 71 177 177 HOH HOH A . 
I 4 HOH 72 179 179 HOH HOH A . 
I 4 HOH 73 180 180 HOH HOH A . 
I 4 HOH 74 182 182 HOH HOH A . 
I 4 HOH 75 183 183 HOH HOH A . 
I 4 HOH 76 184 184 HOH HOH A . 
I 4 HOH 77 185 185 HOH HOH A . 
I 4 HOH 78 186 186 HOH HOH A . 
I 4 HOH 79 187 187 HOH HOH A . 
I 4 HOH 80 188 188 HOH HOH A . 
I 4 HOH 81 189 189 HOH HOH A . 
I 4 HOH 82 190 190 HOH HOH A . 
I 4 HOH 83 191 191 HOH HOH A . 
I 4 HOH 84 192 192 HOH HOH A . 
I 4 HOH 85 193 193 HOH HOH A . 
I 4 HOH 86 194 194 HOH HOH A . 
I 4 HOH 87 195 195 HOH HOH A . 
I 4 HOH 88 196 196 HOH HOH A . 
J 4 HOH 1  2   2   HOH HOH B . 
J 4 HOH 2  7   7   HOH HOH B . 
J 4 HOH 3  107 107 HOH HOH B . 
J 4 HOH 4  108 108 HOH HOH B . 
J 4 HOH 5  109 109 HOH HOH B . 
J 4 HOH 6  110 110 HOH HOH B . 
J 4 HOH 7  111 111 HOH HOH B . 
J 4 HOH 8  112 112 HOH HOH B . 
J 4 HOH 9  113 113 HOH HOH B . 
J 4 HOH 10 114 114 HOH HOH B . 
J 4 HOH 11 115 115 HOH HOH B . 
J 4 HOH 12 116 116 HOH HOH B . 
J 4 HOH 13 117 117 HOH HOH B . 
J 4 HOH 14 118 118 HOH HOH B . 
J 4 HOH 15 119 119 HOH HOH B . 
J 4 HOH 16 120 120 HOH HOH B . 
J 4 HOH 17 121 121 HOH HOH B . 
J 4 HOH 18 122 122 HOH HOH B . 
J 4 HOH 19 123 123 HOH HOH B . 
J 4 HOH 20 124 124 HOH HOH B . 
J 4 HOH 21 125 125 HOH HOH B . 
J 4 HOH 22 126 126 HOH HOH B . 
J 4 HOH 23 127 127 HOH HOH B . 
J 4 HOH 24 128 128 HOH HOH B . 
J 4 HOH 25 129 129 HOH HOH B . 
J 4 HOH 26 130 130 HOH HOH B . 
J 4 HOH 27 131 131 HOH HOH B . 
J 4 HOH 28 132 132 HOH HOH B . 
J 4 HOH 29 133 133 HOH HOH B . 
J 4 HOH 30 134 134 HOH HOH B . 
J 4 HOH 31 135 135 HOH HOH B . 
J 4 HOH 32 136 136 HOH HOH B . 
J 4 HOH 33 137 137 HOH HOH B . 
J 4 HOH 34 138 138 HOH HOH B . 
J 4 HOH 35 139 139 HOH HOH B . 
J 4 HOH 36 140 140 HOH HOH B . 
J 4 HOH 37 141 141 HOH HOH B . 
J 4 HOH 38 142 142 HOH HOH B . 
J 4 HOH 39 143 143 HOH HOH B . 
J 4 HOH 40 144 144 HOH HOH B . 
J 4 HOH 41 145 145 HOH HOH B . 
J 4 HOH 42 146 146 HOH HOH B . 
J 4 HOH 43 147 147 HOH HOH B . 
J 4 HOH 44 149 149 HOH HOH B . 
J 4 HOH 45 150 150 HOH HOH B . 
J 4 HOH 46 151 151 HOH HOH B . 
J 4 HOH 47 152 152 HOH HOH B . 
J 4 HOH 48 153 153 HOH HOH B . 
J 4 HOH 49 154 154 HOH HOH B . 
J 4 HOH 50 155 155 HOH HOH B . 
J 4 HOH 51 156 156 HOH HOH B . 
J 4 HOH 52 157 157 HOH HOH B . 
J 4 HOH 53 158 158 HOH HOH B . 
J 4 HOH 54 159 159 HOH HOH B . 
J 4 HOH 55 160 160 HOH HOH B . 
J 4 HOH 56 161 161 HOH HOH B . 
J 4 HOH 57 162 162 HOH HOH B . 
J 4 HOH 58 163 163 HOH HOH B . 
J 4 HOH 59 165 165 HOH HOH B . 
J 4 HOH 60 166 166 HOH HOH B . 
J 4 HOH 61 167 167 HOH HOH B . 
# 
loop_
_pdbx_unobs_or_zero_occ_atoms.id 
_pdbx_unobs_or_zero_occ_atoms.PDB_model_num 
_pdbx_unobs_or_zero_occ_atoms.polymer_flag 
_pdbx_unobs_or_zero_occ_atoms.occupancy_flag 
_pdbx_unobs_or_zero_occ_atoms.auth_asym_id 
_pdbx_unobs_or_zero_occ_atoms.auth_comp_id 
_pdbx_unobs_or_zero_occ_atoms.auth_seq_id 
_pdbx_unobs_or_zero_occ_atoms.PDB_ins_code 
_pdbx_unobs_or_zero_occ_atoms.auth_atom_id 
_pdbx_unobs_or_zero_occ_atoms.label_alt_id 
_pdbx_unobs_or_zero_occ_atoms.label_asym_id 
_pdbx_unobs_or_zero_occ_atoms.label_comp_id 
_pdbx_unobs_or_zero_occ_atoms.label_seq_id 
_pdbx_unobs_or_zero_occ_atoms.label_atom_id 
1 1 Y 0 B GLU 11 ? CG  ? B GLU 4  CG  
2 1 Y 0 B GLU 11 ? CD  ? B GLU 4  CD  
3 1 Y 0 B GLU 11 ? OE1 ? B GLU 4  OE1 
4 1 Y 0 B GLU 11 ? OE2 ? B GLU 4  OE2 
5 1 Y 0 B LYS 34 ? CB  ? B LYS 27 CB  
6 1 Y 0 B LYS 34 ? CG  ? B LYS 27 CG  
7 1 Y 0 B LYS 34 ? CD  ? B LYS 27 CD  
8 1 Y 0 B LYS 34 ? CE  ? B LYS 27 CE  
9 1 Y 0 B LYS 34 ? NZ  ? B LYS 27 NZ  
# 
loop_
_software.pdbx_ordinal 
_software.name 
_software.version 
_software.date 
_software.type 
_software.contact_author 
_software.contact_author_email 
_software.classification 
_software.location 
_software.language 
_software.citation_id 
1 SCALA       .        ?               other   'Phil R. Evans'       pre@mrc-lmb.cam.ac.uk        'data scaling'    
http://www.ccp4.ac.uk/dist/html/scala.html   Fortran_77 ? 
2 SHELX       .        ?               package 'George M. Sheldrick' gsheldr@shelx.uni-ac.gwdg.de phasing           
http://shelx.uni-ac.gwdg.de/SHELX/           Fortran_77 ? 
3 REFMAC      5.5.0109 ?               program 'Garib N. Murshudov'  garib@ysbl.york.ac.uk        refinement        
http://www.ccp4.ac.uk/dist/html/refmac5.html Fortran_77 ? 
4 PDB_EXTRACT 3.100    'May. 21, 2010' package PDB                   help@deposit.rcsb.org        'data extraction' 
http://sw-tools.pdb.org/apps/PDB_EXTRACT/    C++        ? 
5 XSCALE      .        ?               ?       ?                     ?                            'data scaling'    ? ?          ? 
6 SHELXD      .        ?               ?       ?                     ?                            phasing           ? ?          ? 
# 
_cell.entry_id           3N8B 
_cell.length_a           48.710 
_cell.length_b           58.330 
_cell.length_c           141.840 
_cell.angle_alpha        90.00 
_cell.angle_beta         90.00 
_cell.angle_gamma        90.00 
_cell.Z_PDB              16 
_cell.pdbx_unique_axis   ? 
_cell.length_a_esd       ? 
_cell.length_b_esd       ? 
_cell.length_c_esd       ? 
_cell.angle_alpha_esd    ? 
_cell.angle_beta_esd     ? 
_cell.angle_gamma_esd    ? 
# 
_symmetry.entry_id                         3N8B 
_symmetry.space_group_name_H-M             'I 21 21 21' 
_symmetry.pdbx_full_space_group_name_H-M   ? 
_symmetry.cell_setting                     ? 
_symmetry.Int_Tables_number                24 
_symmetry.space_group_name_Hall            ? 
# 
_exptl.entry_id          3N8B 
_exptl.method            'X-RAY DIFFRACTION' 
_exptl.crystals_number   1 
# 
_exptl_crystal.id                    1 
_exptl_crystal.density_meas          ? 
_exptl_crystal.density_Matthews      2.19 
_exptl_crystal.density_percent_sol   43.75 
_exptl_crystal.description           ? 
_exptl_crystal.F_000                 ? 
_exptl_crystal.preparation           ? 
# 
_exptl_crystal_grow.crystal_id      1 
_exptl_crystal_grow.method          ? 
_exptl_crystal_grow.temp            277 
_exptl_crystal_grow.temp_details    ? 
_exptl_crystal_grow.pH              8.0 
_exptl_crystal_grow.pdbx_pH_range   ? 
_exptl_crystal_grow.pdbx_details    
;125 mM NaCl, 10 mM Hepes pH 8.0, 2.8 M sodium formate, equimolar addition of  DNA oligonucleotide 5'AGG GTT AGG GTT-3' (not visible in structure), VAPOR DIFFUSION, HANGING DROP, temperature 277K
;
# 
_diffrn.id                     1 
_diffrn.ambient_temp           100 
_diffrn.ambient_temp_details   ? 
_diffrn.crystal_id             1 
# 
_diffrn_detector.diffrn_id              1 
_diffrn_detector.detector               PIXEL 
_diffrn_detector.type                   'PSI PILATUS 6M' 
_diffrn_detector.pdbx_collection_date   2008-05-20 
_diffrn_detector.details                ? 
# 
_diffrn_radiation.diffrn_id                        1 
_diffrn_radiation.wavelength_id                    1 
_diffrn_radiation.pdbx_monochromatic_or_laue_m_l   ? 
_diffrn_radiation.monochromator                    'SI(111)' 
_diffrn_radiation.pdbx_diffrn_protocol             'SINGLE WAVELENGTH' 
_diffrn_radiation.pdbx_scattering_type             x-ray 
# 
_diffrn_radiation_wavelength.id           1 
_diffrn_radiation_wavelength.wavelength   0.9792 
_diffrn_radiation_wavelength.wt           1.0 
# 
_diffrn_source.diffrn_id                   1 
_diffrn_source.source                      SYNCHROTRON 
_diffrn_source.type                        'SLS BEAMLINE X06SA' 
_diffrn_source.pdbx_synchrotron_site       SLS 
_diffrn_source.pdbx_synchrotron_beamline   X06SA 
_diffrn_source.pdbx_wavelength             0.9792 
_diffrn_source.pdbx_wavelength_list        ? 
# 
_reflns.entry_id                     3N8B 
_reflns.observed_criterion_sigma_I   5.000 
_reflns.observed_criterion_sigma_F   ? 
_reflns.d_resolution_low             70.946 
_reflns.d_resolution_high            1.900 
_reflns.number_obs                   30605 
_reflns.number_all                   ? 
_reflns.percent_possible_obs         98.7 
_reflns.pdbx_Rmerge_I_obs            0.09700 
_reflns.pdbx_Rsym_value              0.08200 
_reflns.pdbx_netI_over_sigmaI        12.9000 
_reflns.B_iso_Wilson_estimate        25.30 
_reflns.pdbx_redundancy              3.500 
_reflns.R_free_details               ? 
_reflns.limit_h_max                  ? 
_reflns.limit_h_min                  ? 
_reflns.limit_k_max                  ? 
_reflns.limit_k_min                  ? 
_reflns.limit_l_max                  ? 
_reflns.limit_l_min                  ? 
_reflns.observed_criterion_F_max     ? 
_reflns.observed_criterion_F_min     ? 
_reflns.pdbx_chi_squared             ? 
_reflns.pdbx_scaling_rejects         ? 
_reflns.pdbx_ordinal                 1 
_reflns.pdbx_diffrn_id               1 
# 
_reflns_shell.d_res_high             1.90 
_reflns_shell.d_res_low              2.01 
_reflns_shell.percent_possible_all   95.5 
_reflns_shell.Rmerge_I_obs           0.42000 
_reflns_shell.pdbx_Rsym_value        0.35000 
_reflns_shell.meanI_over_sigI_obs    5.300 
_reflns_shell.pdbx_redundancy        3.50 
_reflns_shell.percent_possible_obs   ? 
_reflns_shell.number_unique_all      ? 
_reflns_shell.number_measured_all    ? 
_reflns_shell.number_measured_obs    ? 
_reflns_shell.number_unique_obs      ? 
_reflns_shell.pdbx_chi_squared       ? 
_reflns_shell.pdbx_ordinal           1 
_reflns_shell.pdbx_diffrn_id         1 
# 
_refine.pdbx_refine_id                           'X-RAY DIFFRACTION' 
_refine.entry_id                                 3N8B 
_refine.ls_number_reflns_obs                     30605 
_refine.ls_number_reflns_all                     31023 
_refine.pdbx_ls_sigma_I                          ? 
_refine.pdbx_ls_sigma_F                          0.000 
_refine.pdbx_data_cutoff_high_absF               ? 
_refine.pdbx_data_cutoff_low_absF                ? 
_refine.pdbx_data_cutoff_high_rms_absF           ? 
_refine.ls_d_res_low                             37.39 
_refine.ls_d_res_high                            1.90 
_refine.ls_percent_reflns_obs                    99.3 
_refine.ls_R_factor_obs                          0.187 
_refine.ls_R_factor_all                          ? 
_refine.ls_R_factor_R_work                       0.185 
_refine.ls_R_factor_R_free                       0.232 
_refine.ls_R_factor_R_free_error                 ? 
_refine.ls_R_factor_R_free_error_details         ? 
_refine.ls_percent_reflns_R_free                 5.000 
_refine.ls_number_reflns_R_free                  816 
_refine.ls_number_parameters                     ? 
_refine.ls_number_restraints                     ? 
_refine.occupancy_min                            0.00 
_refine.occupancy_max                            1.00 
_refine.correlation_coeff_Fo_to_Fc               0.950 
_refine.correlation_coeff_Fo_to_Fc_free          0.921 
_refine.B_iso_mean                               23.75 
_refine.aniso_B[1][1]                            2.02000 
_refine.aniso_B[2][2]                            -0.75000 
_refine.aniso_B[3][3]                            -1.27000 
_refine.aniso_B[1][2]                            0.00000 
_refine.aniso_B[1][3]                            0.00000 
_refine.aniso_B[2][3]                            0.00000 
_refine.solvent_model_details                    MASK 
_refine.solvent_model_param_ksol                 ? 
_refine.solvent_model_param_bsol                 ? 
_refine.pdbx_solvent_vdw_probe_radii             1.20 
_refine.pdbx_solvent_ion_probe_radii             0.80 
_refine.pdbx_solvent_shrinkage_radii             0.80 
_refine.pdbx_ls_cross_valid_method               THROUGHOUT 
_refine.details                                  'HYDROGENS HAVE BEEN ADDED IN THE RIDING' 
_refine.pdbx_starting_model                      ? 
_refine.pdbx_method_to_determine_struct          SAD 
_refine.pdbx_isotropic_thermal_model             ? 
_refine.pdbx_stereochemistry_target_values       'MAXIMUM LIKELIHOOD' 
_refine.pdbx_stereochem_target_val_spec_case     ? 
_refine.pdbx_R_Free_selection_details            RANDOM 
_refine.pdbx_overall_ESU_R                       0.140 
_refine.pdbx_overall_ESU_R_Free                  0.138 
_refine.overall_SU_ML                            0.095 
_refine.pdbx_overall_phase_error                 ? 
_refine.overall_SU_B                             3.187 
_refine.overall_SU_R_Cruickshank_DPI             ? 
_refine.pdbx_overall_SU_R_free_Cruickshank_DPI   ? 
_refine.pdbx_overall_SU_R_Blow_DPI               ? 
_refine.pdbx_overall_SU_R_free_Blow_DPI          ? 
_refine.ls_redundancy_reflns_obs                 ? 
_refine.B_iso_min                                ? 
_refine.B_iso_max                                ? 
_refine.overall_SU_R_free                        ? 
_refine.ls_wR_factor_R_free                      ? 
_refine.ls_wR_factor_R_work                      ? 
_refine.overall_FOM_free_R_set                   ? 
_refine.overall_FOM_work_R_set                   ? 
_refine.pdbx_diffrn_id                           1 
_refine.pdbx_TLS_residual_ADP_flag               ? 
# 
_refine_hist.pdbx_refine_id                   'X-RAY DIFFRACTION' 
_refine_hist.cycle_id                         LAST 
_refine_hist.pdbx_number_atoms_protein        1249 
_refine_hist.pdbx_number_atoms_nucleic_acid   0 
_refine_hist.pdbx_number_atoms_ligand         18 
_refine_hist.number_atoms_solvent             149 
_refine_hist.number_atoms_total               1416 
_refine_hist.d_res_high                       1.90 
_refine_hist.d_res_low                        37.39 
# 
loop_
_refine_ls_restr.type 
_refine_ls_restr.dev_ideal 
_refine_ls_restr.dev_ideal_target 
_refine_ls_restr.weight 
_refine_ls_restr.number 
_refine_ls_restr.pdbx_refine_id 
_refine_ls_restr.pdbx_restraint_function 
r_bond_refined_d             0.010  0.022  ? 1335 'X-RAY DIFFRACTION' ? 
r_bond_other_d               ?      ?      ? ?    'X-RAY DIFFRACTION' ? 
r_angle_refined_deg          1.169  1.954  ? 1790 'X-RAY DIFFRACTION' ? 
r_angle_other_deg            ?      ?      ? ?    'X-RAY DIFFRACTION' ? 
r_dihedral_angle_1_deg       4.984  5.000  ? 166  'X-RAY DIFFRACTION' ? 
r_dihedral_angle_2_deg       31.379 24.737 ? 76   'X-RAY DIFFRACTION' ? 
r_dihedral_angle_3_deg       14.896 15.000 ? 264  'X-RAY DIFFRACTION' ? 
r_dihedral_angle_4_deg       9.877  15.000 ? 9    'X-RAY DIFFRACTION' ? 
r_chiral_restr               0.088  0.200  ? 184  'X-RAY DIFFRACTION' ? 
r_gen_planes_refined         0.005  0.020  ? 1021 'X-RAY DIFFRACTION' ? 
r_gen_planes_other           ?      ?      ? ?    'X-RAY DIFFRACTION' ? 
r_nbd_refined                ?      ?      ? ?    'X-RAY DIFFRACTION' ? 
r_nbd_other                  ?      ?      ? ?    'X-RAY DIFFRACTION' ? 
r_nbtor_refined              ?      ?      ? ?    'X-RAY DIFFRACTION' ? 
r_nbtor_other                ?      ?      ? ?    'X-RAY DIFFRACTION' ? 
r_xyhbond_nbd_refined        ?      ?      ? ?    'X-RAY DIFFRACTION' ? 
r_xyhbond_nbd_other          ?      ?      ? ?    'X-RAY DIFFRACTION' ? 
r_metal_ion_refined          ?      ?      ? ?    'X-RAY DIFFRACTION' ? 
r_metal_ion_other            ?      ?      ? ?    'X-RAY DIFFRACTION' ? 
r_symmetry_vdw_refined       ?      ?      ? ?    'X-RAY DIFFRACTION' ? 
r_symmetry_vdw_other         ?      ?      ? ?    'X-RAY DIFFRACTION' ? 
r_symmetry_hbond_refined     ?      ?      ? ?    'X-RAY DIFFRACTION' ? 
r_symmetry_hbond_other       ?      ?      ? ?    'X-RAY DIFFRACTION' ? 
r_symmetry_metal_ion_refined ?      ?      ? ?    'X-RAY DIFFRACTION' ? 
r_symmetry_metal_ion_other   ?      ?      ? ?    'X-RAY DIFFRACTION' ? 
r_mcbond_it                  1.057  2.000  ? 769  'X-RAY DIFFRACTION' ? 
r_mcbond_other               ?      ?      ? ?    'X-RAY DIFFRACTION' ? 
r_mcangle_it                 2.017  3.000  ? 1254 'X-RAY DIFFRACTION' ? 
r_scbond_it                  2.969  4.500  ? 566  'X-RAY DIFFRACTION' ? 
r_scangle_it                 4.901  6.000  ? 526  'X-RAY DIFFRACTION' ? 
r_rigid_bond_restr           ?      ?      ? ?    'X-RAY DIFFRACTION' ? 
r_sphericity_free            ?      ?      ? ?    'X-RAY DIFFRACTION' ? 
r_sphericity_bonded          ?      ?      ? ?    'X-RAY DIFFRACTION' ? 
# 
_refine_ls_shell.pdbx_refine_id                   'X-RAY DIFFRACTION' 
_refine_ls_shell.pdbx_total_number_of_bins_used   20 
_refine_ls_shell.d_res_high                       1.90 
_refine_ls_shell.d_res_low                        1.95 
_refine_ls_shell.number_reflns_R_work             1145 
_refine_ls_shell.R_factor_R_work                  0.2260 
_refine_ls_shell.percent_reflns_obs               98.11 
_refine_ls_shell.R_factor_R_free                  0.3190 
_refine_ls_shell.R_factor_R_free_error            ? 
_refine_ls_shell.percent_reflns_R_free            ? 
_refine_ls_shell.number_reflns_R_free             50 
_refine_ls_shell.number_reflns_all                ? 
_refine_ls_shell.R_factor_all                     ? 
_refine_ls_shell.redundancy_reflns_obs            ? 
_refine_ls_shell.number_reflns_obs                ? 
# 
_struct.entry_id                  3N8B 
_struct.title                     'Crystal Structure of Borrelia burgdorferi Pur-alpha' 
_struct.pdbx_model_details        ? 
_struct.pdbx_CASP_flag            ? 
_struct.pdbx_model_type_details   ? 
# 
_struct_keywords.entry_id        3N8B 
_struct_keywords.text            
'Pur-alpha, Pur repeat, Pur domain, Whirly fold, RNA binding, DNA binding, NUCLEIC ACID BINDING PROTEIN' 
_struct_keywords.pdbx_keywords   'NUCLEIC ACID BINDING PROTEIN' 
# 
loop_
_struct_asym.id 
_struct_asym.pdbx_blank_PDB_chainid_flag 
_struct_asym.pdbx_modified 
_struct_asym.entity_id 
_struct_asym.details 
A N N 1 ? 
B N N 1 ? 
C N N 2 ? 
D N N 2 ? 
E N N 2 ? 
F N N 3 ? 
G N N 2 ? 
H N N 3 ? 
I N N 4 ? 
J N N 4 ? 
# 
_struct_ref.id                         1 
_struct_ref.db_name                    UNP 
_struct_ref.db_code                    O51076_BORBU 
_struct_ref.pdbx_db_accession          O51076 
_struct_ref.entity_id                  1 
_struct_ref.pdbx_seq_one_letter_code   
;ERGEVYSEKLFTESERTYFFNVKENRKGDYFLNIVESKRSPSGDFERHSIFVYEENINEFESNLLKAIAVIKQKVSTGSV
GSSARHNKGYGEYGERSK
;
_struct_ref.pdbx_align_begin           8 
_struct_ref.pdbx_db_isoform            ? 
# 
loop_
_struct_ref_seq.align_id 
_struct_ref_seq.ref_id 
_struct_ref_seq.pdbx_PDB_id_code 
_struct_ref_seq.pdbx_strand_id 
_struct_ref_seq.seq_align_beg 
_struct_ref_seq.pdbx_seq_align_beg_ins_code 
_struct_ref_seq.seq_align_end 
_struct_ref_seq.pdbx_seq_align_end_ins_code 
_struct_ref_seq.pdbx_db_accession 
_struct_ref_seq.db_align_beg 
_struct_ref_seq.pdbx_db_align_beg_ins_code 
_struct_ref_seq.db_align_end 
_struct_ref_seq.pdbx_db_align_end_ins_code 
_struct_ref_seq.pdbx_auth_seq_align_beg 
_struct_ref_seq.pdbx_auth_seq_align_end 
1 1 3N8B A 1 ? 98 ? O51076 8 ? 105 ? 8 105 
2 1 3N8B B 1 ? 98 ? O51076 8 ? 105 ? 8 105 
# 
loop_
_struct_ref_seq_dif.align_id 
_struct_ref_seq_dif.pdbx_pdb_id_code 
_struct_ref_seq_dif.mon_id 
_struct_ref_seq_dif.pdbx_pdb_strand_id 
_struct_ref_seq_dif.seq_num 
_struct_ref_seq_dif.pdbx_pdb_ins_code 
_struct_ref_seq_dif.pdbx_seq_db_name 
_struct_ref_seq_dif.pdbx_seq_db_accession_code 
_struct_ref_seq_dif.db_mon_id 
_struct_ref_seq_dif.pdbx_seq_db_seq_num 
_struct_ref_seq_dif.details 
_struct_ref_seq_dif.pdbx_auth_seq_num 
_struct_ref_seq_dif.pdbx_ordinal 
1 3N8B MSE A 10 ? UNP O51076 LEU 17 'engineered mutation' 17 1 
1 3N8B MSE A 20 ? UNP O51076 PHE 27 'engineered mutation' 27 2 
1 3N8B MSE A 57 ? UNP O51076 ILE 64 'engineered mutation' 64 3 
2 3N8B MSE B 10 ? UNP O51076 LEU 17 'engineered mutation' 17 4 
2 3N8B MSE B 20 ? UNP O51076 PHE 27 'engineered mutation' 27 5 
2 3N8B MSE B 57 ? UNP O51076 ILE 64 'engineered mutation' 64 6 
# 
_pdbx_struct_assembly.id                   1 
_pdbx_struct_assembly.details              author_and_software_defined_assembly 
_pdbx_struct_assembly.method_details       PISA 
_pdbx_struct_assembly.oligomeric_details   dimeric 
_pdbx_struct_assembly.oligomeric_count     2 
# 
loop_
_pdbx_struct_assembly_prop.biol_id 
_pdbx_struct_assembly_prop.type 
_pdbx_struct_assembly_prop.value 
_pdbx_struct_assembly_prop.details 
1 'ABSA (A^2)' 4330 ? 
1 MORE         -27  ? 
1 'SSA (A^2)'  9080 ? 
# 
_pdbx_struct_assembly_gen.assembly_id       1 
_pdbx_struct_assembly_gen.oper_expression   1 
_pdbx_struct_assembly_gen.asym_id_list      A,B,C,D,E,F,G,H,I,J 
# 
_pdbx_struct_oper_list.id                   1 
_pdbx_struct_oper_list.type                 'identity operation' 
_pdbx_struct_oper_list.name                 1_555 
_pdbx_struct_oper_list.symmetry_operation   x,y,z 
_pdbx_struct_oper_list.matrix[1][1]         1.0000000000 
_pdbx_struct_oper_list.matrix[1][2]         0.0000000000 
_pdbx_struct_oper_list.matrix[1][3]         0.0000000000 
_pdbx_struct_oper_list.vector[1]            0.0000000000 
_pdbx_struct_oper_list.matrix[2][1]         0.0000000000 
_pdbx_struct_oper_list.matrix[2][2]         1.0000000000 
_pdbx_struct_oper_list.matrix[2][3]         0.0000000000 
_pdbx_struct_oper_list.vector[2]            0.0000000000 
_pdbx_struct_oper_list.matrix[3][1]         0.0000000000 
_pdbx_struct_oper_list.matrix[3][2]         0.0000000000 
_pdbx_struct_oper_list.matrix[3][3]         1.0000000000 
_pdbx_struct_oper_list.vector[3]            0.0000000000 
# 
_struct_biol.id        1 
_struct_biol.details   ? 
# 
loop_
_struct_conf.conf_type_id 
_struct_conf.id 
_struct_conf.pdbx_PDB_helix_id 
_struct_conf.beg_label_comp_id 
_struct_conf.beg_label_asym_id 
_struct_conf.beg_label_seq_id 
_struct_conf.pdbx_beg_PDB_ins_code 
_struct_conf.end_label_comp_id 
_struct_conf.end_label_asym_id 
_struct_conf.end_label_seq_id 
_struct_conf.pdbx_end_PDB_ins_code 
_struct_conf.beg_auth_comp_id 
_struct_conf.beg_auth_asym_id 
_struct_conf.beg_auth_seq_id 
_struct_conf.end_auth_comp_id 
_struct_conf.end_auth_asym_id 
_struct_conf.end_auth_seq_id 
_struct_conf.pdbx_PDB_helix_class 
_struct_conf.details 
_struct_conf.pdbx_PDB_helix_length 
HELX_P HELX_P1 1 ASN A 56 ? LYS A 74 ? ASN A 63 LYS A 81 1 ? 19 
HELX_P HELX_P2 2 ASN B 56 ? THR B 77 ? ASN B 63 THR B 84 1 ? 22 
# 
_struct_conf_type.id          HELX_P 
_struct_conf_type.criteria    ? 
_struct_conf_type.reference   ? 
# 
loop_
_struct_conn.id 
_struct_conn.conn_type_id 
_struct_conn.pdbx_leaving_atom_flag 
_struct_conn.pdbx_PDB_id 
_struct_conn.ptnr1_label_asym_id 
_struct_conn.ptnr1_label_comp_id 
_struct_conn.ptnr1_label_seq_id 
_struct_conn.ptnr1_label_atom_id 
_struct_conn.pdbx_ptnr1_label_alt_id 
_struct_conn.pdbx_ptnr1_PDB_ins_code 
_struct_conn.pdbx_ptnr1_standard_comp_id 
_struct_conn.ptnr1_symmetry 
_struct_conn.ptnr2_label_asym_id 
_struct_conn.ptnr2_label_comp_id 
_struct_conn.ptnr2_label_seq_id 
_struct_conn.ptnr2_label_atom_id 
_struct_conn.pdbx_ptnr2_label_alt_id 
_struct_conn.pdbx_ptnr2_PDB_ins_code 
_struct_conn.ptnr1_auth_asym_id 
_struct_conn.ptnr1_auth_comp_id 
_struct_conn.ptnr1_auth_seq_id 
_struct_conn.ptnr2_auth_asym_id 
_struct_conn.ptnr2_auth_comp_id 
_struct_conn.ptnr2_auth_seq_id 
_struct_conn.ptnr2_symmetry 
_struct_conn.pdbx_ptnr3_label_atom_id 
_struct_conn.pdbx_ptnr3_label_seq_id 
_struct_conn.pdbx_ptnr3_label_comp_id 
_struct_conn.pdbx_ptnr3_label_asym_id 
_struct_conn.pdbx_ptnr3_label_alt_id 
_struct_conn.pdbx_ptnr3_PDB_ins_code 
_struct_conn.details 
_struct_conn.pdbx_dist_value 
_struct_conn.pdbx_value_order 
_struct_conn.pdbx_role 
covale1  covale both ? A LYS 9  C  ? ? ? 1_555 A MSE 10 N  ? ? A LYS 16  A MSE 17  1_555 ? ? ? ? ? ? ? 1.323 ? ? 
covale2  covale both ? A MSE 10 C  ? ? ? 1_555 A PHE 11 N  ? ? A MSE 17  A PHE 18  1_555 ? ? ? ? ? ? ? 1.337 ? ? 
covale3  covale both ? A PHE 19 C  ? ? ? 1_555 A MSE 20 N  ? ? A PHE 26  A MSE 27  1_555 ? ? ? ? ? ? ? 1.326 ? ? 
covale4  covale both ? A MSE 20 C  ? ? ? 1_555 A ASN 21 N  ? ? A MSE 27  A ASN 28  1_555 ? ? ? ? ? ? ? 1.327 ? ? 
covale5  covale both ? A ASN 56 C  ? ? ? 1_555 A MSE 57 N  ? ? A ASN 63  A MSE 64  1_555 ? ? ? ? ? ? ? 1.334 ? ? 
covale6  covale both ? A MSE 57 C  ? ? ? 1_555 A ASN 58 N  ? ? A MSE 64  A ASN 65  1_555 ? ? ? ? ? ? ? 1.331 ? ? 
covale7  covale both ? B LYS 9  C  ? ? ? 1_555 B MSE 10 N  ? ? B LYS 16  B MSE 17  1_555 ? ? ? ? ? ? ? 1.323 ? ? 
covale8  covale both ? B MSE 10 C  ? ? ? 1_555 B PHE 11 N  ? ? B MSE 17  B PHE 18  1_555 ? ? ? ? ? ? ? 1.330 ? ? 
covale9  covale both ? B PHE 19 C  ? ? ? 1_555 B MSE 20 N  ? ? B PHE 26  B MSE 27  1_555 ? ? ? ? ? ? ? 1.327 ? ? 
covale10 covale both ? B MSE 20 C  ? ? ? 1_555 B ASN 21 N  ? ? B MSE 27  B ASN 28  1_555 ? ? ? ? ? ? ? 1.331 ? ? 
covale11 covale both ? B ASN 56 C  ? ? ? 1_555 B MSE 57 N  ? ? B ASN 63  B MSE 64  1_555 ? ? ? ? ? ? ? 1.338 ? ? 
covale12 covale both ? B MSE 57 C  ? ? ? 1_555 B ASN 58 N  ? ? B MSE 64  B ASN 65  1_555 ? ? ? ? ? ? ? 1.336 ? ? 
metalc1  metalc ?    ? I HOH .  O  ? ? ? 1_555 F MG  .  MG ? ? A HOH 2   A MG  108 1_555 ? ? ? ? ? ? ? 2.637 ? ? 
metalc2  metalc ?    ? A THR 12 O  ? ? ? 1_555 F MG  .  MG ? ? A THR 19  A MG  108 1_555 ? ? ? ? ? ? ? 2.308 ? ? 
metalc3  metalc ?    ? A SER 14 O  ? ? ? 1_555 F MG  .  MG ? ? A SER 21  A MG  108 1_555 ? ? ? ? ? ? ? 2.381 ? ? 
metalc4  metalc ?    ? B THR 12 O  ? ? ? 1_555 H MG  .  MG ? ? B THR 19  B MG  106 1_555 ? ? ? ? ? ? ? 2.479 ? ? 
metalc5  metalc ?    ? B SER 14 O  ? ? ? 1_555 H MG  .  MG ? ? B SER 21  B MG  106 1_555 ? ? ? ? ? ? ? 2.363 ? ? 
metalc6  metalc ?    ? H MG  .  MG ? ? ? 1_555 J HOH .  O  ? ? B MG  106 B HOH 112 1_555 ? ? ? ? ? ? ? 2.610 ? ? 
# 
loop_
_struct_conn_type.id 
_struct_conn_type.criteria 
_struct_conn_type.reference 
covale ? ? 
metalc ? ? 
# 
loop_
_pdbx_struct_conn_angle.id 
_pdbx_struct_conn_angle.ptnr1_label_atom_id 
_pdbx_struct_conn_angle.ptnr1_label_alt_id 
_pdbx_struct_conn_angle.ptnr1_label_asym_id 
_pdbx_struct_conn_angle.ptnr1_label_comp_id 
_pdbx_struct_conn_angle.ptnr1_label_seq_id 
_pdbx_struct_conn_angle.ptnr1_auth_atom_id 
_pdbx_struct_conn_angle.ptnr1_auth_asym_id 
_pdbx_struct_conn_angle.ptnr1_auth_comp_id 
_pdbx_struct_conn_angle.ptnr1_auth_seq_id 
_pdbx_struct_conn_angle.ptnr1_PDB_ins_code 
_pdbx_struct_conn_angle.ptnr1_symmetry 
_pdbx_struct_conn_angle.ptnr2_label_atom_id 
_pdbx_struct_conn_angle.ptnr2_label_alt_id 
_pdbx_struct_conn_angle.ptnr2_label_asym_id 
_pdbx_struct_conn_angle.ptnr2_label_comp_id 
_pdbx_struct_conn_angle.ptnr2_label_seq_id 
_pdbx_struct_conn_angle.ptnr2_auth_atom_id 
_pdbx_struct_conn_angle.ptnr2_auth_asym_id 
_pdbx_struct_conn_angle.ptnr2_auth_comp_id 
_pdbx_struct_conn_angle.ptnr2_auth_seq_id 
_pdbx_struct_conn_angle.ptnr2_PDB_ins_code 
_pdbx_struct_conn_angle.ptnr2_symmetry 
_pdbx_struct_conn_angle.ptnr3_label_atom_id 
_pdbx_struct_conn_angle.ptnr3_label_alt_id 
_pdbx_struct_conn_angle.ptnr3_label_asym_id 
_pdbx_struct_conn_angle.ptnr3_label_comp_id 
_pdbx_struct_conn_angle.ptnr3_label_seq_id 
_pdbx_struct_conn_angle.ptnr3_auth_atom_id 
_pdbx_struct_conn_angle.ptnr3_auth_asym_id 
_pdbx_struct_conn_angle.ptnr3_auth_comp_id 
_pdbx_struct_conn_angle.ptnr3_auth_seq_id 
_pdbx_struct_conn_angle.ptnr3_PDB_ins_code 
_pdbx_struct_conn_angle.ptnr3_symmetry 
_pdbx_struct_conn_angle.value 
_pdbx_struct_conn_angle.value_esd 
1 O ? I HOH .  ? A HOH 2  ? 1_555 MG ? F MG . ? A MG 108 ? 1_555 O ? A THR 12 ? A THR 19  ? 1_555 77.8 ? 
2 O ? I HOH .  ? A HOH 2  ? 1_555 MG ? F MG . ? A MG 108 ? 1_555 O ? A SER 14 ? A SER 21  ? 1_555 82.5 ? 
3 O ? A THR 12 ? A THR 19 ? 1_555 MG ? F MG . ? A MG 108 ? 1_555 O ? A SER 14 ? A SER 21  ? 1_555 93.6 ? 
4 O ? B THR 12 ? B THR 19 ? 1_555 MG ? H MG . ? B MG 106 ? 1_555 O ? B SER 14 ? B SER 21  ? 1_555 87.3 ? 
5 O ? B THR 12 ? B THR 19 ? 1_555 MG ? H MG . ? B MG 106 ? 1_555 O ? J HOH .  ? B HOH 112 ? 1_555 86.7 ? 
6 O ? B SER 14 ? B SER 21 ? 1_555 MG ? H MG . ? B MG 106 ? 1_555 O ? J HOH .  ? B HOH 112 ? 1_555 84.0 ? 
# 
loop_
_pdbx_modification_feature.ordinal 
_pdbx_modification_feature.label_comp_id 
_pdbx_modification_feature.label_asym_id 
_pdbx_modification_feature.label_seq_id 
_pdbx_modification_feature.label_alt_id 
_pdbx_modification_feature.modified_residue_label_comp_id 
_pdbx_modification_feature.modified_residue_label_asym_id 
_pdbx_modification_feature.modified_residue_label_seq_id 
_pdbx_modification_feature.modified_residue_label_alt_id 
_pdbx_modification_feature.auth_comp_id 
_pdbx_modification_feature.auth_asym_id 
_pdbx_modification_feature.auth_seq_id 
_pdbx_modification_feature.PDB_ins_code 
_pdbx_modification_feature.symmetry 
_pdbx_modification_feature.modified_residue_auth_comp_id 
_pdbx_modification_feature.modified_residue_auth_asym_id 
_pdbx_modification_feature.modified_residue_auth_seq_id 
_pdbx_modification_feature.modified_residue_PDB_ins_code 
_pdbx_modification_feature.modified_residue_symmetry 
_pdbx_modification_feature.comp_id_linking_atom 
_pdbx_modification_feature.modified_residue_id_linking_atom 
_pdbx_modification_feature.modified_residue_id 
_pdbx_modification_feature.ref_pcm_id 
_pdbx_modification_feature.ref_comp_id 
_pdbx_modification_feature.type 
_pdbx_modification_feature.category 
1 MSE A 10 ? . . . . MSE A 17 ? 1_555 . . . . . . . MET 1 MSE Selenomethionine 'Named protein modification' 
2 MSE A 20 ? . . . . MSE A 27 ? 1_555 . . . . . . . MET 1 MSE Selenomethionine 'Named protein modification' 
3 MSE A 57 ? . . . . MSE A 64 ? 1_555 . . . . . . . MET 1 MSE Selenomethionine 'Named protein modification' 
4 MSE B 10 ? . . . . MSE B 17 ? 1_555 . . . . . . . MET 1 MSE Selenomethionine 'Named protein modification' 
5 MSE B 20 ? . . . . MSE B 27 ? 1_555 . . . . . . . MET 1 MSE Selenomethionine 'Named protein modification' 
6 MSE B 57 ? . . . . MSE B 64 ? 1_555 . . . . . . . MET 1 MSE Selenomethionine 'Named protein modification' 
# 
loop_
_struct_sheet.id 
_struct_sheet.type 
_struct_sheet.number_strands 
_struct_sheet.details 
A ? 4 ? 
B ? 4 ? 
# 
loop_
_struct_sheet_order.sheet_id 
_struct_sheet_order.range_id_1 
_struct_sheet_order.range_id_2 
_struct_sheet_order.offset 
_struct_sheet_order.sense 
A 1 2 ? anti-parallel 
A 2 3 ? anti-parallel 
A 3 4 ? anti-parallel 
B 1 2 ? anti-parallel 
B 2 3 ? anti-parallel 
B 3 4 ? anti-parallel 
# 
loop_
_struct_sheet_range.sheet_id 
_struct_sheet_range.id 
_struct_sheet_range.beg_label_comp_id 
_struct_sheet_range.beg_label_asym_id 
_struct_sheet_range.beg_label_seq_id 
_struct_sheet_range.pdbx_beg_PDB_ins_code 
_struct_sheet_range.end_label_comp_id 
_struct_sheet_range.end_label_asym_id 
_struct_sheet_range.end_label_seq_id 
_struct_sheet_range.pdbx_end_PDB_ins_code 
_struct_sheet_range.beg_auth_comp_id 
_struct_sheet_range.beg_auth_asym_id 
_struct_sheet_range.beg_auth_seq_id 
_struct_sheet_range.end_auth_comp_id 
_struct_sheet_range.end_auth_asym_id 
_struct_sheet_range.end_auth_seq_id 
A 1 GLU A 4  ? MSE A 10 ? GLU A 11 MSE A 17 
A 2 ARG A 16 ? GLU A 24 ? ARG A 23 GLU A 31 
A 3 TYR A 30 ? ARG A 39 ? TYR A 37 ARG A 46 
A 4 PHE A 45 ? TYR A 53 ? PHE A 52 TYR A 60 
B 1 TYR B 6  ? MSE B 10 ? TYR B 13 MSE B 17 
B 2 ARG B 16 ? GLU B 24 ? ARG B 23 GLU B 31 
B 3 TYR B 30 ? ARG B 39 ? TYR B 37 ARG B 46 
B 4 PHE B 45 ? TYR B 53 ? PHE B 52 TYR B 60 
# 
loop_
_pdbx_struct_sheet_hbond.sheet_id 
_pdbx_struct_sheet_hbond.range_id_1 
_pdbx_struct_sheet_hbond.range_id_2 
_pdbx_struct_sheet_hbond.range_1_label_atom_id 
_pdbx_struct_sheet_hbond.range_1_label_comp_id 
_pdbx_struct_sheet_hbond.range_1_label_asym_id 
_pdbx_struct_sheet_hbond.range_1_label_seq_id 
_pdbx_struct_sheet_hbond.range_1_PDB_ins_code 
_pdbx_struct_sheet_hbond.range_1_auth_atom_id 
_pdbx_struct_sheet_hbond.range_1_auth_comp_id 
_pdbx_struct_sheet_hbond.range_1_auth_asym_id 
_pdbx_struct_sheet_hbond.range_1_auth_seq_id 
_pdbx_struct_sheet_hbond.range_2_label_atom_id 
_pdbx_struct_sheet_hbond.range_2_label_comp_id 
_pdbx_struct_sheet_hbond.range_2_label_asym_id 
_pdbx_struct_sheet_hbond.range_2_label_seq_id 
_pdbx_struct_sheet_hbond.range_2_PDB_ins_code 
_pdbx_struct_sheet_hbond.range_2_auth_atom_id 
_pdbx_struct_sheet_hbond.range_2_auth_comp_id 
_pdbx_struct_sheet_hbond.range_2_auth_asym_id 
_pdbx_struct_sheet_hbond.range_2_auth_seq_id 
A 1 2 N MSE A 10 ? N MSE A 17 O TYR A 18 ? O TYR A 25 
A 2 3 N ASN A 21 ? N ASN A 28 O ASN A 33 ? O ASN A 40 
A 3 4 N LYS A 38 ? N LYS A 45 O GLU A 46 ? O GLU A 53 
B 1 2 N MSE B 10 ? N MSE B 17 O TYR B 18 ? O TYR B 25 
B 2 3 N THR B 17 ? N THR B 24 O SER B 37 ? O SER B 44 
B 3 4 N GLU B 36 ? N GLU B 43 O HIS B 48 ? O HIS B 55 
# 
loop_
_struct_site.id 
_struct_site.pdbx_evidence_code 
_struct_site.pdbx_auth_asym_id 
_struct_site.pdbx_auth_comp_id 
_struct_site.pdbx_auth_seq_id 
_struct_site.pdbx_auth_ins_code 
_struct_site.pdbx_num_residues 
_struct_site.details 
AC1 Software A EDO 1   ? 5 'BINDING SITE FOR RESIDUE EDO A 1'   
AC2 Software A EDO 106 ? 9 'BINDING SITE FOR RESIDUE EDO A 106' 
AC3 Software A EDO 107 ? 4 'BINDING SITE FOR RESIDUE EDO A 107' 
AC4 Software A MG  108 ? 6 'BINDING SITE FOR RESIDUE MG A 108'  
AC5 Software B EDO 1   ? 7 'BINDING SITE FOR RESIDUE EDO B 1'   
AC6 Software B MG  106 ? 6 'BINDING SITE FOR RESIDUE MG B 106'  
# 
loop_
_struct_site_gen.id 
_struct_site_gen.site_id 
_struct_site_gen.pdbx_num_res 
_struct_site_gen.label_comp_id 
_struct_site_gen.label_asym_id 
_struct_site_gen.label_seq_id 
_struct_site_gen.pdbx_auth_ins_code 
_struct_site_gen.auth_comp_id 
_struct_site_gen.auth_asym_id 
_struct_site_gen.auth_seq_id 
_struct_site_gen.label_atom_id 
_struct_site_gen.label_alt_id 
_struct_site_gen.symmetry 
_struct_site_gen.details 
1  AC1 5 ARG A 26 ? ARG A 33  . ? 1_555 ? 
2  AC1 5 EDO G .  ? EDO B 1   . ? 4_455 ? 
3  AC1 5 SER B 14 ? SER B 21  . ? 6_555 ? 
4  AC1 5 GLU B 15 ? GLU B 22  . ? 6_555 ? 
5  AC1 5 ARG B 16 ? ARG B 23  . ? 6_555 ? 
6  AC2 9 GLU A 54 ? GLU A 61  . ? 1_555 ? 
7  AC2 9 GLU A 55 ? GLU A 62  . ? 1_555 ? 
8  AC2 9 ASN A 56 ? ASN A 63  . ? 1_555 ? 
9  AC2 9 MSE A 57 ? MSE A 64  . ? 1_555 ? 
10 AC2 9 ASN A 58 ? ASN A 65  . ? 1_555 ? 
11 AC2 9 GLU A 59 ? GLU A 66  . ? 1_555 ? 
12 AC2 9 HOH I .  ? HOH A 114 . ? 1_555 ? 
13 AC2 9 HOH I .  ? HOH A 141 . ? 1_555 ? 
14 AC2 9 HOH I .  ? HOH A 180 . ? 1_555 ? 
15 AC3 4 TYR A 6  ? TYR A 13  . ? 1_555 ? 
16 AC3 4 SER A 7  ? SER A 14  . ? 1_555 ? 
17 AC3 4 GLU A 8  ? GLU A 15  . ? 1_555 ? 
18 AC3 4 HOH I .  ? HOH A 183 . ? 1_555 ? 
19 AC4 6 HOH I .  ? HOH A 2   . ? 1_555 ? 
20 AC4 6 HOH I .  ? HOH A 2   . ? 8_555 ? 
21 AC4 6 THR A 12 ? THR A 19  . ? 8_555 ? 
22 AC4 6 THR A 12 ? THR A 19  . ? 1_555 ? 
23 AC4 6 SER A 14 ? SER A 21  . ? 8_555 ? 
24 AC4 6 SER A 14 ? SER A 21  . ? 1_555 ? 
25 AC5 7 EDO C .  ? EDO A 1   . ? 4_555 ? 
26 AC5 7 ARG A 26 ? ARG A 33  . ? 4_555 ? 
27 AC5 7 LYS A 27 ? LYS A 34  . ? 4_555 ? 
28 AC5 7 HOH I .  ? HOH A 112 . ? 4_555 ? 
29 AC5 7 HOH I .  ? HOH A 166 . ? 4_555 ? 
30 AC5 7 ARG B 39 ? ARG B 46  . ? 1_555 ? 
31 AC5 7 PRO B 41 ? PRO B 48  . ? 1_555 ? 
32 AC6 6 THR B 12 ? THR B 19  . ? 1_555 ? 
33 AC6 6 THR B 12 ? THR B 19  . ? 7_555 ? 
34 AC6 6 SER B 14 ? SER B 21  . ? 7_555 ? 
35 AC6 6 SER B 14 ? SER B 21  . ? 1_555 ? 
36 AC6 6 HOH J .  ? HOH B 112 . ? 1_555 ? 
37 AC6 6 HOH J .  ? HOH B 112 . ? 7_555 ? 
# 
_pdbx_entry_details.entry_id                   3N8B 
_pdbx_entry_details.compound_details           ? 
_pdbx_entry_details.source_details             ? 
_pdbx_entry_details.nonpolymer_details         ? 
_pdbx_entry_details.sequence_details           ? 
_pdbx_entry_details.has_ligand_of_interest     ? 
_pdbx_entry_details.has_protein_modification   Y 
# 
loop_
_pdbx_validate_rmsd_angle.id 
_pdbx_validate_rmsd_angle.PDB_model_num 
_pdbx_validate_rmsd_angle.auth_atom_id_1 
_pdbx_validate_rmsd_angle.auth_asym_id_1 
_pdbx_validate_rmsd_angle.auth_comp_id_1 
_pdbx_validate_rmsd_angle.auth_seq_id_1 
_pdbx_validate_rmsd_angle.PDB_ins_code_1 
_pdbx_validate_rmsd_angle.label_alt_id_1 
_pdbx_validate_rmsd_angle.auth_atom_id_2 
_pdbx_validate_rmsd_angle.auth_asym_id_2 
_pdbx_validate_rmsd_angle.auth_comp_id_2 
_pdbx_validate_rmsd_angle.auth_seq_id_2 
_pdbx_validate_rmsd_angle.PDB_ins_code_2 
_pdbx_validate_rmsd_angle.label_alt_id_2 
_pdbx_validate_rmsd_angle.auth_atom_id_3 
_pdbx_validate_rmsd_angle.auth_asym_id_3 
_pdbx_validate_rmsd_angle.auth_comp_id_3 
_pdbx_validate_rmsd_angle.auth_seq_id_3 
_pdbx_validate_rmsd_angle.PDB_ins_code_3 
_pdbx_validate_rmsd_angle.label_alt_id_3 
_pdbx_validate_rmsd_angle.angle_value 
_pdbx_validate_rmsd_angle.angle_target_value 
_pdbx_validate_rmsd_angle.angle_deviation 
_pdbx_validate_rmsd_angle.angle_standard_deviation 
_pdbx_validate_rmsd_angle.linker_flag 
1 1 N A SER 49 ? ? CA A SER 49 ? ? CB A SER 49 ? ? 86.69  110.50 -23.81 1.50 N 
2 1 N A SER 49 ? ? CA A SER 49 ? ? C  A SER 49 ? ? 133.00 111.00 22.00  2.70 N 
# 
loop_
_pdbx_struct_mod_residue.id 
_pdbx_struct_mod_residue.label_asym_id 
_pdbx_struct_mod_residue.label_comp_id 
_pdbx_struct_mod_residue.label_seq_id 
_pdbx_struct_mod_residue.auth_asym_id 
_pdbx_struct_mod_residue.auth_comp_id 
_pdbx_struct_mod_residue.auth_seq_id 
_pdbx_struct_mod_residue.PDB_ins_code 
_pdbx_struct_mod_residue.parent_comp_id 
_pdbx_struct_mod_residue.details 
1 A MSE 10 A MSE 17 ? MET SELENOMETHIONINE 
2 A MSE 20 A MSE 27 ? MET SELENOMETHIONINE 
3 A MSE 57 A MSE 64 ? MET SELENOMETHIONINE 
4 B MSE 10 B MSE 17 ? MET SELENOMETHIONINE 
5 B MSE 20 B MSE 27 ? MET SELENOMETHIONINE 
6 B MSE 57 B MSE 64 ? MET SELENOMETHIONINE 
# 
loop_
_pdbx_struct_special_symmetry.id 
_pdbx_struct_special_symmetry.PDB_model_num 
_pdbx_struct_special_symmetry.auth_asym_id 
_pdbx_struct_special_symmetry.auth_comp_id 
_pdbx_struct_special_symmetry.auth_seq_id 
_pdbx_struct_special_symmetry.PDB_ins_code 
_pdbx_struct_special_symmetry.label_asym_id 
_pdbx_struct_special_symmetry.label_comp_id 
_pdbx_struct_special_symmetry.label_seq_id 
1 1 A MG 108 ? F MG . 
2 1 B MG 106 ? H MG . 
# 
loop_
_symmetry_equiv.id 
_symmetry_equiv.pos_as_xyz 
1 'X,  Y,  Z'             
2 '-X,  -Y+1/2,  Z'       
3 'X,  -Y,  -Z+1/2'       
4 '-X,  Y+1/2,  -Z+1/2'   
5 'X+1/2,  Y+1/2,  Z+1/2' 
6 '-X+1/2,  -Y,  Z+1/2'   
7 'X+1/2,  -Y+1/2,  -Z'   
8 '-X+1/2,  Y,  -Z'       
# 
_phasing.method   SAD 
# 
loop_
_pdbx_unobs_or_zero_occ_residues.id 
_pdbx_unobs_or_zero_occ_residues.PDB_model_num 
_pdbx_unobs_or_zero_occ_residues.polymer_flag 
_pdbx_unobs_or_zero_occ_residues.occupancy_flag 
_pdbx_unobs_or_zero_occ_residues.auth_asym_id 
_pdbx_unobs_or_zero_occ_residues.auth_comp_id 
_pdbx_unobs_or_zero_occ_residues.auth_seq_id 
_pdbx_unobs_or_zero_occ_residues.PDB_ins_code 
_pdbx_unobs_or_zero_occ_residues.label_asym_id 
_pdbx_unobs_or_zero_occ_residues.label_comp_id 
_pdbx_unobs_or_zero_occ_residues.label_seq_id 
1  1 Y 1 A SER 83  ? A SER 76 
2  1 Y 1 A THR 84  ? A THR 77 
3  1 Y 1 A GLY 85  ? A GLY 78 
4  1 Y 1 A SER 86  ? A SER 79 
5  1 Y 1 A VAL 87  ? A VAL 80 
6  1 Y 1 A GLY 88  ? A GLY 81 
7  1 Y 1 A SER 89  ? A SER 82 
8  1 Y 1 A SER 90  ? A SER 83 
9  1 Y 1 A ALA 91  ? A ALA 84 
10 1 Y 1 A ARG 92  ? A ARG 85 
11 1 Y 1 A HIS 93  ? A HIS 86 
12 1 Y 1 A ASN 94  ? A ASN 87 
13 1 Y 1 A LYS 95  ? A LYS 88 
14 1 Y 1 A GLY 96  ? A GLY 89 
15 1 Y 1 A TYR 97  ? A TYR 90 
16 1 Y 1 A GLY 98  ? A GLY 91 
17 1 Y 1 A GLU 99  ? A GLU 92 
18 1 Y 1 A TYR 100 ? A TYR 93 
19 1 Y 1 A GLY 101 ? A GLY 94 
20 1 Y 1 A GLU 102 ? A GLU 95 
21 1 Y 1 A ARG 103 ? A ARG 96 
22 1 Y 1 A SER 104 ? A SER 97 
23 1 Y 1 A LYS 105 ? A LYS 98 
24 1 Y 1 B GLU 8   ? B GLU 1  
25 1 Y 1 B ARG 9   ? B ARG 2  
26 1 Y 1 B GLY 10  ? B GLY 3  
27 1 Y 1 B GLY 85  ? B GLY 78 
28 1 Y 1 B SER 86  ? B SER 79 
29 1 Y 1 B VAL 87  ? B VAL 80 
30 1 Y 1 B GLY 88  ? B GLY 81 
31 1 Y 1 B SER 89  ? B SER 82 
32 1 Y 1 B SER 90  ? B SER 83 
33 1 Y 1 B ALA 91  ? B ALA 84 
34 1 Y 1 B ARG 92  ? B ARG 85 
35 1 Y 1 B HIS 93  ? B HIS 86 
36 1 Y 1 B ASN 94  ? B ASN 87 
37 1 Y 1 B LYS 95  ? B LYS 88 
38 1 Y 1 B GLY 96  ? B GLY 89 
39 1 Y 1 B TYR 97  ? B TYR 90 
40 1 Y 1 B GLY 98  ? B GLY 91 
41 1 Y 1 B GLU 99  ? B GLU 92 
42 1 Y 1 B TYR 100 ? B TYR 93 
43 1 Y 1 B GLY 101 ? B GLY 94 
44 1 Y 1 B GLU 102 ? B GLU 95 
45 1 Y 1 B ARG 103 ? B ARG 96 
46 1 Y 1 B SER 104 ? B SER 97 
47 1 Y 1 B LYS 105 ? B LYS 98 
# 
loop_
_chem_comp_atom.comp_id 
_chem_comp_atom.atom_id 
_chem_comp_atom.type_symbol 
_chem_comp_atom.pdbx_aromatic_flag 
_chem_comp_atom.pdbx_stereo_config 
_chem_comp_atom.pdbx_ordinal 
ALA N    N  N N 1   
ALA CA   C  N S 2   
ALA C    C  N N 3   
ALA O    O  N N 4   
ALA CB   C  N N 5   
ALA OXT  O  N N 6   
ALA H    H  N N 7   
ALA H2   H  N N 8   
ALA HA   H  N N 9   
ALA HB1  H  N N 10  
ALA HB2  H  N N 11  
ALA HB3  H  N N 12  
ALA HXT  H  N N 13  
ARG N    N  N N 14  
ARG CA   C  N S 15  
ARG C    C  N N 16  
ARG O    O  N N 17  
ARG CB   C  N N 18  
ARG CG   C  N N 19  
ARG CD   C  N N 20  
ARG NE   N  N N 21  
ARG CZ   C  N N 22  
ARG NH1  N  N N 23  
ARG NH2  N  N N 24  
ARG OXT  O  N N 25  
ARG H    H  N N 26  
ARG H2   H  N N 27  
ARG HA   H  N N 28  
ARG HB2  H  N N 29  
ARG HB3  H  N N 30  
ARG HG2  H  N N 31  
ARG HG3  H  N N 32  
ARG HD2  H  N N 33  
ARG HD3  H  N N 34  
ARG HE   H  N N 35  
ARG HH11 H  N N 36  
ARG HH12 H  N N 37  
ARG HH21 H  N N 38  
ARG HH22 H  N N 39  
ARG HXT  H  N N 40  
ASN N    N  N N 41  
ASN CA   C  N S 42  
ASN C    C  N N 43  
ASN O    O  N N 44  
ASN CB   C  N N 45  
ASN CG   C  N N 46  
ASN OD1  O  N N 47  
ASN ND2  N  N N 48  
ASN OXT  O  N N 49  
ASN H    H  N N 50  
ASN H2   H  N N 51  
ASN HA   H  N N 52  
ASN HB2  H  N N 53  
ASN HB3  H  N N 54  
ASN HD21 H  N N 55  
ASN HD22 H  N N 56  
ASN HXT  H  N N 57  
ASP N    N  N N 58  
ASP CA   C  N S 59  
ASP C    C  N N 60  
ASP O    O  N N 61  
ASP CB   C  N N 62  
ASP CG   C  N N 63  
ASP OD1  O  N N 64  
ASP OD2  O  N N 65  
ASP OXT  O  N N 66  
ASP H    H  N N 67  
ASP H2   H  N N 68  
ASP HA   H  N N 69  
ASP HB2  H  N N 70  
ASP HB3  H  N N 71  
ASP HD2  H  N N 72  
ASP HXT  H  N N 73  
EDO C1   C  N N 74  
EDO O1   O  N N 75  
EDO C2   C  N N 76  
EDO O2   O  N N 77  
EDO H11  H  N N 78  
EDO H12  H  N N 79  
EDO HO1  H  N N 80  
EDO H21  H  N N 81  
EDO H22  H  N N 82  
EDO HO2  H  N N 83  
GLN N    N  N N 84  
GLN CA   C  N S 85  
GLN C    C  N N 86  
GLN O    O  N N 87  
GLN CB   C  N N 88  
GLN CG   C  N N 89  
GLN CD   C  N N 90  
GLN OE1  O  N N 91  
GLN NE2  N  N N 92  
GLN OXT  O  N N 93  
GLN H    H  N N 94  
GLN H2   H  N N 95  
GLN HA   H  N N 96  
GLN HB2  H  N N 97  
GLN HB3  H  N N 98  
GLN HG2  H  N N 99  
GLN HG3  H  N N 100 
GLN HE21 H  N N 101 
GLN HE22 H  N N 102 
GLN HXT  H  N N 103 
GLU N    N  N N 104 
GLU CA   C  N S 105 
GLU C    C  N N 106 
GLU O    O  N N 107 
GLU CB   C  N N 108 
GLU CG   C  N N 109 
GLU CD   C  N N 110 
GLU OE1  O  N N 111 
GLU OE2  O  N N 112 
GLU OXT  O  N N 113 
GLU H    H  N N 114 
GLU H2   H  N N 115 
GLU HA   H  N N 116 
GLU HB2  H  N N 117 
GLU HB3  H  N N 118 
GLU HG2  H  N N 119 
GLU HG3  H  N N 120 
GLU HE2  H  N N 121 
GLU HXT  H  N N 122 
GLY N    N  N N 123 
GLY CA   C  N N 124 
GLY C    C  N N 125 
GLY O    O  N N 126 
GLY OXT  O  N N 127 
GLY H    H  N N 128 
GLY H2   H  N N 129 
GLY HA2  H  N N 130 
GLY HA3  H  N N 131 
GLY HXT  H  N N 132 
HIS N    N  N N 133 
HIS CA   C  N S 134 
HIS C    C  N N 135 
HIS O    O  N N 136 
HIS CB   C  N N 137 
HIS CG   C  Y N 138 
HIS ND1  N  Y N 139 
HIS CD2  C  Y N 140 
HIS CE1  C  Y N 141 
HIS NE2  N  Y N 142 
HIS OXT  O  N N 143 
HIS H    H  N N 144 
HIS H2   H  N N 145 
HIS HA   H  N N 146 
HIS HB2  H  N N 147 
HIS HB3  H  N N 148 
HIS HD1  H  N N 149 
HIS HD2  H  N N 150 
HIS HE1  H  N N 151 
HIS HE2  H  N N 152 
HIS HXT  H  N N 153 
HOH O    O  N N 154 
HOH H1   H  N N 155 
HOH H2   H  N N 156 
ILE N    N  N N 157 
ILE CA   C  N S 158 
ILE C    C  N N 159 
ILE O    O  N N 160 
ILE CB   C  N S 161 
ILE CG1  C  N N 162 
ILE CG2  C  N N 163 
ILE CD1  C  N N 164 
ILE OXT  O  N N 165 
ILE H    H  N N 166 
ILE H2   H  N N 167 
ILE HA   H  N N 168 
ILE HB   H  N N 169 
ILE HG12 H  N N 170 
ILE HG13 H  N N 171 
ILE HG21 H  N N 172 
ILE HG22 H  N N 173 
ILE HG23 H  N N 174 
ILE HD11 H  N N 175 
ILE HD12 H  N N 176 
ILE HD13 H  N N 177 
ILE HXT  H  N N 178 
LEU N    N  N N 179 
LEU CA   C  N S 180 
LEU C    C  N N 181 
LEU O    O  N N 182 
LEU CB   C  N N 183 
LEU CG   C  N N 184 
LEU CD1  C  N N 185 
LEU CD2  C  N N 186 
LEU OXT  O  N N 187 
LEU H    H  N N 188 
LEU H2   H  N N 189 
LEU HA   H  N N 190 
LEU HB2  H  N N 191 
LEU HB3  H  N N 192 
LEU HG   H  N N 193 
LEU HD11 H  N N 194 
LEU HD12 H  N N 195 
LEU HD13 H  N N 196 
LEU HD21 H  N N 197 
LEU HD22 H  N N 198 
LEU HD23 H  N N 199 
LEU HXT  H  N N 200 
LYS N    N  N N 201 
LYS CA   C  N S 202 
LYS C    C  N N 203 
LYS O    O  N N 204 
LYS CB   C  N N 205 
LYS CG   C  N N 206 
LYS CD   C  N N 207 
LYS CE   C  N N 208 
LYS NZ   N  N N 209 
LYS OXT  O  N N 210 
LYS H    H  N N 211 
LYS H2   H  N N 212 
LYS HA   H  N N 213 
LYS HB2  H  N N 214 
LYS HB3  H  N N 215 
LYS HG2  H  N N 216 
LYS HG3  H  N N 217 
LYS HD2  H  N N 218 
LYS HD3  H  N N 219 
LYS HE2  H  N N 220 
LYS HE3  H  N N 221 
LYS HZ1  H  N N 222 
LYS HZ2  H  N N 223 
LYS HZ3  H  N N 224 
LYS HXT  H  N N 225 
MG  MG   MG N N 226 
MSE N    N  N N 227 
MSE CA   C  N S 228 
MSE C    C  N N 229 
MSE O    O  N N 230 
MSE OXT  O  N N 231 
MSE CB   C  N N 232 
MSE CG   C  N N 233 
MSE SE   SE N N 234 
MSE CE   C  N N 235 
MSE H    H  N N 236 
MSE H2   H  N N 237 
MSE HA   H  N N 238 
MSE HXT  H  N N 239 
MSE HB2  H  N N 240 
MSE HB3  H  N N 241 
MSE HG2  H  N N 242 
MSE HG3  H  N N 243 
MSE HE1  H  N N 244 
MSE HE2  H  N N 245 
MSE HE3  H  N N 246 
PHE N    N  N N 247 
PHE CA   C  N S 248 
PHE C    C  N N 249 
PHE O    O  N N 250 
PHE CB   C  N N 251 
PHE CG   C  Y N 252 
PHE CD1  C  Y N 253 
PHE CD2  C  Y N 254 
PHE CE1  C  Y N 255 
PHE CE2  C  Y N 256 
PHE CZ   C  Y N 257 
PHE OXT  O  N N 258 
PHE H    H  N N 259 
PHE H2   H  N N 260 
PHE HA   H  N N 261 
PHE HB2  H  N N 262 
PHE HB3  H  N N 263 
PHE HD1  H  N N 264 
PHE HD2  H  N N 265 
PHE HE1  H  N N 266 
PHE HE2  H  N N 267 
PHE HZ   H  N N 268 
PHE HXT  H  N N 269 
PRO N    N  N N 270 
PRO CA   C  N S 271 
PRO C    C  N N 272 
PRO O    O  N N 273 
PRO CB   C  N N 274 
PRO CG   C  N N 275 
PRO CD   C  N N 276 
PRO OXT  O  N N 277 
PRO H    H  N N 278 
PRO HA   H  N N 279 
PRO HB2  H  N N 280 
PRO HB3  H  N N 281 
PRO HG2  H  N N 282 
PRO HG3  H  N N 283 
PRO HD2  H  N N 284 
PRO HD3  H  N N 285 
PRO HXT  H  N N 286 
SER N    N  N N 287 
SER CA   C  N S 288 
SER C    C  N N 289 
SER O    O  N N 290 
SER CB   C  N N 291 
SER OG   O  N N 292 
SER OXT  O  N N 293 
SER H    H  N N 294 
SER H2   H  N N 295 
SER HA   H  N N 296 
SER HB2  H  N N 297 
SER HB3  H  N N 298 
SER HG   H  N N 299 
SER HXT  H  N N 300 
THR N    N  N N 301 
THR CA   C  N S 302 
THR C    C  N N 303 
THR O    O  N N 304 
THR CB   C  N R 305 
THR OG1  O  N N 306 
THR CG2  C  N N 307 
THR OXT  O  N N 308 
THR H    H  N N 309 
THR H2   H  N N 310 
THR HA   H  N N 311 
THR HB   H  N N 312 
THR HG1  H  N N 313 
THR HG21 H  N N 314 
THR HG22 H  N N 315 
THR HG23 H  N N 316 
THR HXT  H  N N 317 
TYR N    N  N N 318 
TYR CA   C  N S 319 
TYR C    C  N N 320 
TYR O    O  N N 321 
TYR CB   C  N N 322 
TYR CG   C  Y N 323 
TYR CD1  C  Y N 324 
TYR CD2  C  Y N 325 
TYR CE1  C  Y N 326 
TYR CE2  C  Y N 327 
TYR CZ   C  Y N 328 
TYR OH   O  N N 329 
TYR OXT  O  N N 330 
TYR H    H  N N 331 
TYR H2   H  N N 332 
TYR HA   H  N N 333 
TYR HB2  H  N N 334 
TYR HB3  H  N N 335 
TYR HD1  H  N N 336 
TYR HD2  H  N N 337 
TYR HE1  H  N N 338 
TYR HE2  H  N N 339 
TYR HH   H  N N 340 
TYR HXT  H  N N 341 
VAL N    N  N N 342 
VAL CA   C  N S 343 
VAL C    C  N N 344 
VAL O    O  N N 345 
VAL CB   C  N N 346 
VAL CG1  C  N N 347 
VAL CG2  C  N N 348 
VAL OXT  O  N N 349 
VAL H    H  N N 350 
VAL H2   H  N N 351 
VAL HA   H  N N 352 
VAL HB   H  N N 353 
VAL HG11 H  N N 354 
VAL HG12 H  N N 355 
VAL HG13 H  N N 356 
VAL HG21 H  N N 357 
VAL HG22 H  N N 358 
VAL HG23 H  N N 359 
VAL HXT  H  N N 360 
# 
loop_
_chem_comp_bond.comp_id 
_chem_comp_bond.atom_id_1 
_chem_comp_bond.atom_id_2 
_chem_comp_bond.value_order 
_chem_comp_bond.pdbx_aromatic_flag 
_chem_comp_bond.pdbx_stereo_config 
_chem_comp_bond.pdbx_ordinal 
ALA N   CA   sing N N 1   
ALA N   H    sing N N 2   
ALA N   H2   sing N N 3   
ALA CA  C    sing N N 4   
ALA CA  CB   sing N N 5   
ALA CA  HA   sing N N 6   
ALA C   O    doub N N 7   
ALA C   OXT  sing N N 8   
ALA CB  HB1  sing N N 9   
ALA CB  HB2  sing N N 10  
ALA CB  HB3  sing N N 11  
ALA OXT HXT  sing N N 12  
ARG N   CA   sing N N 13  
ARG N   H    sing N N 14  
ARG N   H2   sing N N 15  
ARG CA  C    sing N N 16  
ARG CA  CB   sing N N 17  
ARG CA  HA   sing N N 18  
ARG C   O    doub N N 19  
ARG C   OXT  sing N N 20  
ARG CB  CG   sing N N 21  
ARG CB  HB2  sing N N 22  
ARG CB  HB3  sing N N 23  
ARG CG  CD   sing N N 24  
ARG CG  HG2  sing N N 25  
ARG CG  HG3  sing N N 26  
ARG CD  NE   sing N N 27  
ARG CD  HD2  sing N N 28  
ARG CD  HD3  sing N N 29  
ARG NE  CZ   sing N N 30  
ARG NE  HE   sing N N 31  
ARG CZ  NH1  sing N N 32  
ARG CZ  NH2  doub N N 33  
ARG NH1 HH11 sing N N 34  
ARG NH1 HH12 sing N N 35  
ARG NH2 HH21 sing N N 36  
ARG NH2 HH22 sing N N 37  
ARG OXT HXT  sing N N 38  
ASN N   CA   sing N N 39  
ASN N   H    sing N N 40  
ASN N   H2   sing N N 41  
ASN CA  C    sing N N 42  
ASN CA  CB   sing N N 43  
ASN CA  HA   sing N N 44  
ASN C   O    doub N N 45  
ASN C   OXT  sing N N 46  
ASN CB  CG   sing N N 47  
ASN CB  HB2  sing N N 48  
ASN CB  HB3  sing N N 49  
ASN CG  OD1  doub N N 50  
ASN CG  ND2  sing N N 51  
ASN ND2 HD21 sing N N 52  
ASN ND2 HD22 sing N N 53  
ASN OXT HXT  sing N N 54  
ASP N   CA   sing N N 55  
ASP N   H    sing N N 56  
ASP N   H2   sing N N 57  
ASP CA  C    sing N N 58  
ASP CA  CB   sing N N 59  
ASP CA  HA   sing N N 60  
ASP C   O    doub N N 61  
ASP C   OXT  sing N N 62  
ASP CB  CG   sing N N 63  
ASP CB  HB2  sing N N 64  
ASP CB  HB3  sing N N 65  
ASP CG  OD1  doub N N 66  
ASP CG  OD2  sing N N 67  
ASP OD2 HD2  sing N N 68  
ASP OXT HXT  sing N N 69  
EDO C1  O1   sing N N 70  
EDO C1  C2   sing N N 71  
EDO C1  H11  sing N N 72  
EDO C1  H12  sing N N 73  
EDO O1  HO1  sing N N 74  
EDO C2  O2   sing N N 75  
EDO C2  H21  sing N N 76  
EDO C2  H22  sing N N 77  
EDO O2  HO2  sing N N 78  
GLN N   CA   sing N N 79  
GLN N   H    sing N N 80  
GLN N   H2   sing N N 81  
GLN CA  C    sing N N 82  
GLN CA  CB   sing N N 83  
GLN CA  HA   sing N N 84  
GLN C   O    doub N N 85  
GLN C   OXT  sing N N 86  
GLN CB  CG   sing N N 87  
GLN CB  HB2  sing N N 88  
GLN CB  HB3  sing N N 89  
GLN CG  CD   sing N N 90  
GLN CG  HG2  sing N N 91  
GLN CG  HG3  sing N N 92  
GLN CD  OE1  doub N N 93  
GLN CD  NE2  sing N N 94  
GLN NE2 HE21 sing N N 95  
GLN NE2 HE22 sing N N 96  
GLN OXT HXT  sing N N 97  
GLU N   CA   sing N N 98  
GLU N   H    sing N N 99  
GLU N   H2   sing N N 100 
GLU CA  C    sing N N 101 
GLU CA  CB   sing N N 102 
GLU CA  HA   sing N N 103 
GLU C   O    doub N N 104 
GLU C   OXT  sing N N 105 
GLU CB  CG   sing N N 106 
GLU CB  HB2  sing N N 107 
GLU CB  HB3  sing N N 108 
GLU CG  CD   sing N N 109 
GLU CG  HG2  sing N N 110 
GLU CG  HG3  sing N N 111 
GLU CD  OE1  doub N N 112 
GLU CD  OE2  sing N N 113 
GLU OE2 HE2  sing N N 114 
GLU OXT HXT  sing N N 115 
GLY N   CA   sing N N 116 
GLY N   H    sing N N 117 
GLY N   H2   sing N N 118 
GLY CA  C    sing N N 119 
GLY CA  HA2  sing N N 120 
GLY CA  HA3  sing N N 121 
GLY C   O    doub N N 122 
GLY C   OXT  sing N N 123 
GLY OXT HXT  sing N N 124 
HIS N   CA   sing N N 125 
HIS N   H    sing N N 126 
HIS N   H2   sing N N 127 
HIS CA  C    sing N N 128 
HIS CA  CB   sing N N 129 
HIS CA  HA   sing N N 130 
HIS C   O    doub N N 131 
HIS C   OXT  sing N N 132 
HIS CB  CG   sing N N 133 
HIS CB  HB2  sing N N 134 
HIS CB  HB3  sing N N 135 
HIS CG  ND1  sing Y N 136 
HIS CG  CD2  doub Y N 137 
HIS ND1 CE1  doub Y N 138 
HIS ND1 HD1  sing N N 139 
HIS CD2 NE2  sing Y N 140 
HIS CD2 HD2  sing N N 141 
HIS CE1 NE2  sing Y N 142 
HIS CE1 HE1  sing N N 143 
HIS NE2 HE2  sing N N 144 
HIS OXT HXT  sing N N 145 
HOH O   H1   sing N N 146 
HOH O   H2   sing N N 147 
ILE N   CA   sing N N 148 
ILE N   H    sing N N 149 
ILE N   H2   sing N N 150 
ILE CA  C    sing N N 151 
ILE CA  CB   sing N N 152 
ILE CA  HA   sing N N 153 
ILE C   O    doub N N 154 
ILE C   OXT  sing N N 155 
ILE CB  CG1  sing N N 156 
ILE CB  CG2  sing N N 157 
ILE CB  HB   sing N N 158 
ILE CG1 CD1  sing N N 159 
ILE CG1 HG12 sing N N 160 
ILE CG1 HG13 sing N N 161 
ILE CG2 HG21 sing N N 162 
ILE CG2 HG22 sing N N 163 
ILE CG2 HG23 sing N N 164 
ILE CD1 HD11 sing N N 165 
ILE CD1 HD12 sing N N 166 
ILE CD1 HD13 sing N N 167 
ILE OXT HXT  sing N N 168 
LEU N   CA   sing N N 169 
LEU N   H    sing N N 170 
LEU N   H2   sing N N 171 
LEU CA  C    sing N N 172 
LEU CA  CB   sing N N 173 
LEU CA  HA   sing N N 174 
LEU C   O    doub N N 175 
LEU C   OXT  sing N N 176 
LEU CB  CG   sing N N 177 
LEU CB  HB2  sing N N 178 
LEU CB  HB3  sing N N 179 
LEU CG  CD1  sing N N 180 
LEU CG  CD2  sing N N 181 
LEU CG  HG   sing N N 182 
LEU CD1 HD11 sing N N 183 
LEU CD1 HD12 sing N N 184 
LEU CD1 HD13 sing N N 185 
LEU CD2 HD21 sing N N 186 
LEU CD2 HD22 sing N N 187 
LEU CD2 HD23 sing N N 188 
LEU OXT HXT  sing N N 189 
LYS N   CA   sing N N 190 
LYS N   H    sing N N 191 
LYS N   H2   sing N N 192 
LYS CA  C    sing N N 193 
LYS CA  CB   sing N N 194 
LYS CA  HA   sing N N 195 
LYS C   O    doub N N 196 
LYS C   OXT  sing N N 197 
LYS CB  CG   sing N N 198 
LYS CB  HB2  sing N N 199 
LYS CB  HB3  sing N N 200 
LYS CG  CD   sing N N 201 
LYS CG  HG2  sing N N 202 
LYS CG  HG3  sing N N 203 
LYS CD  CE   sing N N 204 
LYS CD  HD2  sing N N 205 
LYS CD  HD3  sing N N 206 
LYS CE  NZ   sing N N 207 
LYS CE  HE2  sing N N 208 
LYS CE  HE3  sing N N 209 
LYS NZ  HZ1  sing N N 210 
LYS NZ  HZ2  sing N N 211 
LYS NZ  HZ3  sing N N 212 
LYS OXT HXT  sing N N 213 
MSE N   CA   sing N N 214 
MSE N   H    sing N N 215 
MSE N   H2   sing N N 216 
MSE CA  C    sing N N 217 
MSE CA  CB   sing N N 218 
MSE CA  HA   sing N N 219 
MSE C   O    doub N N 220 
MSE C   OXT  sing N N 221 
MSE OXT HXT  sing N N 222 
MSE CB  CG   sing N N 223 
MSE CB  HB2  sing N N 224 
MSE CB  HB3  sing N N 225 
MSE CG  SE   sing N N 226 
MSE CG  HG2  sing N N 227 
MSE CG  HG3  sing N N 228 
MSE SE  CE   sing N N 229 
MSE CE  HE1  sing N N 230 
MSE CE  HE2  sing N N 231 
MSE CE  HE3  sing N N 232 
PHE N   CA   sing N N 233 
PHE N   H    sing N N 234 
PHE N   H2   sing N N 235 
PHE CA  C    sing N N 236 
PHE CA  CB   sing N N 237 
PHE CA  HA   sing N N 238 
PHE C   O    doub N N 239 
PHE C   OXT  sing N N 240 
PHE CB  CG   sing N N 241 
PHE CB  HB2  sing N N 242 
PHE CB  HB3  sing N N 243 
PHE CG  CD1  doub Y N 244 
PHE CG  CD2  sing Y N 245 
PHE CD1 CE1  sing Y N 246 
PHE CD1 HD1  sing N N 247 
PHE CD2 CE2  doub Y N 248 
PHE CD2 HD2  sing N N 249 
PHE CE1 CZ   doub Y N 250 
PHE CE1 HE1  sing N N 251 
PHE CE2 CZ   sing Y N 252 
PHE CE2 HE2  sing N N 253 
PHE CZ  HZ   sing N N 254 
PHE OXT HXT  sing N N 255 
PRO N   CA   sing N N 256 
PRO N   CD   sing N N 257 
PRO N   H    sing N N 258 
PRO CA  C    sing N N 259 
PRO CA  CB   sing N N 260 
PRO CA  HA   sing N N 261 
PRO C   O    doub N N 262 
PRO C   OXT  sing N N 263 
PRO CB  CG   sing N N 264 
PRO CB  HB2  sing N N 265 
PRO CB  HB3  sing N N 266 
PRO CG  CD   sing N N 267 
PRO CG  HG2  sing N N 268 
PRO CG  HG3  sing N N 269 
PRO CD  HD2  sing N N 270 
PRO CD  HD3  sing N N 271 
PRO OXT HXT  sing N N 272 
SER N   CA   sing N N 273 
SER N   H    sing N N 274 
SER N   H2   sing N N 275 
SER CA  C    sing N N 276 
SER CA  CB   sing N N 277 
SER CA  HA   sing N N 278 
SER C   O    doub N N 279 
SER C   OXT  sing N N 280 
SER CB  OG   sing N N 281 
SER CB  HB2  sing N N 282 
SER CB  HB3  sing N N 283 
SER OG  HG   sing N N 284 
SER OXT HXT  sing N N 285 
THR N   CA   sing N N 286 
THR N   H    sing N N 287 
THR N   H2   sing N N 288 
THR CA  C    sing N N 289 
THR CA  CB   sing N N 290 
THR CA  HA   sing N N 291 
THR C   O    doub N N 292 
THR C   OXT  sing N N 293 
THR CB  OG1  sing N N 294 
THR CB  CG2  sing N N 295 
THR CB  HB   sing N N 296 
THR OG1 HG1  sing N N 297 
THR CG2 HG21 sing N N 298 
THR CG2 HG22 sing N N 299 
THR CG2 HG23 sing N N 300 
THR OXT HXT  sing N N 301 
TYR N   CA   sing N N 302 
TYR N   H    sing N N 303 
TYR N   H2   sing N N 304 
TYR CA  C    sing N N 305 
TYR CA  CB   sing N N 306 
TYR CA  HA   sing N N 307 
TYR C   O    doub N N 308 
TYR C   OXT  sing N N 309 
TYR CB  CG   sing N N 310 
TYR CB  HB2  sing N N 311 
TYR CB  HB3  sing N N 312 
TYR CG  CD1  doub Y N 313 
TYR CG  CD2  sing Y N 314 
TYR CD1 CE1  sing Y N 315 
TYR CD1 HD1  sing N N 316 
TYR CD2 CE2  doub Y N 317 
TYR CD2 HD2  sing N N 318 
TYR CE1 CZ   doub Y N 319 
TYR CE1 HE1  sing N N 320 
TYR CE2 CZ   sing Y N 321 
TYR CE2 HE2  sing N N 322 
TYR CZ  OH   sing N N 323 
TYR OH  HH   sing N N 324 
TYR OXT HXT  sing N N 325 
VAL N   CA   sing N N 326 
VAL N   H    sing N N 327 
VAL N   H2   sing N N 328 
VAL CA  C    sing N N 329 
VAL CA  CB   sing N N 330 
VAL CA  HA   sing N N 331 
VAL C   O    doub N N 332 
VAL C   OXT  sing N N 333 
VAL CB  CG1  sing N N 334 
VAL CB  CG2  sing N N 335 
VAL CB  HB   sing N N 336 
VAL CG1 HG11 sing N N 337 
VAL CG1 HG12 sing N N 338 
VAL CG1 HG13 sing N N 339 
VAL CG2 HG21 sing N N 340 
VAL CG2 HG22 sing N N 341 
VAL CG2 HG23 sing N N 342 
VAL OXT HXT  sing N N 343 
# 
_reflns_scale.group_code   1 
# 
_atom_sites.entry_id                    3N8B 
_atom_sites.fract_transf_matrix[1][1]   -0.00371131 
_atom_sites.fract_transf_matrix[1][2]   0.01330302 
_atom_sites.fract_transf_matrix[1][3]   -0.01519002 
_atom_sites.fract_transf_matrix[2][1]   0.01395416 
_atom_sites.fract_transf_matrix[2][2]   0.00892976 
_atom_sites.fract_transf_matrix[2][3]   0.00441109 
_atom_sites.fract_transf_matrix[3][1]   0.00389237 
_atom_sites.fract_transf_matrix[3][2]   -0.00391779 
_atom_sites.fract_transf_matrix[3][3]   -0.00438210 
_atom_sites.fract_transf_vector[1]      0.128573 
_atom_sites.fract_transf_vector[2]      -0.014463 
_atom_sites.fract_transf_vector[3]      0.119591 
# 
loop_
_atom_type.symbol 
C  
MG 
N  
O  
SE 
# 
loop_
_atom_site.group_PDB 
_atom_site.id 
_atom_site.type_symbol 
_atom_site.label_atom_id 
_atom_site.label_alt_id 
_atom_site.label_comp_id 
_atom_site.label_asym_id 
_atom_site.label_entity_id 
_atom_site.label_seq_id 
_atom_site.pdbx_PDB_ins_code 
_atom_site.Cartn_x 
_atom_site.Cartn_y 
_atom_site.Cartn_z 
_atom_site.occupancy 
_atom_site.B_iso_or_equiv 
_atom_site.pdbx_formal_charge 
_atom_site.auth_seq_id 
_atom_site.auth_comp_id 
_atom_site.auth_asym_id 
_atom_site.auth_atom_id 
_atom_site.pdbx_PDB_model_num 
ATOM   1    N  N   . GLU A 1 1  ? 17.593  -4.980  12.333  1.00 27.51  ? 8   GLU A N   1 
ATOM   2    C  CA  . GLU A 1 1  ? 17.926  -3.532  12.243  1.00 25.67  ? 8   GLU A CA  1 
ATOM   3    C  C   . GLU A 1 1  ? 17.058  -2.754  13.237  1.00 23.84  ? 8   GLU A C   1 
ATOM   4    O  O   . GLU A 1 1  ? 15.833  -2.827  13.188  1.00 23.19  ? 8   GLU A O   1 
ATOM   5    C  CB  . GLU A 1 1  ? 17.741  -3.039  10.808  1.00 26.58  ? 8   GLU A CB  1 
ATOM   6    C  CG  . GLU A 1 1  ? 17.739  -1.519  10.624  1.00 33.25  ? 8   GLU A CG  1 
ATOM   7    C  CD  . GLU A 1 1  ? 17.714  -1.092  9.155   1.00 39.05  ? 8   GLU A CD  1 
ATOM   8    O  OE1 . GLU A 1 1  ? 18.224  -1.849  8.296   1.00 41.69  ? 8   GLU A OE1 1 
ATOM   9    O  OE2 . GLU A 1 1  ? 17.196  0.008   8.860   1.00 42.55  ? 8   GLU A OE2 1 
ATOM   10   N  N   . ARG A 1 2  ? 17.703  -2.033  14.155  1.00 21.19  ? 9   ARG A N   1 
ATOM   11   C  CA  . ARG A 1 2  ? 16.980  -1.219  15.133  1.00 18.23  ? 9   ARG A CA  1 
ATOM   12   C  C   . ARG A 1 2  ? 16.000  -0.271  14.426  1.00 16.90  ? 9   ARG A C   1 
ATOM   13   O  O   . ARG A 1 2  ? 16.367  0.461   13.502  1.00 15.25  ? 9   ARG A O   1 
ATOM   14   C  CB  . ARG A 1 2  ? 17.971  -0.438  16.003  1.00 18.65  ? 9   ARG A CB  1 
ATOM   15   C  CG  . ARG A 1 2  ? 17.300  0.403   17.091  1.00 16.90  ? 9   ARG A CG  1 
ATOM   16   C  CD  . ARG A 1 2  ? 18.331  1.147   17.934  1.00 16.33  ? 9   ARG A CD  1 
ATOM   17   N  NE  . ARG A 1 2  ? 17.647  1.980   18.927  1.00 15.17  ? 9   ARG A NE  1 
ATOM   18   C  CZ  . ARG A 1 2  ? 18.201  3.012   19.559  1.00 18.71  ? 9   ARG A CZ  1 
ATOM   19   N  NH1 . ARG A 1 2  ? 19.465  3.350   19.322  1.00 10.50  ? 9   ARG A NH1 1 
ATOM   20   N  NH2 . ARG A 1 2  ? 17.483  3.703   20.439  1.00 16.19  ? 9   ARG A NH2 1 
ATOM   21   N  N   . GLY A 1 3  ? 14.742  -0.299  14.851  1.00 16.98  ? 10  GLY A N   1 
ATOM   22   C  CA  . GLY A 1 3  ? 13.718  0.536   14.234  1.00 17.28  ? 10  GLY A CA  1 
ATOM   23   C  C   . GLY A 1 3  ? 12.937  -0.159  13.120  1.00 18.76  ? 10  GLY A C   1 
ATOM   24   O  O   . GLY A 1 3  ? 11.944  0.379   12.636  1.00 18.87  ? 10  GLY A O   1 
ATOM   25   N  N   . GLU A 1 4  ? 13.401  -1.334  12.699  1.00 19.94  ? 11  GLU A N   1 
ATOM   26   C  CA  . GLU A 1 4  ? 12.684  -2.150  11.711  1.00 21.06  ? 11  GLU A CA  1 
ATOM   27   C  C   . GLU A 1 4  ? 12.252  -3.463  12.356  1.00 19.70  ? 11  GLU A C   1 
ATOM   28   O  O   . GLU A 1 4  ? 13.083  -4.269  12.772  1.00 21.60  ? 11  GLU A O   1 
ATOM   29   C  CB  . GLU A 1 4  ? 13.534  -2.387  10.451  1.00 23.05  ? 11  GLU A CB  1 
ATOM   30   C  CG  . GLU A 1 4  ? 12.726  -2.907  9.252   1.00 29.30  ? 11  GLU A CG  1 
ATOM   31   C  CD  . GLU A 1 4  ? 13.541  -2.976  7.953   1.00 34.53  ? 11  GLU A CD  1 
ATOM   32   O  OE1 . GLU A 1 4  ? 14.506  -3.777  7.889   1.00 36.04  ? 11  GLU A OE1 1 
ATOM   33   O  OE2 . GLU A 1 4  ? 13.198  -2.248  6.990   1.00 34.89  ? 11  GLU A OE2 1 
ATOM   34   N  N   . VAL A 1 5  ? 10.943  -3.656  12.455  1.00 16.70  ? 12  VAL A N   1 
ATOM   35   C  CA  . VAL A 1 5  ? 10.348  -4.790  13.151  1.00 16.57  ? 12  VAL A CA  1 
ATOM   36   C  C   . VAL A 1 5  ? 10.162  -5.960  12.180  1.00 15.95  ? 12  VAL A C   1 
ATOM   37   O  O   . VAL A 1 5  ? 10.303  -7.128  12.552  1.00 16.12  ? 12  VAL A O   1 
ATOM   38   C  CB  . VAL A 1 5  ? 8.948   -4.407  13.696  1.00 16.47  ? 12  VAL A CB  1 
ATOM   39   C  CG1 . VAL A 1 5  ? 8.344   -5.546  14.510  1.00 20.32  ? 12  VAL A CG1 1 
ATOM   40   C  CG2 . VAL A 1 5  ? 9.012   -3.110  14.515  1.00 20.60  ? 12  VAL A CG2 1 
ATOM   41   N  N   . TYR A 1 6  ? 9.817   -5.633  10.941  1.00 14.99  ? 13  TYR A N   1 
ATOM   42   C  CA  . TYR A 1 6  ? 9.455   -6.641  9.944   1.00 14.43  ? 13  TYR A CA  1 
ATOM   43   C  C   . TYR A 1 6  ? 9.804   -6.120  8.564   1.00 14.10  ? 13  TYR A C   1 
ATOM   44   O  O   . TYR A 1 6  ? 9.608   -4.943  8.264   1.00 12.10  ? 13  TYR A O   1 
ATOM   45   C  CB  . TYR A 1 6  ? 7.960   -6.909  10.043  1.00 14.23  ? 13  TYR A CB  1 
ATOM   46   C  CG  . TYR A 1 6  ? 7.411   -7.929  9.059   1.00 14.01  ? 13  TYR A CG  1 
ATOM   47   C  CD1 . TYR A 1 6  ? 7.202   -9.245  9.456   1.00 16.98  ? 13  TYR A CD1 1 
ATOM   48   C  CD2 . TYR A 1 6  ? 7.068   -7.563  7.757   1.00 14.28  ? 13  TYR A CD2 1 
ATOM   49   C  CE1 . TYR A 1 6  ? 6.674   -10.193 8.571   1.00 17.93  ? 13  TYR A CE1 1 
ATOM   50   C  CE2 . TYR A 1 6  ? 6.547   -8.504  6.855   1.00 14.08  ? 13  TYR A CE2 1 
ATOM   51   C  CZ  . TYR A 1 6  ? 6.353   -9.814  7.286   1.00 16.55  ? 13  TYR A CZ  1 
ATOM   52   O  OH  . TYR A 1 6  ? 5.836   -10.755 6.426   1.00 18.66  ? 13  TYR A OH  1 
ATOM   53   N  N   . SER A 1 7  ? 10.328  -6.999  7.711   1.00 14.10  ? 14  SER A N   1 
ATOM   54   C  CA  . SER A 1 7  ? 10.664  -6.608  6.357   1.00 15.32  ? 14  SER A CA  1 
ATOM   55   C  C   . SER A 1 7  ? 10.616  -7.824  5.424   1.00 16.41  ? 14  SER A C   1 
ATOM   56   O  O   . SER A 1 7  ? 11.294  -8.822  5.667   1.00 15.15  ? 14  SER A O   1 
ATOM   57   C  CB  . SER A 1 7  ? 12.059  -5.995  6.328   1.00 17.28  ? 14  SER A CB  1 
ATOM   58   O  OG  . SER A 1 7  ? 12.280  -5.369  5.079   1.00 20.50  ? 14  SER A OG  1 
ATOM   59   N  N   . GLU A 1 8  ? 9.814   -7.739  4.370   1.00 15.31  ? 15  GLU A N   1 
ATOM   60   C  CA  . GLU A 1 8  ? 9.720   -8.833  3.403   1.00 17.00  ? 15  GLU A CA  1 
ATOM   61   C  C   . GLU A 1 8  ? 9.827   -8.288  2.001   1.00 15.42  ? 15  GLU A C   1 
ATOM   62   O  O   . GLU A 1 8  ? 9.382   -7.177  1.710   1.00 15.26  ? 15  GLU A O   1 
ATOM   63   C  CB  . GLU A 1 8  ? 8.402   -9.590  3.549   1.00 18.67  ? 15  GLU A CB  1 
ATOM   64   C  CG  . GLU A 1 8  ? 8.430   -10.629 4.637   1.00 26.56  ? 15  GLU A CG  1 
ATOM   65   C  CD  . GLU A 1 8  ? 9.322   -11.806 4.290   1.00 31.91  ? 15  GLU A CD  1 
ATOM   66   O  OE1 . GLU A 1 8  ? 9.323   -12.232 3.115   1.00 34.73  ? 15  GLU A OE1 1 
ATOM   67   O  OE2 . GLU A 1 8  ? 10.018  -12.298 5.201   1.00 36.89  ? 15  GLU A OE2 1 
ATOM   68   N  N   . LYS A 1 9  ? 10.453  -9.059  1.130   1.00 13.78  ? 16  LYS A N   1 
ATOM   69   C  CA  . LYS A 1 9  ? 10.641  -8.634  -0.239  1.00 13.70  ? 16  LYS A CA  1 
ATOM   70   C  C   . LYS A 1 9  ? 9.893   -9.608  -1.139  1.00 14.06  ? 16  LYS A C   1 
ATOM   71   O  O   . LYS A 1 9  ? 9.925   -10.818 -0.913  1.00 13.49  ? 16  LYS A O   1 
ATOM   72   C  CB  . LYS A 1 9  ? 12.133  -8.581  -0.573  1.00 14.66  ? 16  LYS A CB  1 
ATOM   73   C  CG  . LYS A 1 9  ? 12.456  -8.217  -2.015  1.00 17.04  ? 16  LYS A CG  1 
ATOM   74   C  CD  . LYS A 1 9  ? 13.953  -8.258  -2.269  1.00 21.13  ? 16  LYS A CD  1 
ATOM   75   C  CE  . LYS A 1 9  ? 14.263  -7.783  -3.667  1.00 20.95  ? 16  LYS A CE  1 
ATOM   76   N  NZ  . LYS A 1 9  ? 15.708  -7.524  -3.878  1.00 24.68  ? 16  LYS A NZ  1 
HETATM 77   N  N   . MSE A 1 10 ? 9.208   -9.072  -2.136  1.00 13.04  ? 17  MSE A N   1 
HETATM 78   C  CA  . MSE A 1 10 ? 8.394   -9.876  -3.028  1.00 14.12  ? 17  MSE A CA  1 
HETATM 79   C  C   . MSE A 1 10 ? 8.778   -9.588  -4.473  1.00 13.97  ? 17  MSE A C   1 
HETATM 80   O  O   . MSE A 1 10 ? 8.450   -8.521  -5.023  1.00 12.72  ? 17  MSE A O   1 
HETATM 81   C  CB  . MSE A 1 10 ? 6.916   -9.560  -2.787  1.00 13.90  ? 17  MSE A CB  1 
HETATM 82   C  CG  . MSE A 1 10 ? 5.961   -10.154 -3.807  1.00 17.53  ? 17  MSE A CG  1 
HETATM 83   SE SE  . MSE A 1 10 ? 4.151   -9.564  -3.410  1.00 18.70  ? 17  MSE A SE  1 
HETATM 84   C  CE  . MSE A 1 10 ? 3.378   -9.946  -5.158  1.00 18.41  ? 17  MSE A CE  1 
ATOM   85   N  N   . PHE A 1 11 ? 9.492   -10.533 -5.093  1.00 14.77  ? 18  PHE A N   1 
ATOM   86   C  CA  . PHE A 1 11 ? 9.737   -10.455 -6.541  1.00 14.10  ? 18  PHE A CA  1 
ATOM   87   C  C   . PHE A 1 11 ? 8.470   -10.837 -7.302  1.00 14.24  ? 18  PHE A C   1 
ATOM   88   O  O   . PHE A 1 11 ? 7.627   -11.593 -6.794  1.00 15.09  ? 18  PHE A O   1 
ATOM   89   C  CB  . PHE A 1 11 ? 10.820  -11.446 -6.981  1.00 15.99  ? 18  PHE A CB  1 
ATOM   90   C  CG  . PHE A 1 11 ? 12.214  -11.088 -6.566  1.00 15.68  ? 18  PHE A CG  1 
ATOM   91   C  CD1 . PHE A 1 11 ? 13.025  -10.322 -7.400  1.00 19.32  ? 18  PHE A CD1 1 
ATOM   92   C  CD2 . PHE A 1 11 ? 12.746  -11.583 -5.376  1.00 21.61  ? 18  PHE A CD2 1 
ATOM   93   C  CE1 . PHE A 1 11 ? 14.362  -10.026 -7.045  1.00 23.18  ? 18  PHE A CE1 1 
ATOM   94   C  CE2 . PHE A 1 11 ? 14.075  -11.276 -4.995  1.00 23.68  ? 18  PHE A CE2 1 
ATOM   95   C  CZ  . PHE A 1 11 ? 14.879  -10.501 -5.841  1.00 21.79  ? 18  PHE A CZ  1 
ATOM   96   N  N   . THR A 1 12 ? 8.344   -10.331 -8.526  1.00 13.24  ? 19  THR A N   1 
ATOM   97   C  CA  . THR A 1 12 ? 7.302   -10.762 -9.445  1.00 13.29  ? 19  THR A CA  1 
ATOM   98   C  C   . THR A 1 12 ? 7.950   -11.032 -10.817 1.00 14.00  ? 19  THR A C   1 
ATOM   99   O  O   . THR A 1 12 ? 9.123   -10.734 -11.020 1.00 12.58  ? 19  THR A O   1 
ATOM   100  C  CB  . THR A 1 12 ? 6.154   -9.723  -9.610  1.00 12.94  ? 19  THR A CB  1 
ATOM   101  O  OG1 . THR A 1 12 ? 6.598   -8.613  -10.399 1.00 13.85  ? 19  THR A OG1 1 
ATOM   102  C  CG2 . THR A 1 12 ? 5.635   -9.223  -8.218  1.00 12.05  ? 19  THR A CG2 1 
ATOM   103  N  N   . GLU A 1 13 ? 7.167   -11.570 -11.751 1.00 14.95  ? 20  GLU A N   1 
ATOM   104  C  CA  . GLU A 1 13 ? 7.646   -11.770 -13.125 1.00 16.71  ? 20  GLU A CA  1 
ATOM   105  C  C   . GLU A 1 13 ? 7.631   -10.472 -13.942 1.00 16.95  ? 20  GLU A C   1 
ATOM   106  O  O   . GLU A 1 13 ? 8.095   -10.441 -15.082 1.00 17.82  ? 20  GLU A O   1 
ATOM   107  C  CB  . GLU A 1 13 ? 6.880   -12.917 -13.801 1.00 17.23  ? 20  GLU A CB  1 
ATOM   108  C  CG  . GLU A 1 13 ? 7.202   -14.254 -13.142 1.00 21.68  ? 20  GLU A CG  1 
ATOM   109  C  CD  . GLU A 1 13 ? 6.363   -15.424 -13.652 1.00 30.14  ? 20  GLU A CD  1 
ATOM   110  O  OE1 . GLU A 1 13 ? 5.719   -15.305 -14.720 1.00 33.06  ? 20  GLU A OE1 1 
ATOM   111  O  OE2 . GLU A 1 13 ? 6.358   -16.474 -12.970 1.00 34.03  ? 20  GLU A OE2 1 
ATOM   112  N  N   . SER A 1 14 ? 7.141   -9.382  -13.336 1.00 16.24  ? 21  SER A N   1 
ATOM   113  C  CA  . SER A 1 14 ? 7.224   -8.054  -13.938 1.00 14.58  ? 21  SER A CA  1 
ATOM   114  C  C   . SER A 1 14 ? 8.402   -7.225  -13.401 1.00 14.87  ? 21  SER A C   1 
ATOM   115  O  O   . SER A 1 14 ? 9.170   -7.670  -12.540 1.00 14.53  ? 21  SER A O   1 
ATOM   116  C  CB  . SER A 1 14 ? 5.924   -7.266  -13.706 1.00 14.95  ? 21  SER A CB  1 
ATOM   117  O  OG  . SER A 1 14 ? 5.823   -6.849  -12.347 1.00 16.46  ? 21  SER A OG  1 
ATOM   118  N  N   . GLU A 1 15 ? 8.510   -6.003  -13.915 1.00 14.97  ? 22  GLU A N   1 
ATOM   119  C  CA  . GLU A 1 15 ? 9.530   -5.044  -13.495 1.00 16.35  ? 22  GLU A CA  1 
ATOM   120  C  C   . GLU A 1 15 ? 9.201   -4.400  -12.136 1.00 16.08  ? 22  GLU A C   1 
ATOM   121  O  O   . GLU A 1 15 ? 9.909   -3.497  -11.692 1.00 16.80  ? 22  GLU A O   1 
ATOM   122  C  CB  . GLU A 1 15 ? 9.727   -3.965  -14.569 1.00 17.12  ? 22  GLU A CB  1 
ATOM   123  C  CG  . GLU A 1 15 ? 8.538   -3.004  -14.813 1.00 22.12  ? 22  GLU A CG  1 
ATOM   124  C  CD  . GLU A 1 15 ? 7.285   -3.647  -15.439 1.00 28.93  ? 22  GLU A CD  1 
ATOM   125  O  OE1 . GLU A 1 15 ? 7.379   -4.723  -16.061 1.00 29.65  ? 22  GLU A OE1 1 
ATOM   126  O  OE2 . GLU A 1 15 ? 6.182   -3.057  -15.303 1.00 32.79  ? 22  GLU A OE2 1 
ATOM   127  N  N   . ARG A 1 16 ? 8.130   -4.869  -11.500 1.00 16.39  ? 23  ARG A N   1 
ATOM   128  C  CA  . ARG A 1 16 ? 7.733   -4.393  -10.163 1.00 15.51  ? 23  ARG A CA  1 
ATOM   129  C  C   . ARG A 1 16 ? 8.152   -5.394  -9.080  1.00 14.47  ? 23  ARG A C   1 
ATOM   130  O  O   . ARG A 1 16 ? 7.843   -6.594  -9.175  1.00 13.09  ? 23  ARG A O   1 
ATOM   131  C  CB  . ARG A 1 16 ? 6.214   -4.167  -10.114 1.00 15.70  ? 23  ARG A CB  1 
ATOM   132  C  CG  . ARG A 1 16 ? 5.704   -3.179  -11.157 1.00 17.82  ? 23  ARG A CG  1 
ATOM   133  C  CD  . ARG A 1 16 ? 4.209   -2.895  -11.003 1.00 21.07  ? 23  ARG A CD  1 
ATOM   134  N  NE  . ARG A 1 16 ? 3.616   -2.424  -12.259 1.00 25.90  ? 23  ARG A NE  1 
ATOM   135  C  CZ  . ARG A 1 16 ? 3.472   -1.145  -12.609 1.00 28.14  ? 23  ARG A CZ  1 
ATOM   136  N  NH1 . ARG A 1 16 ? 3.871   -0.172  -11.805 1.00 25.85  ? 23  ARG A NH1 1 
ATOM   137  N  NH2 . ARG A 1 16 ? 2.920   -0.835  -13.775 1.00 29.54  ? 23  ARG A NH2 1 
ATOM   138  N  N   . THR A 1 17 ? 8.856   -4.885  -8.063  1.00 12.29  ? 24  THR A N   1 
ATOM   139  C  CA  . THR A 1 17 ? 9.241   -5.630  -6.878  1.00 12.39  ? 24  THR A CA  1 
ATOM   140  C  C   . THR A 1 17 ? 8.681   -4.882  -5.669  1.00 12.93  ? 24  THR A C   1 
ATOM   141  O  O   . THR A 1 17 ? 8.693   -3.647  -5.646  1.00 14.18  ? 24  THR A O   1 
ATOM   142  C  CB  . THR A 1 17 ? 10.779  -5.688  -6.724  1.00 12.33  ? 24  THR A CB  1 
ATOM   143  O  OG1 . THR A 1 17 ? 11.365  -6.284  -7.896  1.00 14.37  ? 24  THR A OG1 1 
ATOM   144  C  CG2 . THR A 1 17 ? 11.187  -6.512  -5.503  1.00 11.86  ? 24  THR A CG2 1 
ATOM   145  N  N   . TYR A 1 18 ? 8.222   -5.619  -4.675  1.00 12.31  ? 25  TYR A N   1 
ATOM   146  C  CA  . TYR A 1 18 ? 7.578   -4.998  -3.518  1.00 12.78  ? 25  TYR A CA  1 
ATOM   147  C  C   . TYR A 1 18 ? 8.314   -5.277  -2.236  1.00 12.32  ? 25  TYR A C   1 
ATOM   148  O  O   . TYR A 1 18 ? 9.013   -6.290  -2.099  1.00 11.60  ? 25  TYR A O   1 
ATOM   149  C  CB  . TYR A 1 18 ? 6.108   -5.420  -3.408  1.00 11.75  ? 25  TYR A CB  1 
ATOM   150  C  CG  . TYR A 1 18 ? 5.329   -5.154  -4.660  1.00 13.83  ? 25  TYR A CG  1 
ATOM   151  C  CD1 . TYR A 1 18 ? 4.730   -3.917  -4.885  1.00 12.39  ? 25  TYR A CD1 1 
ATOM   152  C  CD2 . TYR A 1 18 ? 5.186   -6.142  -5.637  1.00 12.97  ? 25  TYR A CD2 1 
ATOM   153  C  CE1 . TYR A 1 18 ? 4.024   -3.674  -6.048  1.00 15.03  ? 25  TYR A CE1 1 
ATOM   154  C  CE2 . TYR A 1 18 ? 4.484   -5.906  -6.799  1.00 14.66  ? 25  TYR A CE2 1 
ATOM   155  C  CZ  . TYR A 1 18 ? 3.894   -4.678  -6.999  1.00 15.10  ? 25  TYR A CZ  1 
ATOM   156  O  OH  . TYR A 1 18 ? 3.194   -4.452  -8.156  1.00 11.98  ? 25  TYR A OH  1 
ATOM   157  N  N   . PHE A 1 19 ? 8.170   -4.345  -1.296  1.00 12.38  ? 26  PHE A N   1 
ATOM   158  C  CA  . PHE A 1 19 ? 8.684   -4.506  0.029   1.00 12.39  ? 26  PHE A CA  1 
ATOM   159  C  C   . PHE A 1 19 ? 7.553   -4.152  0.987   1.00 13.00  ? 26  PHE A C   1 
ATOM   160  O  O   . PHE A 1 19 ? 6.857   -3.159  0.781   1.00 11.34  ? 26  PHE A O   1 
ATOM   161  C  CB  . PHE A 1 19 ? 9.861   -3.572  0.284   1.00 14.55  ? 26  PHE A CB  1 
ATOM   162  C  CG  . PHE A 1 19 ? 11.055  -3.847  -0.579  1.00 16.29  ? 26  PHE A CG  1 
ATOM   163  C  CD1 . PHE A 1 19 ? 12.090  -4.651  -0.111  1.00 19.04  ? 26  PHE A CD1 1 
ATOM   164  C  CD2 . PHE A 1 19 ? 11.137  -3.313  -1.859  1.00 19.32  ? 26  PHE A CD2 1 
ATOM   165  C  CE1 . PHE A 1 19 ? 13.201  -4.900  -0.904  1.00 19.40  ? 26  PHE A CE1 1 
ATOM   166  C  CE2 . PHE A 1 19 ? 12.248  -3.574  -2.676  1.00 22.23  ? 26  PHE A CE2 1 
ATOM   167  C  CZ  . PHE A 1 19 ? 13.274  -4.365  -2.190  1.00 20.23  ? 26  PHE A CZ  1 
HETATM 168  N  N   . MSE A 1 20 ? 7.368   -5.005  1.985   1.00 12.13  ? 27  MSE A N   1 
HETATM 169  C  CA  A MSE A 1 20 ? 6.398   -4.741  3.037   0.70 12.86  ? 27  MSE A CA  1 
HETATM 170  C  CA  B MSE A 1 20 ? 6.396   -4.806  3.063   0.30 13.27  ? 27  MSE A CA  1 
HETATM 171  C  C   . MSE A 1 20 ? 7.171   -4.644  4.343   1.00 12.50  ? 27  MSE A C   1 
HETATM 172  O  O   . MSE A 1 20 ? 7.768   -5.623  4.810   1.00 13.50  ? 27  MSE A O   1 
HETATM 173  C  CB  A MSE A 1 20 ? 5.324   -5.837  3.072   0.70 12.83  ? 27  MSE A CB  1 
HETATM 174  C  CB  B MSE A 1 20 ? 5.526   -6.051  3.234   0.30 13.78  ? 27  MSE A CB  1 
HETATM 175  C  CG  A MSE A 1 20 ? 4.471   -5.908  1.791   0.70 16.57  ? 27  MSE A CG  1 
HETATM 176  C  CG  B MSE A 1 20 ? 4.457   -6.210  2.215   0.30 18.45  ? 27  MSE A CG  1 
HETATM 177  SE SE  A MSE A 1 20 ? 5.296   -6.829  0.262   0.70 22.05  ? 27  MSE A SE  1 
HETATM 178  SE SE  B MSE A 1 20 ? 3.260   -4.700  2.249   0.30 28.35  ? 27  MSE A SE  1 
HETATM 179  C  CE  A MSE A 1 20 ? 3.807   -6.646  -0.955  0.70 18.29  ? 27  MSE A CE  1 
HETATM 180  C  CE  B MSE A 1 20 ? 2.448   -5.095  0.529   0.30 24.22  ? 27  MSE A CE  1 
ATOM   181  N  N   . ASN A 1 21 ? 7.169   -3.447  4.916   1.00 11.27  ? 28  ASN A N   1 
ATOM   182  C  CA  . ASN A 1 21 ? 7.943   -3.176  6.121   1.00 11.46  ? 28  ASN A CA  1 
ATOM   183  C  C   . ASN A 1 21 ? 7.063   -2.760  7.300   1.00 11.87  ? 28  ASN A C   1 
ATOM   184  O  O   . ASN A 1 21 ? 6.067   -2.064  7.112   1.00 11.81  ? 28  ASN A O   1 
ATOM   185  C  CB  . ASN A 1 21 ? 8.965   -2.066  5.849   1.00 10.82  ? 28  ASN A CB  1 
ATOM   186  C  CG  . ASN A 1 21 ? 9.940   -2.413  4.722   1.00 15.73  ? 28  ASN A CG  1 
ATOM   187  O  OD1 . ASN A 1 21 ? 10.289  -1.563  3.898   1.00 21.11  ? 28  ASN A OD1 1 
ATOM   188  N  ND2 . ASN A 1 21 ? 10.395  -3.647  4.698   1.00 15.34  ? 28  ASN A ND2 1 
ATOM   189  N  N   . VAL A 1 22 ? 7.436   -3.192  8.499   1.00 11.17  ? 29  VAL A N   1 
ATOM   190  C  CA  . VAL A 1 22 ? 6.879   -2.604  9.731   1.00 11.15  ? 29  VAL A CA  1 
ATOM   191  C  C   . VAL A 1 22 ? 8.030   -1.927  10.472  1.00 12.60  ? 29  VAL A C   1 
ATOM   192  O  O   . VAL A 1 22 ? 9.056   -2.556  10.762  1.00 11.57  ? 29  VAL A O   1 
ATOM   193  C  CB  . VAL A 1 22 ? 6.206   -3.643  10.643  1.00 10.31  ? 29  VAL A CB  1 
ATOM   194  C  CG1 . VAL A 1 22 ? 5.671   -2.985  11.959  1.00 10.55  ? 29  VAL A CG1 1 
ATOM   195  C  CG2 . VAL A 1 22 ? 5.070   -4.361  9.902   1.00 9.62   ? 29  VAL A CG2 1 
ATOM   196  N  N   . LYS A 1 23 ? 7.842   -0.644  10.758  1.00 12.61  ? 30  LYS A N   1 
ATOM   197  C  CA  . LYS A 1 23 ? 8.851   0.164   11.416  1.00 13.62  ? 30  LYS A CA  1 
ATOM   198  C  C   . LYS A 1 23 ? 8.334   0.651   12.763  1.00 14.03  ? 30  LYS A C   1 
ATOM   199  O  O   . LYS A 1 23 ? 7.126   0.588   13.039  1.00 11.74  ? 30  LYS A O   1 
ATOM   200  C  CB  . LYS A 1 23 ? 9.256   1.322   10.507  1.00 14.02  ? 30  LYS A CB  1 
ATOM   201  C  CG  . LYS A 1 23 ? 10.122  0.818   9.347   1.00 18.48  ? 30  LYS A CG  1 
ATOM   202  C  CD  . LYS A 1 23 ? 10.357  1.828   8.275   1.00 25.65  ? 30  LYS A CD  1 
ATOM   203  C  CE  . LYS A 1 23 ? 11.482  1.305   7.380   1.00 29.34  ? 30  LYS A CE  1 
ATOM   204  N  NZ  . LYS A 1 23 ? 12.103  2.383   6.569   1.00 31.01  ? 30  LYS A NZ  1 
ATOM   205  N  N   . GLU A 1 24 ? 9.257   1.107   13.603  1.00 14.38  ? 31  GLU A N   1 
ATOM   206  C  CA  . GLU A 1 24 ? 8.921   1.560   14.947  1.00 15.65  ? 31  GLU A CA  1 
ATOM   207  C  C   . GLU A 1 24 ? 9.477   2.975   15.097  1.00 15.18  ? 31  GLU A C   1 
ATOM   208  O  O   . GLU A 1 24 ? 10.628  3.230   14.731  1.00 15.75  ? 31  GLU A O   1 
ATOM   209  C  CB  . GLU A 1 24 ? 9.556   0.614   15.964  1.00 17.28  ? 31  GLU A CB  1 
ATOM   210  C  CG  . GLU A 1 24 ? 9.284   0.912   17.420  1.00 19.98  ? 31  GLU A CG  1 
ATOM   211  C  CD  . GLU A 1 24 ? 10.069  -0.010  18.335  1.00 27.61  ? 31  GLU A CD  1 
ATOM   212  O  OE1 . GLU A 1 24 ? 10.810  -0.886  17.826  1.00 33.28  ? 31  GLU A OE1 1 
ATOM   213  O  OE2 . GLU A 1 24 ? 9.956   0.138   19.564  1.00 32.12  ? 31  GLU A OE2 1 
ATOM   214  N  N   . ASN A 1 25 ? 8.661   3.901   15.598  1.00 12.61  ? 32  ASN A N   1 
ATOM   215  C  CA  . ASN A 1 25 ? 9.142   5.272   15.798  1.00 12.20  ? 32  ASN A CA  1 
ATOM   216  C  C   . ASN A 1 25 ? 9.751   5.443   17.197  1.00 11.58  ? 32  ASN A C   1 
ATOM   217  O  O   . ASN A 1 25 ? 9.831   4.486   17.982  1.00 11.79  ? 32  ASN A O   1 
ATOM   218  C  CB  . ASN A 1 25 ? 8.041   6.304   15.517  1.00 11.70  ? 32  ASN A CB  1 
ATOM   219  C  CG  . ASN A 1 25 ? 6.893   6.230   16.504  1.00 12.14  ? 32  ASN A CG  1 
ATOM   220  O  OD1 . ASN A 1 25 ? 6.993   5.625   17.558  1.00 11.43  ? 32  ASN A OD1 1 
ATOM   221  N  ND2 . ASN A 1 25 ? 5.785   6.858   16.152  1.00 17.69  ? 32  ASN A ND2 1 
ATOM   222  N  N   . ARG A 1 26 ? 10.152  6.663   17.498  1.00 12.53  ? 33  ARG A N   1 
ATOM   223  C  CA  . ARG A 1 26 ? 10.782  6.983   18.775  1.00 14.33  ? 33  ARG A CA  1 
ATOM   224  C  C   . ARG A 1 26 ? 9.911   6.584   19.990  1.00 15.50  ? 33  ARG A C   1 
ATOM   225  O  O   . ARG A 1 26 ? 10.424  6.154   21.025  1.00 16.14  ? 33  ARG A O   1 
ATOM   226  C  CB  . ARG A 1 26 ? 11.082  8.475   18.783  1.00 13.95  ? 33  ARG A CB  1 
ATOM   227  C  CG  . ARG A 1 26 ? 11.841  8.936   19.997  1.00 13.80  ? 33  ARG A CG  1 
ATOM   228  C  CD  . ARG A 1 26 ? 11.937  10.435  20.036  1.00 14.45  ? 33  ARG A CD  1 
ATOM   229  N  NE  . ARG A 1 26 ? 12.628  10.846  21.259  1.00 15.19  ? 33  ARG A NE  1 
ATOM   230  C  CZ  . ARG A 1 26 ? 13.011  12.091  21.511  1.00 15.41  ? 33  ARG A CZ  1 
ATOM   231  N  NH1 . ARG A 1 26 ? 12.755  13.054  20.640  1.00 14.93  ? 33  ARG A NH1 1 
ATOM   232  N  NH2 . ARG A 1 26 ? 13.625  12.364  22.649  1.00 18.00  ? 33  ARG A NH2 1 
ATOM   233  N  N   . LYS A 1 27 ? 8.595   6.738   19.849  1.00 16.88  ? 34  LYS A N   1 
ATOM   234  C  CA  . LYS A 1 27 ? 7.635   6.481   20.939  1.00 18.72  ? 34  LYS A CA  1 
ATOM   235  C  C   . LYS A 1 27 ? 7.312   5.010   21.089  1.00 18.68  ? 34  LYS A C   1 
ATOM   236  O  O   . LYS A 1 27 ? 6.623   4.620   22.022  1.00 19.37  ? 34  LYS A O   1 
ATOM   237  C  CB  . LYS A 1 27 ? 6.324   7.223   20.664  1.00 19.24  ? 34  LYS A CB  1 
ATOM   238  C  CG  . LYS A 1 27 ? 6.415   8.704   20.853  1.00 24.07  ? 34  LYS A CG  1 
ATOM   239  C  CD  . LYS A 1 27 ? 5.638   9.495   19.809  1.00 30.99  ? 34  LYS A CD  1 
ATOM   240  C  CE  . LYS A 1 27 ? 4.146   9.230   19.857  1.00 35.59  ? 34  LYS A CE  1 
ATOM   241  N  NZ  . LYS A 1 27 ? 3.582   9.376   21.227  1.00 39.59  ? 34  LYS A NZ  1 
ATOM   242  N  N   . GLY A 1 28 ? 7.798   4.196   20.160  1.00 18.00  ? 35  GLY A N   1 
ATOM   243  C  CA  . GLY A 1 28 ? 7.493   2.782   20.158  1.00 17.20  ? 35  GLY A CA  1 
ATOM   244  C  C   . GLY A 1 28 ? 6.262   2.377   19.352  1.00 16.42  ? 35  GLY A C   1 
ATOM   245  O  O   . GLY A 1 28 ? 5.919   1.192   19.334  1.00 18.35  ? 35  GLY A O   1 
ATOM   246  N  N   . ASP A 1 29 ? 5.604   3.329   18.685  1.00 15.28  ? 36  ASP A N   1 
ATOM   247  C  CA  . ASP A 1 29 ? 4.467   3.012   17.814  1.00 15.41  ? 36  ASP A CA  1 
ATOM   248  C  C   . ASP A 1 29 ? 4.995   2.231   16.613  1.00 15.59  ? 36  ASP A C   1 
ATOM   249  O  O   . ASP A 1 29 ? 6.108   2.499   16.141  1.00 14.83  ? 36  ASP A O   1 
ATOM   250  C  CB  . ASP A 1 29 ? 3.788   4.268   17.261  1.00 15.43  ? 36  ASP A CB  1 
ATOM   251  C  CG  . ASP A 1 29 ? 3.343   5.243   18.333  1.00 17.91  ? 36  ASP A CG  1 
ATOM   252  O  OD1 . ASP A 1 29 ? 3.003   4.800   19.441  1.00 20.21  ? 36  ASP A OD1 1 
ATOM   253  O  OD2 . ASP A 1 29 ? 3.319   6.459   18.037  1.00 20.47  ? 36  ASP A OD2 1 
ATOM   254  N  N   . TYR A 1 30 ? 4.196   1.296   16.114  1.00 14.28  ? 37  TYR A N   1 
ATOM   255  C  CA  . TYR A 1 30 ? 4.543   0.598   14.868  1.00 13.95  ? 37  TYR A CA  1 
ATOM   256  C  C   . TYR A 1 30 ? 3.867   1.311   13.710  1.00 13.71  ? 37  TYR A C   1 
ATOM   257  O  O   . TYR A 1 30 ? 2.795   1.891   13.893  1.00 14.40  ? 37  TYR A O   1 
ATOM   258  C  CB  . TYR A 1 30 ? 4.055   -0.847  14.933  1.00 13.13  ? 37  TYR A CB  1 
ATOM   259  C  CG  . TYR A 1 30 ? 4.914   -1.817  15.726  1.00 15.26  ? 37  TYR A CG  1 
ATOM   260  C  CD1 . TYR A 1 30 ? 4.713   -3.188  15.596  1.00 14.92  ? 37  TYR A CD1 1 
ATOM   261  C  CD2 . TYR A 1 30 ? 5.923   -1.375  16.604  1.00 16.24  ? 37  TYR A CD2 1 
ATOM   262  C  CE1 . TYR A 1 30 ? 5.469   -4.103  16.316  1.00 16.94  ? 37  TYR A CE1 1 
ATOM   263  C  CE2 . TYR A 1 30 ? 6.683   -2.288  17.335  1.00 13.03  ? 37  TYR A CE2 1 
ATOM   264  C  CZ  . TYR A 1 30 ? 6.450   -3.647  17.183  1.00 17.25  ? 37  TYR A CZ  1 
ATOM   265  O  OH  . TYR A 1 30 ? 7.192   -4.568  17.884  1.00 19.73  ? 37  TYR A OH  1 
ATOM   266  N  N   . PHE A 1 31 ? 4.482   1.290   12.524  1.00 11.44  ? 38  PHE A N   1 
ATOM   267  C  CA  . PHE A 1 31 ? 3.813   1.792   11.323  1.00 10.58  ? 38  PHE A CA  1 
ATOM   268  C  C   . PHE A 1 31 ? 4.178   0.967   10.103  1.00 10.60  ? 38  PHE A C   1 
ATOM   269  O  O   . PHE A 1 31 ? 5.197   0.271   10.105  1.00 9.99   ? 38  PHE A O   1 
ATOM   270  C  CB  . PHE A 1 31 ? 4.013   3.298   11.083  1.00 10.80  ? 38  PHE A CB  1 
ATOM   271  C  CG  . PHE A 1 31 ? 5.460   3.739   10.913  1.00 12.12  ? 38  PHE A CG  1 
ATOM   272  C  CD1 . PHE A 1 31 ? 5.962   4.023   9.655   1.00 13.54  ? 38  PHE A CD1 1 
ATOM   273  C  CD2 . PHE A 1 31 ? 6.287   3.937   12.028  1.00 13.55  ? 38  PHE A CD2 1 
ATOM   274  C  CE1 . PHE A 1 31 ? 7.290   4.462   9.493   1.00 16.97  ? 38  PHE A CE1 1 
ATOM   275  C  CE2 . PHE A 1 31 ? 7.605   4.369   11.884  1.00 14.06  ? 38  PHE A CE2 1 
ATOM   276  C  CZ  . PHE A 1 31 ? 8.104   4.651   10.610  1.00 19.12  ? 38  PHE A CZ  1 
ATOM   277  N  N   . LEU A 1 32 ? 3.308   1.025   9.096   1.00 10.70  ? 39  LEU A N   1 
ATOM   278  C  CA  . LEU A 1 32 ? 3.433   0.195   7.911   1.00 10.35  ? 39  LEU A CA  1 
ATOM   279  C  C   . LEU A 1 32 ? 4.066   0.985   6.790   1.00 10.38  ? 39  LEU A C   1 
ATOM   280  O  O   . LEU A 1 32 ? 3.763   2.154   6.575   1.00 10.03  ? 39  LEU A O   1 
ATOM   281  C  CB  . LEU A 1 32 ? 2.052   -0.337  7.499   1.00 10.02  ? 39  LEU A CB  1 
ATOM   282  C  CG  . LEU A 1 32 ? 1.958   -1.235  6.265   1.00 10.18  ? 39  LEU A CG  1 
ATOM   283  C  CD1 . LEU A 1 32 ? 2.558   -2.595  6.588   1.00 11.71  ? 39  LEU A CD1 1 
ATOM   284  C  CD2 . LEU A 1 32 ? 0.507   -1.359  5.842   1.00 11.81  ? 39  LEU A CD2 1 
ATOM   285  N  N   . ASN A 1 33 ? 4.969   0.343   6.064   1.00 10.68  ? 40  ASN A N   1 
ATOM   286  C  CA  . ASN A 1 33 ? 5.513   0.963   4.894   1.00 11.15  ? 40  ASN A CA  1 
ATOM   287  C  C   . ASN A 1 33 ? 5.432   -0.038  3.752   1.00 11.53  ? 40  ASN A C   1 
ATOM   288  O  O   . ASN A 1 33 ? 5.924   -1.165  3.879   1.00 12.73  ? 40  ASN A O   1 
ATOM   289  C  CB  . ASN A 1 33 ? 6.940   1.400   5.183   1.00 11.49  ? 40  ASN A CB  1 
ATOM   290  C  CG  . ASN A 1 33 ? 7.662   1.866   3.961   1.00 15.01  ? 40  ASN A CG  1 
ATOM   291  O  OD1 . ASN A 1 33 ? 7.131   2.626   3.132   1.00 19.22  ? 40  ASN A OD1 1 
ATOM   292  N  ND2 . ASN A 1 33 ? 8.897   1.417   3.832   1.00 14.96  ? 40  ASN A ND2 1 
ATOM   293  N  N   . ILE A 1 34 ? 4.758   0.359   2.676   1.00 9.89   ? 41  ILE A N   1 
ATOM   294  C  CA  . ILE A 1 34 ? 4.637   -0.491  1.497   1.00 10.92  ? 41  ILE A CA  1 
ATOM   295  C  C   . ILE A 1 34 ? 5.435   0.193   0.413   1.00 10.83  ? 41  ILE A C   1 
ATOM   296  O  O   . ILE A 1 34 ? 5.287   1.390   0.187   1.00 10.79  ? 41  ILE A O   1 
ATOM   297  C  CB  . ILE A 1 34 ? 3.181   -0.620  1.016   1.00 10.78  ? 41  ILE A CB  1 
ATOM   298  C  CG1 . ILE A 1 34 ? 2.255   -1.055  2.151   1.00 12.06  ? 41  ILE A CG1 1 
ATOM   299  C  CG2 . ILE A 1 34 ? 3.085   -1.608  -0.172  1.00 11.85  ? 41  ILE A CG2 1 
ATOM   300  C  CD1 . ILE A 1 34 ? 0.761   -0.690  1.885   1.00 17.40  ? 41  ILE A CD1 1 
ATOM   301  N  N   . VAL A 1 35 ? 6.292   -0.564  -0.256  1.00 11.14  ? 42  VAL A N   1 
ATOM   302  C  CA  . VAL A 1 35 ? 7.157   0.021   -1.267  1.00 12.11  ? 42  VAL A CA  1 
ATOM   303  C  C   . VAL A 1 35 ? 7.024   -0.770  -2.577  1.00 12.56  ? 42  VAL A C   1 
ATOM   304  O  O   . VAL A 1 35 ? 6.975   -1.996  -2.564  1.00 11.14  ? 42  VAL A O   1 
ATOM   305  C  CB  . VAL A 1 35 ? 8.622   -0.002  -0.803  1.00 12.31  ? 42  VAL A CB  1 
ATOM   306  C  CG1 . VAL A 1 35 ? 9.545   0.551   -1.886  1.00 14.07  ? 42  VAL A CG1 1 
ATOM   307  C  CG2 . VAL A 1 35 ? 8.800   0.792   0.488   1.00 14.29  ? 42  VAL A CG2 1 
ATOM   308  N  N   . GLU A 1 36 ? 6.941   -0.047  -3.686  1.00 13.49  ? 43  GLU A N   1 
ATOM   309  C  CA  . GLU A 1 36 ? 7.056   -0.626  -5.012  1.00 14.66  ? 43  GLU A CA  1 
ATOM   310  C  C   . GLU A 1 36 ? 8.310   -0.040  -5.633  1.00 15.42  ? 43  GLU A C   1 
ATOM   311  O  O   . GLU A 1 36 ? 8.471   1.185   -5.709  1.00 15.66  ? 43  GLU A O   1 
ATOM   312  C  CB  . GLU A 1 36 ? 5.835   -0.299  -5.871  1.00 14.48  ? 43  GLU A CB  1 
ATOM   313  C  CG  . GLU A 1 36 ? 5.942   -0.765  -7.347  1.00 16.39  ? 43  GLU A CG  1 
ATOM   314  C  CD  . GLU A 1 36 ? 4.951   -0.066  -8.288  1.00 19.70  ? 43  GLU A CD  1 
ATOM   315  O  OE1 . GLU A 1 36 ? 3.919   0.463   -7.823  1.00 17.76  ? 43  GLU A OE1 1 
ATOM   316  O  OE2 . GLU A 1 36 ? 5.198   -0.052  -9.518  1.00 20.49  ? 43  GLU A OE2 1 
ATOM   317  N  N   . SER A 1 37 ? 9.201   -0.930  -6.055  1.00 15.89  ? 44  SER A N   1 
ATOM   318  C  CA  . SER A 1 37 ? 10.399  -0.549  -6.772  1.00 16.34  ? 44  SER A CA  1 
ATOM   319  C  C   . SER A 1 37 ? 10.186  -1.010  -8.220  1.00 18.09  ? 44  SER A C   1 
ATOM   320  O  O   . SER A 1 37 ? 10.032  -2.208  -8.475  1.00 16.80  ? 44  SER A O   1 
ATOM   321  C  CB  . SER A 1 37 ? 11.608  -1.230  -6.124  1.00 16.20  ? 44  SER A CB  1 
ATOM   322  O  OG  . SER A 1 37 ? 12.813  -0.859  -6.774  1.00 18.65  ? 44  SER A OG  1 
ATOM   323  N  N   . LYS A 1 38 ? 10.146  -0.058  -9.152  1.00 18.86  ? 45  LYS A N   1 
ATOM   324  C  CA  . LYS A 1 38 ? 9.865   -0.356  -10.562 1.00 22.14  ? 45  LYS A CA  1 
ATOM   325  C  C   . LYS A 1 38 ? 11.064  -0.053  -11.446 1.00 23.38  ? 45  LYS A C   1 
ATOM   326  O  O   . LYS A 1 38 ? 11.562  1.069   -11.461 1.00 24.30  ? 45  LYS A O   1 
ATOM   327  C  CB  . LYS A 1 38 ? 8.641   0.418   -11.072 1.00 22.13  ? 45  LYS A CB  1 
ATOM   328  C  CG  . LYS A 1 38 ? 8.114   -0.133  -12.403 1.00 24.58  ? 45  LYS A CG  1 
ATOM   329  C  CD  . LYS A 1 38 ? 7.318   0.882   -13.192 1.00 28.55  ? 45  LYS A CD  1 
ATOM   330  C  CE  . LYS A 1 38 ? 6.709   0.218   -14.421 1.00 27.46  ? 45  LYS A CE  1 
ATOM   331  N  NZ  . LYS A 1 38 ? 5.959   1.157   -15.282 1.00 32.10  ? 45  LYS A NZ  1 
ATOM   332  N  N   . ARG A 1 39 ? 11.538  -1.061  -12.173 1.00 25.66  ? 46  ARG A N   1 
ATOM   333  C  CA  . ARG A 1 39 ? 12.618  -0.862  -13.133 1.00 27.28  ? 46  ARG A CA  1 
ATOM   334  C  C   . ARG A 1 39 ? 12.063  -0.200  -14.385 1.00 29.05  ? 46  ARG A C   1 
ATOM   335  O  O   . ARG A 1 39 ? 11.154  -0.734  -15.023 1.00 29.41  ? 46  ARG A O   1 
ATOM   336  C  CB  . ARG A 1 39 ? 13.268  -2.197  -13.496 1.00 27.07  ? 46  ARG A CB  1 
ATOM   337  C  CG  . ARG A 1 39 ? 14.606  -2.052  -14.187 1.00 25.76  ? 46  ARG A CG  1 
ATOM   338  C  CD  . ARG A 1 39 ? 15.151  -3.411  -14.562 1.00 26.57  ? 46  ARG A CD  1 
ATOM   339  N  NE  . ARG A 1 39 ? 16.468  -3.320  -15.193 1.00 24.82  ? 46  ARG A NE  1 
ATOM   340  C  CZ  . ARG A 1 39 ? 16.689  -2.980  -16.461 1.00 25.70  ? 46  ARG A CZ  1 
ATOM   341  N  NH1 . ARG A 1 39 ? 15.687  -2.655  -17.273 1.00 23.06  ? 46  ARG A NH1 1 
ATOM   342  N  NH2 . ARG A 1 39 ? 17.938  -2.942  -16.912 1.00 25.84  ? 46  ARG A NH2 1 
ATOM   343  N  N   . SER A 1 40 ? 12.611  0.945   -14.739 1.00 31.33  ? 47  SER A N   1 
ATOM   344  C  CA  . SER A 1 40 ? 12.191  1.636   -15.942 1.00 34.67  ? 47  SER A CA  1 
ATOM   345  C  C   . SER A 1 40 ? 12.788  0.963   -17.170 1.00 36.27  ? 47  SER A C   1 
ATOM   346  O  O   . SER A 1 40 ? 13.765  0.235   -17.062 1.00 35.98  ? 47  SER A O   1 
ATOM   347  C  CB  . SER A 1 40 ? 12.621  3.094   -15.887 1.00 34.69  ? 47  SER A CB  1 
ATOM   348  O  OG  . SER A 1 40 ? 13.981  3.226   -16.228 1.00 37.72  ? 47  SER A OG  1 
ATOM   349  N  N   . PRO A 1 41 ? 12.190  1.211   -18.333 1.00 38.29  ? 48  PRO A N   1 
ATOM   350  C  CA  . PRO A 1 41 ? 12.676  0.635   -19.592 1.00 39.50  ? 48  PRO A CA  1 
ATOM   351  C  C   . PRO A 1 41 ? 14.173  0.834   -19.705 1.00 40.43  ? 48  PRO A C   1 
ATOM   352  O  O   . PRO A 1 41 ? 14.907  -0.116  -19.919 1.00 41.99  ? 48  PRO A O   1 
ATOM   353  C  CB  . PRO A 1 41 ? 11.924  1.435   -20.635 1.00 39.44  ? 48  PRO A CB  1 
ATOM   354  C  CG  . PRO A 1 41 ? 10.638  1.733   -19.975 1.00 39.35  ? 48  PRO A CG  1 
ATOM   355  C  CD  . PRO A 1 41 ? 10.980  2.018   -18.549 1.00 38.42  ? 48  PRO A CD  1 
ATOM   356  N  N   . SER A 1 42 ? 14.617  2.063   -19.533 1.00 40.41  ? 49  SER A N   1 
ATOM   357  C  CA  . SER A 1 42 ? 16.032  2.334   -19.318 1.00 40.72  ? 49  SER A CA  1 
ATOM   358  C  C   . SER A 1 42 ? 17.050  1.813   -18.307 1.00 40.49  ? 49  SER A C   1 
ATOM   359  O  O   . SER A 1 42 ? 18.252  2.030   -18.468 1.00 41.05  ? 49  SER A O   1 
ATOM   360  C  CB  . SER A 1 42 ? 15.611  3.765   -18.955 1.00 41.03  ? 49  SER A CB  1 
ATOM   361  O  OG  . SER A 1 42 ? 16.537  4.378   -18.073 1.00 42.16  ? 49  SER A OG  1 
ATOM   362  N  N   . GLY A 1 43 ? 16.562  1.139   -17.264 1.00 39.36  ? 50  GLY A N   1 
ATOM   363  C  CA  . GLY A 1 43 ? 17.434  0.554   -16.239 1.00 38.10  ? 50  GLY A CA  1 
ATOM   364  C  C   . GLY A 1 43 ? 17.516  1.339   -14.936 1.00 37.47  ? 50  GLY A C   1 
ATOM   365  O  O   . GLY A 1 43 ? 18.189  0.919   -13.992 1.00 37.21  ? 50  GLY A O   1 
ATOM   366  N  N   . ASP A 1 44 ? 16.850  2.489   -14.884 1.00 36.72  ? 51  ASP A N   1 
ATOM   367  C  CA  . ASP A 1 44 ? 16.733  3.230   -13.635 1.00 36.41  ? 51  ASP A CA  1 
ATOM   368  C  C   . ASP A 1 44 ? 15.580  2.649   -12.825 1.00 35.18  ? 51  ASP A C   1 
ATOM   369  O  O   . ASP A 1 44 ? 14.593  2.180   -13.387 1.00 35.12  ? 51  ASP A O   1 
ATOM   370  C  CB  . ASP A 1 44 ? 16.492  4.718   -13.900 1.00 37.07  ? 51  ASP A CB  1 
ATOM   371  C  CG  . ASP A 1 44 ? 17.655  5.382   -14.615 1.00 39.44  ? 51  ASP A CG  1 
ATOM   372  O  OD1 . ASP A 1 44 ? 18.828  5.118   -14.256 1.00 42.24  ? 51  ASP A OD1 1 
ATOM   373  O  OD2 . ASP A 1 44 ? 17.393  6.178   -15.538 1.00 42.69  ? 51  ASP A OD2 1 
ATOM   374  N  N   . PHE A 1 45 ? 15.709  2.679   -11.509 1.00 33.91  ? 52  PHE A N   1 
ATOM   375  C  CA  . PHE A 1 45 ? 14.679  2.139   -10.649 1.00 32.81  ? 52  PHE A CA  1 
ATOM   376  C  C   . PHE A 1 45 ? 13.904  3.251   -9.968  1.00 31.35  ? 52  PHE A C   1 
ATOM   377  O  O   . PHE A 1 45 ? 14.494  4.034   -9.218  1.00 32.91  ? 52  PHE A O   1 
ATOM   378  C  CB  . PHE A 1 45 ? 15.299  1.221   -9.594  1.00 33.04  ? 52  PHE A CB  1 
ATOM   379  C  CG  . PHE A 1 45 ? 15.891  -0.037  -10.158 1.00 34.94  ? 52  PHE A CG  1 
ATOM   380  C  CD1 . PHE A 1 45 ? 15.127  -1.196  -10.252 1.00 34.42  ? 52  PHE A CD1 1 
ATOM   381  C  CD2 . PHE A 1 45 ? 17.214  -0.067  -10.594 1.00 35.51  ? 52  PHE A CD2 1 
ATOM   382  C  CE1 . PHE A 1 45 ? 15.669  -2.375  -10.767 1.00 35.27  ? 52  PHE A CE1 1 
ATOM   383  C  CE2 . PHE A 1 45 ? 17.766  -1.239  -11.113 1.00 35.86  ? 52  PHE A CE2 1 
ATOM   384  C  CZ  . PHE A 1 45 ? 16.991  -2.394  -11.203 1.00 35.02  ? 52  PHE A CZ  1 
ATOM   385  N  N   . GLU A 1 46 ? 12.601  3.339   -10.251 1.00 29.31  ? 53  GLU A N   1 
ATOM   386  C  CA  A GLU A 1 46 ? 11.729  4.288   -9.565  0.25 28.67  ? 53  GLU A CA  1 
ATOM   387  C  CA  B GLU A 1 46 ? 11.709  4.285   -9.571  0.25 28.60  ? 53  GLU A CA  1 
ATOM   388  C  CA  C GLU A 1 46 ? 11.754  4.294   -9.542  0.50 28.39  ? 53  GLU A CA  1 
ATOM   389  C  C   . GLU A 1 46 ? 11.168  3.648   -8.292  1.00 27.84  ? 53  GLU A C   1 
ATOM   390  O  O   . GLU A 1 46 ? 10.849  2.459   -8.277  1.00 27.50  ? 53  GLU A O   1 
ATOM   391  C  CB  A GLU A 1 46 ? 10.607  4.764   -10.491 0.25 29.03  ? 53  GLU A CB  1 
ATOM   392  C  CB  B GLU A 1 46 ? 10.542  4.690   -10.477 0.25 28.93  ? 53  GLU A CB  1 
ATOM   393  C  CB  C GLU A 1 46 ? 10.691  4.937   -10.441 0.50 28.67  ? 53  GLU A CB  1 
ATOM   394  C  CG  A GLU A 1 46 ? 10.998  5.914   -11.428 0.25 30.54  ? 53  GLU A CG  1 
ATOM   395  C  CG  B GLU A 1 46 ? 10.935  5.442   -11.740 0.25 29.95  ? 53  GLU A CG  1 
ATOM   396  C  CG  C GLU A 1 46 ? 9.676   4.011   -11.092 0.50 28.71  ? 53  GLU A CG  1 
ATOM   397  C  CD  A GLU A 1 46 ? 11.988  5.504   -12.510 0.25 31.53  ? 53  GLU A CD  1 
ATOM   398  C  CD  B GLU A 1 46 ? 11.483  4.529   -12.816 0.25 31.33  ? 53  GLU A CD  1 
ATOM   399  C  CD  C GLU A 1 46 ? 8.647   4.784   -11.896 0.50 28.37  ? 53  GLU A CD  1 
ATOM   400  O  OE1 A GLU A 1 46 ? 12.353  4.311   -12.570 0.25 32.79  ? 53  GLU A OE1 1 
ATOM   401  O  OE1 B GLU A 1 46 ? 10.799  3.540   -13.163 0.25 30.99  ? 53  GLU A OE1 1 
ATOM   402  O  OE1 C GLU A 1 46 ? 9.033   5.782   -12.540 0.50 31.01  ? 53  GLU A OE1 1 
ATOM   403  O  OE2 A GLU A 1 46 ? 12.399  6.376   -13.306 0.25 31.84  ? 53  GLU A OE2 1 
ATOM   404  O  OE2 B GLU A 1 46 ? 12.600  4.802   -13.312 0.25 31.71  ? 53  GLU A OE2 1 
ATOM   405  O  OE2 C GLU A 1 46 ? 7.458   4.410   -11.879 0.50 25.91  ? 53  GLU A OE2 1 
ATOM   406  N  N   . ARG A 1 47 ? 11.069  4.430   -7.227  1.00 25.40  ? 54  ARG A N   1 
ATOM   407  C  CA  . ARG A 1 47 ? 10.635  3.898   -5.951  1.00 23.11  ? 54  ARG A CA  1 
ATOM   408  C  C   . ARG A 1 47 ? 9.413   4.672   -5.460  1.00 21.37  ? 54  ARG A C   1 
ATOM   409  O  O   . ARG A 1 47 ? 9.386   5.890   -5.530  1.00 21.11  ? 54  ARG A O   1 
ATOM   410  C  CB  . ARG A 1 47 ? 11.790  3.982   -4.965  1.00 23.69  ? 54  ARG A CB  1 
ATOM   411  C  CG  . ARG A 1 47 ? 11.666  3.103   -3.755  1.00 22.92  ? 54  ARG A CG  1 
ATOM   412  C  CD  . ARG A 1 47 ? 12.897  3.279   -2.883  1.00 23.50  ? 54  ARG A CD  1 
ATOM   413  N  NE  . ARG A 1 47 ? 12.897  2.408   -1.713  1.00 23.47  ? 54  ARG A NE  1 
ATOM   414  C  CZ  . ARG A 1 47 ? 12.253  2.666   -0.578  1.00 26.81  ? 54  ARG A CZ  1 
ATOM   415  N  NH1 . ARG A 1 47 ? 11.531  3.779   -0.443  1.00 20.45  ? 54  ARG A NH1 1 
ATOM   416  N  NH2 . ARG A 1 47 ? 12.332  1.799   0.426   1.00 26.71  ? 54  ARG A NH2 1 
ATOM   417  N  N   . HIS A 1 48 ? 8.397   3.942   -5.015  1.00 18.62  ? 55  HIS A N   1 
ATOM   418  C  CA  . HIS A 1 48 ? 7.133   4.513   -4.582  1.00 17.56  ? 55  HIS A CA  1 
ATOM   419  C  C   . HIS A 1 48 ? 6.816   3.927   -3.217  1.00 16.56  ? 55  HIS A C   1 
ATOM   420  O  O   . HIS A 1 48 ? 6.862   2.713   -3.034  1.00 15.71  ? 55  HIS A O   1 
ATOM   421  C  CB  . HIS A 1 48 ? 6.036   4.165   -5.581  1.00 17.60  ? 55  HIS A CB  1 
ATOM   422  C  CG  . HIS A 1 48 ? 6.403   4.492   -6.995  1.00 20.24  ? 55  HIS A CG  1 
ATOM   423  N  ND1 . HIS A 1 48 ? 6.272   5.760   -7.520  1.00 22.45  ? 55  HIS A ND1 1 
ATOM   424  C  CD2 . HIS A 1 48 ? 6.942   3.731   -7.977  1.00 22.30  ? 55  HIS A CD2 1 
ATOM   425  C  CE1 . HIS A 1 48 ? 6.689   5.761   -8.775  1.00 25.73  ? 55  HIS A CE1 1 
ATOM   426  N  NE2 . HIS A 1 48 ? 7.107   4.544   -9.074  1.00 25.57  ? 55  HIS A NE2 1 
ATOM   427  N  N   . SER A 1 49 ? 6.497   4.792   -2.261  1.00 13.87  ? 56  SER A N   1 
ATOM   428  C  CA  . SER A 1 49 ? 6.485   4.387   -0.876  1.00 13.43  ? 56  SER A CA  1 
ATOM   429  C  C   . SER A 1 49 ? 5.278   5.004   -0.185  1.00 13.44  ? 56  SER A C   1 
ATOM   430  O  O   . SER A 1 49 ? 5.071   6.228   -0.257  1.00 12.75  ? 56  SER A O   1 
ATOM   431  C  CB  . SER A 1 49 ? 7.787   4.878   -0.224  1.00 12.28  ? 56  SER A CB  1 
ATOM   432  O  OG  . SER A 1 49 ? 7.867   4.535   1.141   1.00 14.87  ? 56  SER A OG  1 
ATOM   433  N  N   . ILE A 1 50 ? 4.524   4.155   0.510   1.00 13.11  ? 57  ILE A N   1 
ATOM   434  C  CA  . ILE A 1 50 ? 3.336   4.583   1.244   1.00 13.16  ? 57  ILE A CA  1 
ATOM   435  C  C   . ILE A 1 50 ? 3.487   4.246   2.724   1.00 12.89  ? 57  ILE A C   1 
ATOM   436  O  O   . ILE A 1 50 ? 4.011   3.182   3.072   1.00 12.92  ? 57  ILE A O   1 
ATOM   437  C  CB  . ILE A 1 50 ? 2.075   3.928   0.642   1.00 12.86  ? 57  ILE A CB  1 
ATOM   438  C  CG1 . ILE A 1 50 ? 1.766   4.580   -0.719  1.00 12.10  ? 57  ILE A CG1 1 
ATOM   439  C  CG2 . ILE A 1 50 ? 0.870   4.026   1.610   1.00 14.50  ? 57  ILE A CG2 1 
ATOM   440  C  CD1 . ILE A 1 50 ? 0.638   3.897   -1.527  1.00 14.02  ? 57  ILE A CD1 1 
ATOM   441  N  N   . PHE A 1 51 ? 3.036   5.151   3.591   1.00 10.42  ? 58  PHE A N   1 
ATOM   442  C  CA  . PHE A 1 51 ? 3.082   4.927   5.022   1.00 10.38  ? 58  PHE A CA  1 
ATOM   443  C  C   . PHE A 1 51 ? 1.676   4.930   5.590   1.00 9.72   ? 58  PHE A C   1 
ATOM   444  O  O   . PHE A 1 51 ? 0.840   5.753   5.189   1.00 9.45   ? 58  PHE A O   1 
ATOM   445  C  CB  . PHE A 1 51 ? 3.883   6.032   5.721   1.00 10.99  ? 58  PHE A CB  1 
ATOM   446  C  CG  . PHE A 1 51 ? 5.364   5.964   5.465   1.00 14.05  ? 58  PHE A CG  1 
ATOM   447  C  CD1 . PHE A 1 51 ? 6.150   5.008   6.075   1.00 18.84  ? 58  PHE A CD1 1 
ATOM   448  C  CD2 . PHE A 1 51 ? 5.966   6.863   4.617   1.00 19.02  ? 58  PHE A CD2 1 
ATOM   449  C  CE1 . PHE A 1 51 ? 7.544   4.953   5.832   1.00 21.21  ? 58  PHE A CE1 1 
ATOM   450  C  CE2 . PHE A 1 51 ? 7.353   6.807   4.365   1.00 21.98  ? 58  PHE A CE2 1 
ATOM   451  C  CZ  . PHE A 1 51 ? 8.130   5.853   4.977   1.00 16.19  ? 58  PHE A CZ  1 
ATOM   452  N  N   . VAL A 1 52 ? 1.424   4.022   6.518   1.00 9.19   ? 59  VAL A N   1 
ATOM   453  C  CA  . VAL A 1 52 ? 0.135   3.955   7.216   1.00 9.37   ? 59  VAL A CA  1 
ATOM   454  C  C   . VAL A 1 52 ? 0.445   3.849   8.688   1.00 11.23  ? 59  VAL A C   1 
ATOM   455  O  O   . VAL A 1 52 ? 1.258   3.011   9.108   1.00 10.89  ? 59  VAL A O   1 
ATOM   456  C  CB  . VAL A 1 52 ? -0.750  2.753   6.778   1.00 9.12   ? 59  VAL A CB  1 
ATOM   457  C  CG1 . VAL A 1 52 ? -2.159  2.821   7.452   1.00 8.60   ? 59  VAL A CG1 1 
ATOM   458  C  CG2 . VAL A 1 52 ? -0.898  2.717   5.267   1.00 6.03   ? 59  VAL A CG2 1 
ATOM   459  N  N   . TYR A 1 53 ? -0.194  4.706   9.482   1.00 12.20  ? 60  TYR A N   1 
ATOM   460  C  CA  . TYR A 1 53 ? 0.088   4.755   10.918  1.00 13.03  ? 60  TYR A CA  1 
ATOM   461  C  C   . TYR A 1 53 ? -0.913  3.938   11.751  1.00 14.43  ? 60  TYR A C   1 
ATOM   462  O  O   . TYR A 1 53 ? -1.979  3.571   11.263  1.00 13.90  ? 60  TYR A O   1 
ATOM   463  C  CB  . TYR A 1 53 ? 0.264   6.234   11.363  1.00 13.31  ? 60  TYR A CB  1 
ATOM   464  C  CG  . TYR A 1 53 ? 1.450   6.827   10.646  1.00 11.30  ? 60  TYR A CG  1 
ATOM   465  C  CD1 . TYR A 1 53 ? 2.753   6.600   11.106  1.00 14.31  ? 60  TYR A CD1 1 
ATOM   466  C  CD2 . TYR A 1 53 ? 1.283   7.541   9.454   1.00 13.60  ? 60  TYR A CD2 1 
ATOM   467  C  CE1 . TYR A 1 53 ? 3.853   7.099   10.418  1.00 12.33  ? 60  TYR A CE1 1 
ATOM   468  C  CE2 . TYR A 1 53 ? 2.379   8.028   8.752   1.00 14.52  ? 60  TYR A CE2 1 
ATOM   469  C  CZ  . TYR A 1 53 ? 3.654   7.805   9.245   1.00 13.96  ? 60  TYR A CZ  1 
ATOM   470  O  OH  . TYR A 1 53 ? 4.719   8.308   8.552   1.00 17.02  ? 60  TYR A OH  1 
ATOM   471  N  N   . GLU A 1 54 ? -0.539  3.624   12.992  1.00 16.02  ? 61  GLU A N   1 
ATOM   472  C  CA  . GLU A 1 54 ? -1.326  2.742   13.863  1.00 17.06  ? 61  GLU A CA  1 
ATOM   473  C  C   . GLU A 1 54 ? -2.816  3.065   13.939  1.00 17.72  ? 61  GLU A C   1 
ATOM   474  O  O   . GLU A 1 54 ? -3.667  2.159   13.855  1.00 17.10  ? 61  GLU A O   1 
ATOM   475  C  CB  . GLU A 1 54 ? -0.754  2.759   15.280  1.00 18.41  ? 61  GLU A CB  1 
ATOM   476  C  CG  . GLU A 1 54 ? 0.138   1.600   15.601  1.00 19.74  ? 61  GLU A CG  1 
ATOM   477  C  CD  . GLU A 1 54 ? 0.631   1.644   17.037  1.00 24.00  ? 61  GLU A CD  1 
ATOM   478  O  OE1 . GLU A 1 54 ? -0.107  2.158   17.909  1.00 25.33  ? 61  GLU A OE1 1 
ATOM   479  O  OE2 . GLU A 1 54 ? 1.744   1.156   17.301  1.00 21.09  ? 61  GLU A OE2 1 
ATOM   480  N  N   . GLU A 1 55 ? -3.126  4.351   14.082  1.00 16.77  ? 62  GLU A N   1 
ATOM   481  C  CA  . GLU A 1 55 ? -4.502  4.783   14.278  1.00 17.63  ? 62  GLU A CA  1 
ATOM   482  C  C   . GLU A 1 55 ? -5.370  4.550   13.060  1.00 17.13  ? 62  GLU A C   1 
ATOM   483  O  O   . GLU A 1 55 ? -6.592  4.587   13.171  1.00 17.91  ? 62  GLU A O   1 
ATOM   484  C  CB  . GLU A 1 55 ? -4.583  6.255   14.698  1.00 17.70  ? 62  GLU A CB  1 
ATOM   485  C  CG  . GLU A 1 55 ? -4.142  7.249   13.642  1.00 16.45  ? 62  GLU A CG  1 
ATOM   486  C  CD  . GLU A 1 55 ? -2.671  7.619   13.770  1.00 18.31  ? 62  GLU A CD  1 
ATOM   487  O  OE1 . GLU A 1 55 ? -1.839  6.738   14.104  1.00 18.98  ? 62  GLU A OE1 1 
ATOM   488  O  OE2 . GLU A 1 55 ? -2.354  8.805   13.545  1.00 21.65  ? 62  GLU A OE2 1 
ATOM   489  N  N   . ASN A 1 56 ? -4.757  4.312   11.901  1.00 14.48  ? 63  ASN A N   1 
ATOM   490  C  CA  . ASN A 1 56 ? -5.534  4.022   10.693  1.00 14.04  ? 63  ASN A CA  1 
ATOM   491  C  C   . ASN A 1 56 ? -5.394  2.589   10.167  1.00 13.28  ? 63  ASN A C   1 
ATOM   492  O  O   . ASN A 1 56 ? -5.907  2.302   9.096   1.00 13.20  ? 63  ASN A O   1 
ATOM   493  C  CB  . ASN A 1 56 ? -5.166  4.974   9.552   1.00 13.72  ? 63  ASN A CB  1 
ATOM   494  C  CG  . ASN A 1 56 ? -5.335  6.435   9.921   1.00 16.39  ? 63  ASN A CG  1 
ATOM   495  O  OD1 . ASN A 1 56 ? -4.423  7.233   9.722   1.00 15.18  ? 63  ASN A OD1 1 
ATOM   496  N  ND2 . ASN A 1 56 ? -6.507  6.790   10.455  1.00 13.49  ? 63  ASN A ND2 1 
HETATM 497  N  N   . MSE A 1 57 ? -4.706  1.718   10.908  1.00 13.11  ? 64  MSE A N   1 
HETATM 498  C  CA  . MSE A 1 57 ? -4.374  0.365   10.422  1.00 13.56  ? 64  MSE A CA  1 
HETATM 499  C  C   . MSE A 1 57 ? -5.613  -0.489  10.106  1.00 14.55  ? 64  MSE A C   1 
HETATM 500  O  O   . MSE A 1 57 ? -5.695  -1.094  9.043   1.00 13.01  ? 64  MSE A O   1 
HETATM 501  C  CB  . MSE A 1 57 ? -3.515  -0.368  11.444  1.00 13.42  ? 64  MSE A CB  1 
HETATM 502  C  CG  . MSE A 1 57 ? -2.715  -1.540  10.866  1.00 16.22  ? 64  MSE A CG  1 
HETATM 503  SE SE  . MSE A 1 57 ? -1.576  -1.015  9.350   1.00 17.58  ? 64  MSE A SE  1 
HETATM 504  C  CE  . MSE A 1 57 ? -0.692  0.558   10.184  1.00 17.06  ? 64  MSE A CE  1 
ATOM   505  N  N   . ASN A 1 58 ? -6.560  -0.555  11.039  1.00 15.04  ? 65  ASN A N   1 
ATOM   506  C  CA  . ASN A 1 58 ? -7.727  -1.422  10.839  1.00 17.59  ? 65  ASN A CA  1 
ATOM   507  C  C   . ASN A 1 58 ? -8.574  -0.977  9.662   1.00 16.89  ? 65  ASN A C   1 
ATOM   508  O  O   . ASN A 1 58 ? -9.013  -1.808  8.853   1.00 17.96  ? 65  ASN A O   1 
ATOM   509  C  CB  . ASN A 1 58 ? -8.566  -1.561  12.122  1.00 18.76  ? 65  ASN A CB  1 
ATOM   510  C  CG  . ASN A 1 58 ? -7.844  -2.312  13.228  1.00 22.90  ? 65  ASN A CG  1 
ATOM   511  O  OD1 . ASN A 1 58 ? -6.776  -2.893  13.033  1.00 28.62  ? 65  ASN A OD1 1 
ATOM   512  N  ND2 . ASN A 1 58 ? -8.434  -2.296  14.412  1.00 29.33  ? 65  ASN A ND2 1 
ATOM   513  N  N   . GLU A 1 59 ? -8.806  0.329   9.552   1.00 16.51  ? 66  GLU A N   1 
ATOM   514  C  CA  . GLU A 1 59 ? -9.557  0.866   8.436   1.00 16.14  ? 66  GLU A CA  1 
ATOM   515  C  C   . GLU A 1 59 ? -8.803  0.728   7.119   1.00 14.82  ? 66  GLU A C   1 
ATOM   516  O  O   . GLU A 1 59 ? -9.410  0.479   6.078   1.00 12.98  ? 66  GLU A O   1 
ATOM   517  C  CB  . GLU A 1 59 ? -9.920  2.338   8.666   1.00 17.78  ? 66  GLU A CB  1 
ATOM   518  C  CG  . GLU A 1 59 ? -10.852 2.909   7.621   1.00 20.70  ? 66  GLU A CG  1 
ATOM   519  C  CD  . GLU A 1 59 ? -11.266 4.341   7.919   1.00 27.07  ? 66  GLU A CD  1 
ATOM   520  O  OE1 . GLU A 1 59 ? -10.707 4.939   8.863   1.00 31.53  ? 66  GLU A OE1 1 
ATOM   521  O  OE2 . GLU A 1 59 ? -12.142 4.869   7.204   1.00 28.27  ? 66  GLU A OE2 1 
ATOM   522  N  N   . PHE A 1 60 ? -7.485  0.898   7.156   1.00 13.17  ? 67  PHE A N   1 
ATOM   523  C  CA  . PHE A 1 60 ? -6.710  0.734   5.926   1.00 12.93  ? 67  PHE A CA  1 
ATOM   524  C  C   . PHE A 1 60 ? -6.803  -0.711  5.454   1.00 12.97  ? 67  PHE A C   1 
ATOM   525  O  O   . PHE A 1 60 ? -7.036  -0.966  4.267   1.00 13.59  ? 67  PHE A O   1 
ATOM   526  C  CB  . PHE A 1 60 ? -5.250  1.162   6.137   1.00 12.27  ? 67  PHE A CB  1 
ATOM   527  C  CG  . PHE A 1 60 ? -4.386  0.975   4.931   1.00 11.84  ? 67  PHE A CG  1 
ATOM   528  C  CD1 . PHE A 1 60 ? -4.300  1.970   3.962   1.00 14.28  ? 67  PHE A CD1 1 
ATOM   529  C  CD2 . PHE A 1 60 ? -3.638  -0.200  4.767   1.00 13.06  ? 67  PHE A CD2 1 
ATOM   530  C  CE1 . PHE A 1 60 ? -3.494  1.796   2.825   1.00 14.05  ? 67  PHE A CE1 1 
ATOM   531  C  CE2 . PHE A 1 60 ? -2.815  -0.370  3.647   1.00 12.15  ? 67  PHE A CE2 1 
ATOM   532  C  CZ  . PHE A 1 60 ? -2.740  0.622   2.683   1.00 12.18  ? 67  PHE A CZ  1 
ATOM   533  N  N   . GLU A 1 61 ? -6.657  -1.649  6.386   1.00 13.83  ? 68  GLU A N   1 
ATOM   534  C  CA  . GLU A 1 61 ? -6.762  -3.076  6.058   1.00 16.07  ? 68  GLU A CA  1 
ATOM   535  C  C   . GLU A 1 61 ? -8.130  -3.414  5.432   1.00 16.27  ? 68  GLU A C   1 
ATOM   536  O  O   . GLU A 1 61 ? -8.198  -4.054  4.388   1.00 16.28  ? 68  GLU A O   1 
ATOM   537  C  CB  . GLU A 1 61 ? -6.556  -3.930  7.300   1.00 15.36  ? 68  GLU A CB  1 
ATOM   538  C  CG  . GLU A 1 61 ? -6.465  -5.402  7.000   1.00 19.82  ? 68  GLU A CG  1 
ATOM   539  C  CD  . GLU A 1 61 ? -6.436  -6.254  8.253   1.00 23.59  ? 68  GLU A CD  1 
ATOM   540  O  OE1 . GLU A 1 61 ? -7.123  -5.913  9.243   1.00 29.33  ? 68  GLU A OE1 1 
ATOM   541  O  OE2 . GLU A 1 61 ? -5.725  -7.275  8.252   1.00 26.27  ? 68  GLU A OE2 1 
ATOM   542  N  N   . SER A 1 62 ? -9.197  -2.980  6.099   1.00 16.94  ? 69  SER A N   1 
ATOM   543  C  CA  A SER A 1 62 ? -10.559 -3.223  5.626   0.50 16.97  ? 69  SER A CA  1 
ATOM   544  C  CA  B SER A 1 62 ? -10.565 -3.209  5.628   0.50 17.17  ? 69  SER A CA  1 
ATOM   545  C  C   . SER A 1 62 ? -10.767 -2.698  4.211   1.00 17.05  ? 69  SER A C   1 
ATOM   546  O  O   . SER A 1 62 ? -11.316 -3.402  3.361   1.00 17.57  ? 69  SER A O   1 
ATOM   547  C  CB  A SER A 1 62 ? -11.581 -2.603  6.583   0.50 16.87  ? 69  SER A CB  1 
ATOM   548  C  CB  B SER A 1 62 ? -11.569 -2.540  6.568   0.50 17.14  ? 69  SER A CB  1 
ATOM   549  O  OG  A SER A 1 62 ? -12.902 -2.934  6.191   0.50 17.73  ? 69  SER A OG  1 
ATOM   550  O  OG  B SER A 1 62 ? -11.429 -3.037  7.882   0.50 19.28  ? 69  SER A OG  1 
ATOM   551  N  N   . ASN A 1 63 ? -10.322 -1.468  3.964   1.00 16.28  ? 70  ASN A N   1 
ATOM   552  C  CA  A ASN A 1 63 ? -10.468 -0.869  2.649   0.50 16.24  ? 70  ASN A CA  1 
ATOM   553  C  CA  B ASN A 1 63 ? -10.417 -0.820  2.648   0.50 16.30  ? 70  ASN A CA  1 
ATOM   554  C  C   . ASN A 1 63 ? -9.604  -1.524  1.576   1.00 16.49  ? 70  ASN A C   1 
ATOM   555  O  O   . ASN A 1 63 ? -10.025 -1.635  0.410   1.00 16.50  ? 70  ASN A O   1 
ATOM   556  C  CB  A ASN A 1 63 ? -10.230 0.638   2.733   0.50 16.31  ? 70  ASN A CB  1 
ATOM   557  C  CB  B ASN A 1 63 ? -9.935  0.634   2.733   0.50 16.32  ? 70  ASN A CB  1 
ATOM   558  C  CG  A ASN A 1 63 ? -11.394 1.360   3.385   0.50 16.37  ? 70  ASN A CG  1 
ATOM   559  C  CG  B ASN A 1 63 ? -11.074 1.633   2.747   0.50 16.65  ? 70  ASN A CG  1 
ATOM   560  O  OD1 A ASN A 1 63 ? -12.514 1.305   2.886   0.50 17.78  ? 70  ASN A OD1 1 
ATOM   561  O  OD1 B ASN A 1 63 ? -11.958 1.598   1.892   0.50 16.93  ? 70  ASN A OD1 1 
ATOM   562  N  ND2 A ASN A 1 63 ? -11.141 2.022   4.509   0.50 16.30  ? 70  ASN A ND2 1 
ATOM   563  N  ND2 B ASN A 1 63 ? -11.044 2.545   3.708   0.50 18.18  ? 70  ASN A ND2 1 
ATOM   564  N  N   . LEU A 1 64 ? -8.413  -1.960  1.957   1.00 15.82  ? 71  LEU A N   1 
ATOM   565  C  CA  . LEU A 1 64 ? -7.548  -2.660  1.033   1.00 17.27  ? 71  LEU A CA  1 
ATOM   566  C  C   . LEU A 1 64 ? -8.213  -3.987  0.643   1.00 15.96  ? 71  LEU A C   1 
ATOM   567  O  O   . LEU A 1 64 ? -8.337  -4.291  -0.534  1.00 16.17  ? 71  LEU A O   1 
ATOM   568  C  CB  . LEU A 1 64 ? -6.173  -2.908  1.662   1.00 18.16  ? 71  LEU A CB  1 
ATOM   569  C  CG  . LEU A 1 64 ? -5.247  -3.799  0.840   1.00 21.09  ? 71  LEU A CG  1 
ATOM   570  C  CD1 . LEU A 1 64 ? -4.467  -2.958  -0.128  1.00 25.14  ? 71  LEU A CD1 1 
ATOM   571  C  CD2 . LEU A 1 64 ? -4.331  -4.595  1.784   1.00 27.10  ? 71  LEU A CD2 1 
ATOM   572  N  N   . LEU A 1 65 ? -8.658  -4.745  1.636   1.00 15.42  ? 72  LEU A N   1 
ATOM   573  C  CA  . LEU A 1 65 ? -9.314  -6.039  1.385   1.00 17.36  ? 72  LEU A CA  1 
ATOM   574  C  C   . LEU A 1 65 ? -10.590 -5.935  0.543   1.00 18.38  ? 72  LEU A C   1 
ATOM   575  O  O   . LEU A 1 65 ? -10.858 -6.822  -0.285  1.00 18.41  ? 72  LEU A O   1 
ATOM   576  C  CB  . LEU A 1 65 ? -9.583  -6.778  2.695   1.00 18.36  ? 72  LEU A CB  1 
ATOM   577  C  CG  . LEU A 1 65 ? -8.365  -7.194  3.521   1.00 20.99  ? 72  LEU A CG  1 
ATOM   578  C  CD1 . LEU A 1 65 ? -8.821  -7.877  4.793   1.00 23.72  ? 72  LEU A CD1 1 
ATOM   579  C  CD2 . LEU A 1 65 ? -7.452  -8.106  2.714   1.00 25.77  ? 72  LEU A CD2 1 
ATOM   580  N  N   . LYS A 1 66 ? -11.352 -4.855  0.744   1.00 18.02  ? 73  LYS A N   1 
ATOM   581  C  CA  A LYS A 1 66 ? -12.553 -4.584  -0.053  0.50 18.25  ? 73  LYS A CA  1 
ATOM   582  C  CA  B LYS A 1 66 ? -12.549 -4.572  -0.061  0.50 18.37  ? 73  LYS A CA  1 
ATOM   583  C  C   . LYS A 1 66 ? -12.228 -4.332  -1.534  1.00 18.43  ? 73  LYS A C   1 
ATOM   584  O  O   . LYS A 1 66 ? -12.928 -4.833  -2.418  1.00 17.88  ? 73  LYS A O   1 
ATOM   585  C  CB  A LYS A 1 66 ? -13.346 -3.411  0.548   0.50 18.74  ? 73  LYS A CB  1 
ATOM   586  C  CB  B LYS A 1 66 ? -13.329 -3.377  0.504   0.50 18.96  ? 73  LYS A CB  1 
ATOM   587  C  CG  A LYS A 1 66 ? -14.729 -3.180  -0.061  0.50 18.73  ? 73  LYS A CG  1 
ATOM   588  C  CG  B LYS A 1 66 ? -14.204 -3.722  1.690   0.50 19.48  ? 73  LYS A CG  1 
ATOM   589  C  CD  A LYS A 1 66 ? -15.405 -1.966  0.574   0.50 20.75  ? 73  LYS A CD  1 
ATOM   590  C  CD  B LYS A 1 66 ? -15.121 -2.569  2.105   0.50 22.64  ? 73  LYS A CD  1 
ATOM   591  C  CE  A LYS A 1 66 ? -16.461 -1.365  -0.348  0.50 20.83  ? 73  LYS A CE  1 
ATOM   592  C  CE  B LYS A 1 66 ? -15.832 -2.904  3.414   0.50 26.24  ? 73  LYS A CE  1 
ATOM   593  N  NZ  A LYS A 1 66 ? -16.308 0.119   -0.415  0.50 23.31  ? 73  LYS A NZ  1 
ATOM   594  N  NZ  B LYS A 1 66 ? -16.627 -1.771  3.975   0.50 27.80  ? 73  LYS A NZ  1 
ATOM   595  N  N   . ALA A 1 67 ? -11.175 -3.564  -1.813  1.00 16.94  ? 74  ALA A N   1 
ATOM   596  C  CA  . ALA A 1 67 ? -10.767 -3.329  -3.204  1.00 17.54  ? 74  ALA A CA  1 
ATOM   597  C  C   . ALA A 1 67 ? -10.236 -4.600  -3.853  1.00 17.54  ? 74  ALA A C   1 
ATOM   598  O  O   . ALA A 1 67 ? -10.505 -4.868  -5.031  1.00 18.43  ? 74  ALA A O   1 
ATOM   599  C  CB  . ALA A 1 67 ? -9.728  -2.231  -3.303  1.00 17.32  ? 74  ALA A CB  1 
ATOM   600  N  N   . ILE A 1 68 ? -9.459  -5.359  -3.089  1.00 16.29  ? 75  ILE A N   1 
ATOM   601  C  CA  . ILE A 1 68 ? -8.931  -6.641  -3.573  1.00 18.25  ? 75  ILE A CA  1 
ATOM   602  C  C   . ILE A 1 68 ? -10.068 -7.646  -3.859  1.00 18.10  ? 75  ILE A C   1 
ATOM   603  O  O   . ILE A 1 68 ? -10.011 -8.408  -4.832  1.00 18.79  ? 75  ILE A O   1 
ATOM   604  C  CB  . ILE A 1 68 ? -7.871  -7.205  -2.590  1.00 17.74  ? 75  ILE A CB  1 
ATOM   605  C  CG1 . ILE A 1 68 ? -6.614  -6.322  -2.629  1.00 18.16  ? 75  ILE A CG1 1 
ATOM   606  C  CG2 . ILE A 1 68 ? -7.497  -8.655  -2.933  1.00 19.51  ? 75  ILE A CG2 1 
ATOM   607  C  CD1 . ILE A 1 68 ? -5.560  -6.699  -1.588  1.00 16.93  ? 75  ILE A CD1 1 
ATOM   608  N  N   . ALA A 1 69 ? -11.099 -7.635  -3.021  1.00 18.28  ? 76  ALA A N   1 
ATOM   609  C  CA  . ALA A 1 69 ? -12.271 -8.494  -3.219  1.00 19.39  ? 76  ALA A CA  1 
ATOM   610  C  C   . ALA A 1 69 ? -12.997 -8.167  -4.524  1.00 20.02  ? 76  ALA A C   1 
ATOM   611  O  O   . ALA A 1 69 ? -13.516 -9.069  -5.187  1.00 20.15  ? 76  ALA A O   1 
ATOM   612  C  CB  . ALA A 1 69 ? -13.226 -8.398  -2.024  1.00 20.25  ? 76  ALA A CB  1 
ATOM   613  N  N   . VAL A 1 70 ? -13.021 -6.887  -4.902  1.00 21.26  ? 77  VAL A N   1 
ATOM   614  C  CA  . VAL A 1 70 ? -13.532 -6.475  -6.214  1.00 22.18  ? 77  VAL A CA  1 
ATOM   615  C  C   . VAL A 1 70 ? -12.771 -7.174  -7.335  1.00 22.67  ? 77  VAL A C   1 
ATOM   616  O  O   . VAL A 1 70 ? -13.383 -7.670  -8.277  1.00 22.79  ? 77  VAL A O   1 
ATOM   617  C  CB  . VAL A 1 70 ? -13.489 -4.932  -6.420  1.00 22.13  ? 77  VAL A CB  1 
ATOM   618  C  CG1 . VAL A 1 70 ? -13.719 -4.566  -7.867  1.00 23.42  ? 77  VAL A CG1 1 
ATOM   619  C  CG2 . VAL A 1 70 ? -14.528 -4.250  -5.550  1.00 24.35  ? 77  VAL A CG2 1 
ATOM   620  N  N   . ILE A 1 71 ? -11.443 -7.227  -7.230  1.00 23.00  ? 78  ILE A N   1 
ATOM   621  C  CA  . ILE A 1 71 ? -10.624 -7.872  -8.263  1.00 23.87  ? 78  ILE A CA  1 
ATOM   622  C  C   . ILE A 1 71 ? -10.839 -9.391  -8.266  1.00 25.67  ? 78  ILE A C   1 
ATOM   623  O  O   . ILE A 1 71 ? -10.956 -10.010 -9.329  1.00 25.17  ? 78  ILE A O   1 
ATOM   624  C  CB  . ILE A 1 71 ? -9.122  -7.529  -8.102  1.00 23.93  ? 78  ILE A CB  1 
ATOM   625  C  CG1 . ILE A 1 71 ? -8.903  -6.035  -8.367  1.00 24.34  ? 78  ILE A CG1 1 
ATOM   626  C  CG2 . ILE A 1 71 ? -8.268  -8.380  -9.027  1.00 23.45  ? 78  ILE A CG2 1 
ATOM   627  C  CD1 . ILE A 1 71 ? -7.512  -5.522  -8.063  1.00 23.14  ? 78  ILE A CD1 1 
ATOM   628  N  N   . LYS A 1 72 ? -10.911 -9.973  -7.072  1.00 27.26  ? 79  LYS A N   1 
ATOM   629  C  CA  . LYS A 1 72 ? -11.149 -11.409 -6.914  1.00 30.48  ? 79  LYS A CA  1 
ATOM   630  C  C   . LYS A 1 72 ? -12.438 -11.856 -7.575  1.00 32.00  ? 79  LYS A C   1 
ATOM   631  O  O   . LYS A 1 72 ? -12.485 -12.906 -8.204  1.00 32.30  ? 79  LYS A O   1 
ATOM   632  C  CB  . LYS A 1 72 ? -11.241 -11.776 -5.445  1.00 29.54  ? 79  LYS A CB  1 
ATOM   633  C  CG  . LYS A 1 72 ? -9.940  -11.953 -4.762  1.00 32.47  ? 79  LYS A CG  1 
ATOM   634  C  CD  . LYS A 1 72 ? -10.216 -12.071 -3.292  1.00 36.11  ? 79  LYS A CD  1 
ATOM   635  C  CE  . LYS A 1 72 ? -8.940  -12.021 -2.486  1.00 37.81  ? 79  LYS A CE  1 
ATOM   636  N  NZ  . LYS A 1 72 ? -9.303  -11.455 -1.167  1.00 38.16  ? 79  LYS A NZ  1 
ATOM   637  N  N   . GLN A 1 73 ? -13.488 -11.063 -7.410  1.00 34.47  ? 80  GLN A N   1 
ATOM   638  C  CA  . GLN A 1 73 ? -14.781 -11.424 -7.962  1.00 37.77  ? 80  GLN A CA  1 
ATOM   639  C  C   . GLN A 1 73 ? -14.872 -11.114 -9.459  1.00 39.08  ? 80  GLN A C   1 
ATOM   640  O  O   . GLN A 1 73 ? -15.724 -11.670 -10.155 1.00 39.53  ? 80  GLN A O   1 
ATOM   641  C  CB  . GLN A 1 73 ? -15.898 -10.699 -7.210  1.00 20.00  ? 80  GLN A CB  1 
ATOM   642  C  CG  . GLN A 1 73 ? -15.864 -9.186  -7.350  1.00 20.00  ? 80  GLN A CG  1 
ATOM   643  C  CD  . GLN A 1 73 ? -16.984 -8.504  -6.593  1.00 20.00  ? 80  GLN A CD  1 
ATOM   644  O  OE1 . GLN A 1 73 ? -17.569 -9.087  -5.679  1.00 20.00  ? 80  GLN A OE1 1 
ATOM   645  N  NE2 . GLN A 1 73 ? -17.286 -7.265  -6.970  1.00 20.00  ? 80  GLN A NE2 1 
ATOM   646  N  N   . LYS A 1 74 ? -13.991 -10.242 -9.947  1.00 40.23  ? 81  LYS A N   1 
ATOM   647  C  CA  . LYS A 1 74 ? -13.979 -9.856  -11.358 1.00 41.72  ? 81  LYS A CA  1 
ATOM   648  C  C   . LYS A 1 74 ? -12.959 -10.653 -12.177 1.00 42.61  ? 81  LYS A C   1 
ATOM   649  O  O   . LYS A 1 74 ? -12.733 -10.350 -13.345 1.00 43.34  ? 81  LYS A O   1 
ATOM   650  C  CB  . LYS A 1 74 ? -13.743 -8.343  -11.519 1.00 41.84  ? 81  LYS A CB  1 
ATOM   651  C  CG  . LYS A 1 74 ? -14.896 -7.437  -11.040 1.00 43.55  ? 81  LYS A CG  1 
ATOM   652  C  CD  . LYS A 1 74 ? -15.996 -7.300  -12.092 1.00 47.39  ? 81  LYS A CD  1 
ATOM   653  C  CE  . LYS A 1 74 ? -16.775 -5.990  -11.943 1.00 49.09  ? 81  LYS A CE  1 
ATOM   654  N  NZ  . LYS A 1 74 ? -17.674 -5.974  -10.748 1.00 50.77  ? 81  LYS A NZ  1 
ATOM   655  N  N   . VAL A 1 75 ? -12.341 -11.661 -11.567 1.00 43.56  ? 82  VAL A N   1 
ATOM   656  C  CA  . VAL A 1 75 ? -11.511 -12.610 -12.325 1.00 44.58  ? 82  VAL A CA  1 
ATOM   657  C  C   . VAL A 1 75 ? -12.158 -13.991 -12.358 1.00 44.98  ? 82  VAL A C   1 
ATOM   658  O  O   . VAL A 1 75 ? -11.794 -14.841 -13.175 1.00 46.44  ? 82  VAL A O   1 
ATOM   659  C  CB  . VAL A 1 75 ? -10.038 -12.715 -11.804 1.00 44.64  ? 82  VAL A CB  1 
ATOM   660  C  CG1 . VAL A 1 75 ? -9.336  -11.350 -11.829 1.00 44.83  ? 82  VAL A CG1 1 
ATOM   661  C  CG2 . VAL A 1 75 ? -9.968  -13.371 -10.412 1.00 44.40  ? 82  VAL A CG2 1 
ATOM   662  N  N   . GLU B 1 4  ? -11.639 3.400   -14.574 1.00 42.29  ? 11  GLU B N   1 
ATOM   663  C  CA  . GLU B 1 4  ? -11.729 2.968   -13.189 1.00 41.99  ? 11  GLU B CA  1 
ATOM   664  C  C   . GLU B 1 4  ? -12.928 2.072   -13.024 1.00 41.32  ? 11  GLU B C   1 
ATOM   665  O  O   . GLU B 1 4  ? -13.970 2.363   -13.549 1.00 42.29  ? 11  GLU B O   1 
ATOM   666  C  CB  . GLU B 1 4  ? -11.838 4.173   -12.251 1.00 42.32  ? 11  GLU B CB  1 
ATOM   667  C  CG  . GLU B 1 4  ? -10.538 4.581   -11.499 0.00 20.00  ? 11  GLU B CG  1 
ATOM   668  C  CD  . GLU B 1 4  ? -10.687 5.924   -10.704 0.00 20.00  ? 11  GLU B CD  1 
ATOM   669  O  OE1 . GLU B 1 4  ? -11.652 6.686   -10.952 0.00 20.00  ? 11  GLU B OE1 1 
ATOM   670  O  OE2 . GLU B 1 4  ? -9.855  6.207   -9.819  0.00 20.00  ? 11  GLU B OE2 1 
ATOM   671  N  N   . VAL B 1 5  ? -12.753 0.964   -12.328 1.00 38.94  ? 12  VAL B N   1 
ATOM   672  C  CA  . VAL B 1 5  ? -13.780 0.003   -12.043 1.00 36.90  ? 12  VAL B CA  1 
ATOM   673  C  C   . VAL B 1 5  ? -14.307 0.198   -10.643 1.00 34.79  ? 12  VAL B C   1 
ATOM   674  O  O   . VAL B 1 5  ? -15.441 -0.079  -10.375 1.00 34.64  ? 12  VAL B O   1 
ATOM   675  C  CB  . VAL B 1 5  ? -13.203 -1.419  -12.087 1.00 36.91  ? 12  VAL B CB  1 
ATOM   676  C  CG1 . VAL B 1 5  ? -14.115 -2.380  -11.510 1.00 38.13  ? 12  VAL B CG1 1 
ATOM   677  C  CG2 . VAL B 1 5  ? -12.862 -1.811  -13.415 1.00 38.71  ? 12  VAL B CG2 1 
ATOM   678  N  N   . TYR B 1 6  ? -13.446 0.640   -9.731  1.00 32.09  ? 13  TYR B N   1 
ATOM   679  C  CA  . TYR B 1 6  ? -13.809 0.849   -8.330  1.00 29.70  ? 13  TYR B CA  1 
ATOM   680  C  C   . TYR B 1 6  ? -12.862 1.913   -7.776  1.00 28.73  ? 13  TYR B C   1 
ATOM   681  O  O   . TYR B 1 6  ? -11.684 1.957   -8.139  1.00 27.16  ? 13  TYR B O   1 
ATOM   682  C  CB  . TYR B 1 6  ? -13.668 -0.468  -7.550  1.00 29.38  ? 13  TYR B CB  1 
ATOM   683  C  CG  . TYR B 1 6  ? -13.750 -0.380  -6.044  1.00 27.22  ? 13  TYR B CG  1 
ATOM   684  C  CD1 . TYR B 1 6  ? -14.942 -0.649  -5.373  1.00 25.75  ? 13  TYR B CD1 1 
ATOM   685  C  CD2 . TYR B 1 6  ? -12.618 -0.061  -5.278  1.00 27.33  ? 13  TYR B CD2 1 
ATOM   686  C  CE1 . TYR B 1 6  ? -15.015 -0.592  -3.980  1.00 26.00  ? 13  TYR B CE1 1 
ATOM   687  C  CE2 . TYR B 1 6  ? -12.683 0.010   -3.889  1.00 24.13  ? 13  TYR B CE2 1 
ATOM   688  C  CZ  . TYR B 1 6  ? -13.875 -0.258  -3.244  1.00 25.25  ? 13  TYR B CZ  1 
ATOM   689  O  OH  . TYR B 1 6  ? -13.930 -0.190  -1.870  1.00 23.12  ? 13  TYR B OH  1 
ATOM   690  N  N   . SER B 1 7  ? -13.384 2.781   -6.920  1.00 28.88  ? 14  SER B N   1 
ATOM   691  C  CA  . SER B 1 7  ? -12.557 3.810   -6.292  1.00 29.55  ? 14  SER B CA  1 
ATOM   692  C  C   . SER B 1 7  ? -13.157 4.221   -4.974  1.00 29.53  ? 14  SER B C   1 
ATOM   693  O  O   . SER B 1 7  ? -14.321 4.608   -4.902  1.00 30.13  ? 14  SER B O   1 
ATOM   694  C  CB  . SER B 1 7  ? -12.375 5.032   -7.192  1.00 30.17  ? 14  SER B CB  1 
ATOM   695  O  OG  . SER B 1 7  ? -11.481 5.958   -6.576  1.00 34.25  ? 14  SER B OG  1 
ATOM   696  N  N   . GLU B 1 8  ? -12.365 4.099   -3.919  1.00 28.27  ? 15  GLU B N   1 
ATOM   697  C  CA  . GLU B 1 8  ? -12.810 4.472   -2.599  1.00 27.75  ? 15  GLU B CA  1 
ATOM   698  C  C   . GLU B 1 8  ? -11.800 5.443   -2.026  1.00 26.31  ? 15  GLU B C   1 
ATOM   699  O  O   . GLU B 1 8  ? -10.591 5.219   -2.104  1.00 25.92  ? 15  GLU B O   1 
ATOM   700  C  CB  . GLU B 1 8  ? -12.962 3.237   -1.701  1.00 28.54  ? 15  GLU B CB  1 
ATOM   701  C  CG  . GLU B 1 8  ? -13.363 3.534   -0.243  1.00 32.23  ? 15  GLU B CG  1 
ATOM   702  C  CD  . GLU B 1 8  ? -14.850 3.902   -0.050  1.00 38.35  ? 15  GLU B CD  1 
ATOM   703  O  OE1 . GLU B 1 8  ? -15.574 4.153   -1.039  1.00 41.09  ? 15  GLU B OE1 1 
ATOM   704  O  OE2 . GLU B 1 8  ? -15.296 3.943   1.115   1.00 40.89  ? 15  GLU B OE2 1 
ATOM   705  N  N   . LYS B 1 9  ? -12.311 6.525   -1.461  1.00 24.26  ? 16  LYS B N   1 
ATOM   706  C  CA  . LYS B 1 9  ? -11.482 7.530   -0.839  1.00 22.52  ? 16  LYS B CA  1 
ATOM   707  C  C   . LYS B 1 9  ? -11.594 7.337   0.661   1.00 21.43  ? 16  LYS B C   1 
ATOM   708  O  O   . LYS B 1 9  ? -12.685 7.429   1.243   1.00 22.64  ? 16  LYS B O   1 
ATOM   709  C  CB  . LYS B 1 9  ? -11.948 8.919   -1.266  1.00 22.81  ? 16  LYS B CB  1 
ATOM   710  C  CG  . LYS B 1 9  ? -11.078 10.057  -0.817  1.00 21.49  ? 16  LYS B CG  1 
ATOM   711  C  CD  . LYS B 1 9  ? -11.565 11.326  -1.485  1.00 23.65  ? 16  LYS B CD  1 
ATOM   712  C  CE  . LYS B 1 9  ? -10.639 12.498  -1.209  1.00 26.40  ? 16  LYS B CE  1 
ATOM   713  N  NZ  . LYS B 1 9  ? -11.138 13.739  -1.893  1.00 28.63  ? 16  LYS B NZ  1 
HETATM 714  N  N   . MSE B 1 10 ? -10.465 7.033   1.281   1.00 18.32  ? 17  MSE B N   1 
HETATM 715  C  CA  . MSE B 1 10 ? -10.392 6.879   2.724   1.00 16.81  ? 17  MSE B CA  1 
HETATM 716  C  C   . MSE B 1 10 ? -9.744  8.099   3.359   1.00 16.72  ? 17  MSE B C   1 
HETATM 717  O  O   . MSE B 1 10 ? -8.508  8.227   3.393   1.00 14.73  ? 17  MSE B O   1 
HETATM 718  C  CB  . MSE B 1 10 ? -9.588  5.634   3.079   1.00 17.04  ? 17  MSE B CB  1 
HETATM 719  C  CG  . MSE B 1 10 ? -9.381  5.439   4.553   1.00 17.34  ? 17  MSE B CG  1 
HETATM 720  SE SE  . MSE B 1 10 ? -8.141  3.959   4.906   1.00 20.72  ? 17  MSE B SE  1 
HETATM 721  C  CE  . MSE B 1 10 ? -7.513  4.529   6.649   1.00 20.88  ? 17  MSE B CE  1 
ATOM   722  N  N   . PHE B 1 11 ? -10.580 9.009   3.853   1.00 16.01  ? 18  PHE B N   1 
ATOM   723  C  CA  . PHE B 1 11 ? -10.079 10.138  4.612   1.00 15.61  ? 18  PHE B CA  1 
ATOM   724  C  C   . PHE B 1 11 ? -9.565  9.657   5.964   1.00 14.59  ? 18  PHE B C   1 
ATOM   725  O  O   . PHE B 1 11 ? -9.893  8.568   6.428   1.00 15.27  ? 18  PHE B O   1 
ATOM   726  C  CB  . PHE B 1 11 ? -11.204 11.142  4.871   1.00 16.19  ? 18  PHE B CB  1 
ATOM   727  C  CG  . PHE B 1 11 ? -11.744 11.803  3.642   1.00 15.30  ? 18  PHE B CG  1 
ATOM   728  C  CD1 . PHE B 1 11 ? -11.148 12.944  3.137   1.00 18.56  ? 18  PHE B CD1 1 
ATOM   729  C  CD2 . PHE B 1 11 ? -12.883 11.300  3.011   1.00 19.78  ? 18  PHE B CD2 1 
ATOM   730  C  CE1 . PHE B 1 11 ? -11.665 13.588  2.013   1.00 20.44  ? 18  PHE B CE1 1 
ATOM   731  C  CE2 . PHE B 1 11 ? -13.402 11.919  1.883   1.00 19.59  ? 18  PHE B CE2 1 
ATOM   732  C  CZ  . PHE B 1 11 ? -12.795 13.073  1.382   1.00 20.38  ? 18  PHE B CZ  1 
ATOM   733  N  N   . THR B 1 12 ? -8.744  10.477  6.604   1.00 13.31  ? 19  THR B N   1 
ATOM   734  C  CA  . THR B 1 12 ? -8.381  10.240  7.984   1.00 12.47  ? 19  THR B CA  1 
ATOM   735  C  C   . THR B 1 12 ? -8.567  11.582  8.723   1.00 12.17  ? 19  THR B C   1 
ATOM   736  O  O   . THR B 1 12 ? -8.885  12.598  8.111   1.00 12.46  ? 19  THR B O   1 
ATOM   737  C  CB  . THR B 1 12 ? -6.906  9.751   8.160   1.00 12.31  ? 19  THR B CB  1 
ATOM   738  O  OG1 . THR B 1 12 ? -6.007  10.854  7.954   1.00 13.75  ? 19  THR B OG1 1 
ATOM   739  C  CG2 . THR B 1 12 ? -6.558  8.554   7.191   1.00 11.71  ? 19  THR B CG2 1 
ATOM   740  N  N   . GLU B 1 13 ? -8.338  11.571  10.022  1.00 12.30  ? 20  GLU B N   1 
ATOM   741  C  CA  . GLU B 1 13 ? -8.391  12.799  10.810  1.00 14.69  ? 20  GLU B CA  1 
ATOM   742  C  C   . GLU B 1 13 ? -7.142  13.678  10.668  1.00 14.78  ? 20  GLU B C   1 
ATOM   743  O  O   . GLU B 1 13 ? -7.104  14.787  11.215  1.00 12.96  ? 20  GLU B O   1 
ATOM   744  C  CB  . GLU B 1 13 ? -8.687  12.465  12.266  1.00 14.89  ? 20  GLU B CB  1 
ATOM   745  C  CG  . GLU B 1 13 ? -10.093 11.906  12.426  1.00 20.11  ? 20  GLU B CG  1 
ATOM   746  C  CD  . GLU B 1 13 ? -10.341 11.275  13.781  1.00 28.29  ? 20  GLU B CD  1 
ATOM   747  O  OE1 . GLU B 1 13 ? -9.766  11.730  14.788  1.00 35.32  ? 20  GLU B OE1 1 
ATOM   748  O  OE2 . GLU B 1 13 ? -11.131 10.313  13.848  1.00 34.29  ? 20  GLU B OE2 1 
ATOM   749  N  N   . SER B 1 14 ? -6.132  13.194  9.928   1.00 14.20  ? 21  SER B N   1 
ATOM   750  C  CA  . SER B 1 14 ? -4.968  14.019  9.597   1.00 13.44  ? 21  SER B CA  1 
ATOM   751  C  C   . SER B 1 14 ? -5.048  14.486  8.149   1.00 14.30  ? 21  SER B C   1 
ATOM   752  O  O   . SER B 1 14 ? -6.030  14.210  7.454   1.00 14.62  ? 21  SER B O   1 
ATOM   753  C  CB  . SER B 1 14 ? -3.669  13.222  9.814   1.00 14.05  ? 21  SER B CB  1 
ATOM   754  O  OG  . SER B 1 14 ? -3.455  12.351  8.696   1.00 13.89  ? 21  SER B OG  1 
ATOM   755  N  N   . GLU B 1 15 ? -3.986  15.150  7.673   1.00 13.49  ? 22  GLU B N   1 
ATOM   756  C  CA  . GLU B 1 15 ? -3.908  15.639  6.297   1.00 14.20  ? 22  GLU B CA  1 
ATOM   757  C  C   . GLU B 1 15 ? -3.508  14.558  5.278   1.00 13.64  ? 22  GLU B C   1 
ATOM   758  O  O   . GLU B 1 15 ? -3.179  14.854  4.142   1.00 13.51  ? 22  GLU B O   1 
ATOM   759  C  CB  . GLU B 1 15 ? -2.919  16.804  6.209   1.00 16.01  ? 22  GLU B CB  1 
ATOM   760  C  CG  . GLU B 1 15 ? -1.497  16.428  6.561   1.00 17.45  ? 22  GLU B CG  1 
ATOM   761  C  CD  . GLU B 1 15 ? -1.136  16.711  8.007   1.00 25.27  ? 22  GLU B CD  1 
ATOM   762  O  OE1 . GLU B 1 15 ? -1.915  16.380  8.934   1.00 23.79  ? 22  GLU B OE1 1 
ATOM   763  O  OE2 . GLU B 1 15 ? -0.029  17.249  8.222   1.00 25.74  ? 22  GLU B OE2 1 
ATOM   764  N  N   . ARG B 1 16 ? -3.558  13.308  5.710   1.00 13.35  ? 23  ARG B N   1 
ATOM   765  C  CA  . ARG B 1 16 ? -3.220  12.177  4.870   1.00 15.08  ? 23  ARG B CA  1 
ATOM   766  C  C   . ARG B 1 16 ? -4.538  11.528  4.414   1.00 13.99  ? 23  ARG B C   1 
ATOM   767  O  O   . ARG B 1 16 ? -5.403  11.258  5.243   1.00 14.37  ? 23  ARG B O   1 
ATOM   768  C  CB  . ARG B 1 16 ? -2.412  11.204  5.726   1.00 16.53  ? 23  ARG B CB  1 
ATOM   769  C  CG  . ARG B 1 16 ? -1.159  10.652  5.105   1.00 20.37  ? 23  ARG B CG  1 
ATOM   770  C  CD  . ARG B 1 16 ? -0.356  9.874   6.156   1.00 20.03  ? 23  ARG B CD  1 
ATOM   771  N  NE  . ARG B 1 16 ? 0.501   10.764  6.943   1.00 22.14  ? 23  ARG B NE  1 
ATOM   772  C  CZ  . ARG B 1 16 ? 1.794   10.972  6.702   1.00 26.13  ? 23  ARG B CZ  1 
ATOM   773  N  NH1 . ARG B 1 16 ? 2.410   10.344  5.701   1.00 24.06  ? 23  ARG B NH1 1 
ATOM   774  N  NH2 . ARG B 1 16 ? 2.490   11.798  7.474   1.00 27.23  ? 23  ARG B NH2 1 
ATOM   775  N  N   . THR B 1 17 ? -4.708  11.340  3.108   1.00 13.86  ? 24  THR B N   1 
ATOM   776  C  CA  . THR B 1 17 ? -5.886  10.643  2.558   1.00 14.54  ? 24  THR B CA  1 
ATOM   777  C  C   . THR B 1 17 ? -5.396  9.499   1.675   1.00 14.97  ? 24  THR B C   1 
ATOM   778  O  O   . THR B 1 17 ? -4.397  9.649   0.966   1.00 15.29  ? 24  THR B O   1 
ATOM   779  C  CB  . THR B 1 17 ? -6.744  11.608  1.715   1.00 15.28  ? 24  THR B CB  1 
ATOM   780  O  OG1 . THR B 1 17 ? -7.108  12.735  2.524   1.00 14.42  ? 24  THR B OG1 1 
ATOM   781  C  CG2 . THR B 1 17 ? -8.026  10.934  1.164   1.00 14.27  ? 24  THR B CG2 1 
ATOM   782  N  N   . TYR B 1 18 ? -6.094  8.365   1.707   1.00 14.13  ? 25  TYR B N   1 
ATOM   783  C  CA  . TYR B 1 18 ? -5.725  7.228   0.856   1.00 14.45  ? 25  TYR B CA  1 
ATOM   784  C  C   . TYR B 1 18 ? -6.802  6.975   -0.182  1.00 16.16  ? 25  TYR B C   1 
ATOM   785  O  O   . TYR B 1 18 ? -7.991  7.133   0.101   1.00 16.99  ? 25  TYR B O   1 
ATOM   786  C  CB  . TYR B 1 18 ? -5.509  5.960   1.697   1.00 13.50  ? 25  TYR B CB  1 
ATOM   787  C  CG  . TYR B 1 18 ? -4.447  6.128   2.757   1.00 14.23  ? 25  TYR B CG  1 
ATOM   788  C  CD1 . TYR B 1 18 ? -3.102  5.877   2.477   1.00 10.54  ? 25  TYR B CD1 1 
ATOM   789  C  CD2 . TYR B 1 18 ? -4.791  6.530   4.054   1.00 13.26  ? 25  TYR B CD2 1 
ATOM   790  C  CE1 . TYR B 1 18 ? -2.116  6.035   3.465   1.00 10.74  ? 25  TYR B CE1 1 
ATOM   791  C  CE2 . TYR B 1 18 ? -3.823  6.703   5.047   1.00 15.36  ? 25  TYR B CE2 1 
ATOM   792  C  CZ  . TYR B 1 18 ? -2.482  6.447   4.746   1.00 13.68  ? 25  TYR B CZ  1 
ATOM   793  O  OH  . TYR B 1 18 ? -1.532  6.636   5.732   1.00 13.20  ? 25  TYR B OH  1 
ATOM   794  N  N   . PHE B 1 19 ? -6.381  6.582   -1.375  1.00 17.49  ? 26  PHE B N   1 
ATOM   795  C  CA  . PHE B 1 19 ? -7.307  6.138   -2.407  1.00 19.32  ? 26  PHE B CA  1 
ATOM   796  C  C   . PHE B 1 19 ? -7.026  4.675   -2.711  1.00 20.44  ? 26  PHE B C   1 
ATOM   797  O  O   . PHE B 1 19 ? -5.867  4.266   -2.814  1.00 19.46  ? 26  PHE B O   1 
ATOM   798  C  CB  . PHE B 1 19 ? -7.125  6.955   -3.684  1.00 19.53  ? 26  PHE B CB  1 
ATOM   799  C  CG  . PHE B 1 19 ? -7.403  8.424   -3.517  1.00 22.15  ? 26  PHE B CG  1 
ATOM   800  C  CD1 . PHE B 1 19 ? -8.626  8.964   -3.927  1.00 25.18  ? 26  PHE B CD1 1 
ATOM   801  C  CD2 . PHE B 1 19 ? -6.441  9.272   -2.974  1.00 23.99  ? 26  PHE B CD2 1 
ATOM   802  C  CE1 . PHE B 1 19 ? -8.894  10.330  -3.784  1.00 24.93  ? 26  PHE B CE1 1 
ATOM   803  C  CE2 . PHE B 1 19 ? -6.698  10.642  -2.823  1.00 27.25  ? 26  PHE B CE2 1 
ATOM   804  C  CZ  . PHE B 1 19 ? -7.933  11.168  -3.232  1.00 26.31  ? 26  PHE B CZ  1 
HETATM 805  N  N   . MSE B 1 20 ? -8.094  3.892   -2.800  1.00 21.13  ? 27  MSE B N   1 
HETATM 806  C  CA  A MSE B 1 20 ? -8.025  2.499   -3.242  0.50 22.63  ? 27  MSE B CA  1 
HETATM 807  C  CA  B MSE B 1 20 ? -7.994  2.514   -3.252  0.50 21.92  ? 27  MSE B CA  1 
HETATM 808  C  C   . MSE B 1 20 ? -8.727  2.428   -4.585  1.00 22.66  ? 27  MSE B C   1 
HETATM 809  O  O   . MSE B 1 20 ? -9.952  2.585   -4.641  1.00 23.00  ? 27  MSE B O   1 
HETATM 810  C  CB  A MSE B 1 20 ? -8.755  1.576   -2.263  0.50 23.25  ? 27  MSE B CB  1 
HETATM 811  C  CB  B MSE B 1 20 ? -8.586  1.551   -2.221  0.50 21.93  ? 27  MSE B CB  1 
HETATM 812  C  CG  A MSE B 1 20 ? -8.106  1.407   -0.909  0.50 27.81  ? 27  MSE B CG  1 
HETATM 813  C  CG  B MSE B 1 20 ? -7.776  1.415   -0.927  0.50 23.20  ? 27  MSE B CG  1 
HETATM 814  SE SE  A MSE B 1 20 ? -6.476  0.371   -0.998  0.50 37.62  ? 27  MSE B SE  1 
HETATM 815  SE SE  B MSE B 1 20 ? -7.908  2.935   0.317   0.50 27.10  ? 27  MSE B SE  1 
HETATM 816  C  CE  A MSE B 1 20 ? -7.125  -1.147  -2.001  0.50 36.28  ? 27  MSE B CE  1 
HETATM 817  C  CE  B MSE B 1 20 ? -7.004  2.120   1.824   0.50 22.82  ? 27  MSE B CE  1 
ATOM   818  N  N   . ASN B 1 21 ? -7.969  2.221   -5.660  1.00 22.10  ? 28  ASN B N   1 
ATOM   819  C  CA  . ASN B 1 21 ? -8.553  2.172   -7.000  1.00 23.41  ? 28  ASN B CA  1 
ATOM   820  C  C   . ASN B 1 21 ? -8.369  0.825   -7.661  1.00 24.00  ? 28  ASN B C   1 
ATOM   821  O  O   . ASN B 1 21 ? -7.288  0.232   -7.591  1.00 24.25  ? 28  ASN B O   1 
ATOM   822  C  CB  . ASN B 1 21 ? -7.951  3.249   -7.898  1.00 23.45  ? 28  ASN B CB  1 
ATOM   823  C  CG  . ASN B 1 21 ? -8.069  4.631   -7.302  1.00 25.02  ? 28  ASN B CG  1 
ATOM   824  O  OD1 . ASN B 1 21 ? -9.092  4.979   -6.722  1.00 24.43  ? 28  ASN B OD1 1 
ATOM   825  N  ND2 . ASN B 1 21 ? -7.016  5.426   -7.440  1.00 26.51  ? 28  ASN B ND2 1 
ATOM   826  N  N   . VAL B 1 22 ? -9.431  0.337   -8.288  1.00 24.66  ? 29  VAL B N   1 
ATOM   827  C  CA  . VAL B 1 22 ? -9.316  -0.814  -9.170  1.00 26.04  ? 29  VAL B CA  1 
ATOM   828  C  C   . VAL B 1 22 ? -9.553  -0.304  -10.580 1.00 27.47  ? 29  VAL B C   1 
ATOM   829  O  O   . VAL B 1 22 ? -10.558 0.359   -10.843 1.00 26.97  ? 29  VAL B O   1 
ATOM   830  C  CB  . VAL B 1 22 ? -10.337 -1.926  -8.816  1.00 25.89  ? 29  VAL B CB  1 
ATOM   831  C  CG1 . VAL B 1 22 ? -10.240 -3.085  -9.807  1.00 26.78  ? 29  VAL B CG1 1 
ATOM   832  C  CG2 . VAL B 1 22 ? -10.132 -2.407  -7.385  1.00 25.84  ? 29  VAL B CG2 1 
ATOM   833  N  N   . LYS B 1 23 ? -8.620  -0.595  -11.476 1.00 29.13  ? 30  LYS B N   1 
ATOM   834  C  CA  . LYS B 1 23 ? -8.763  -0.214  -12.874 1.00 32.55  ? 30  LYS B CA  1 
ATOM   835  C  C   . LYS B 1 23 ? -8.576  -1.408  -13.804 1.00 33.85  ? 30  LYS B C   1 
ATOM   836  O  O   . LYS B 1 23 ? -7.963  -2.407  -13.422 1.00 32.09  ? 30  LYS B O   1 
ATOM   837  C  CB  . LYS B 1 23 ? -7.767  0.891   -13.221 1.00 33.30  ? 30  LYS B CB  1 
ATOM   838  C  CG  . LYS B 1 23 ? -8.154  2.261   -12.661 1.00 36.72  ? 30  LYS B CG  1 
ATOM   839  C  CD  . LYS B 1 23 ? -6.943  3.199   -12.583 1.00 40.75  ? 30  LYS B CD  1 
ATOM   840  C  CE  . LYS B 1 23 ? -7.316  4.523   -11.910 1.00 42.64  ? 30  LYS B CE  1 
ATOM   841  N  NZ  . LYS B 1 23 ? -6.130  5.219   -11.345 1.00 43.42  ? 30  LYS B NZ  1 
ATOM   842  N  N   . GLU B 1 24 ? -9.113  -1.293  -15.019 1.00 36.16  ? 31  GLU B N   1 
ATOM   843  C  CA  . GLU B 1 24 ? -8.963  -2.321  -16.054 1.00 38.53  ? 31  GLU B CA  1 
ATOM   844  C  C   . GLU B 1 24 ? -8.035  -1.818  -17.169 1.00 39.36  ? 31  GLU B C   1 
ATOM   845  O  O   . GLU B 1 24 ? -8.268  -0.751  -17.726 1.00 40.01  ? 31  GLU B O   1 
ATOM   846  C  CB  . GLU B 1 24 ? -10.339 -2.690  -16.618 1.00 39.44  ? 31  GLU B CB  1 
ATOM   847  C  CG  . GLU B 1 24 ? -10.386 -3.999  -17.388 1.00 41.47  ? 31  GLU B CG  1 
ATOM   848  C  CD  . GLU B 1 24 ? -11.736 -4.257  -18.056 1.00 45.13  ? 31  GLU B CD  1 
ATOM   849  O  OE1 . GLU B 1 24 ? -12.795 -3.934  -17.468 1.00 46.78  ? 31  GLU B OE1 1 
ATOM   850  O  OE2 . GLU B 1 24 ? -11.733 -4.804  -19.176 1.00 47.09  ? 31  GLU B OE2 1 
ATOM   851  N  N   . ASN B 1 25 ? -6.974  -2.566  -17.476 1.00 40.46  ? 32  ASN B N   1 
ATOM   852  C  CA  . ASN B 1 25 ? -6.073  -2.192  -18.576 1.00 41.36  ? 32  ASN B CA  1 
ATOM   853  C  C   . ASN B 1 25 ? -6.639  -2.573  -19.950 1.00 41.98  ? 32  ASN B C   1 
ATOM   854  O  O   . ASN B 1 25 ? -7.779  -3.033  -20.049 1.00 41.60  ? 32  ASN B O   1 
ATOM   855  C  CB  . ASN B 1 25 ? -4.636  -2.722  -18.362 1.00 41.60  ? 32  ASN B CB  1 
ATOM   856  C  CG  . ASN B 1 25 ? -4.470  -4.207  -18.709 1.00 42.67  ? 32  ASN B CG  1 
ATOM   857  O  OD1 . ASN B 1 25 ? -5.402  -4.882  -19.149 1.00 45.98  ? 32  ASN B OD1 1 
ATOM   858  N  ND2 . ASN B 1 25 ? -3.260  -4.713  -18.511 1.00 43.55  ? 32  ASN B ND2 1 
ATOM   859  N  N   . ARG B 1 26 ? -5.836  -2.378  -20.993 1.00 42.86  ? 33  ARG B N   1 
ATOM   860  C  CA  . ARG B 1 26 ? -6.243  -2.659  -22.366 1.00 43.92  ? 33  ARG B CA  1 
ATOM   861  C  C   . ARG B 1 26 ? -6.451  -4.133  -22.694 1.00 43.45  ? 33  ARG B C   1 
ATOM   862  O  O   . ARG B 1 26 ? -7.440  -4.503  -23.340 1.00 43.84  ? 33  ARG B O   1 
ATOM   863  C  CB  . ARG B 1 26 ? -5.228  -2.050  -23.359 1.00 44.38  ? 33  ARG B CB  1 
ATOM   864  C  CG  . ARG B 1 26 ? -5.232  -0.507  -23.447 1.00 47.99  ? 33  ARG B CG  1 
ATOM   865  C  CD  . ARG B 1 26 ? -4.714  0.174   -22.165 1.00 53.11  ? 33  ARG B CD  1 
ATOM   866  N  NE  . ARG B 1 26 ? -3.526  -0.497  -21.626 1.00 56.67  ? 33  ARG B NE  1 
ATOM   867  C  CZ  . ARG B 1 26 ? -2.843  -0.103  -20.553 1.00 57.91  ? 33  ARG B CZ  1 
ATOM   868  N  NH1 . ARG B 1 26 ? -3.214  0.976   -19.872 1.00 59.29  ? 33  ARG B NH1 1 
ATOM   869  N  NH2 . ARG B 1 26 ? -1.782  -0.795  -20.161 1.00 58.51  ? 33  ARG B NH2 1 
ATOM   870  N  N   . LYS B 1 27 ? -5.533  -4.977  -22.219 1.00 42.53  ? 34  LYS B N   1 
ATOM   871  C  CA  . LYS B 1 27 ? -5.642  -6.445  -22.364 1.00 41.55  ? 34  LYS B CA  1 
ATOM   872  C  C   . LYS B 1 27 ? -6.889  -6.966  -21.664 1.00 41.16  ? 34  LYS B C   1 
ATOM   873  O  O   . LYS B 1 27 ? -7.278  -8.122  -21.863 1.00 41.24  ? 34  LYS B O   1 
ATOM   874  C  CB  . LYS B 1 27 ? -4.350  -7.147  -22.045 0.00 41.10  ? 34  LYS B CB  1 
ATOM   875  C  CG  . LYS B 1 27 ? -4.376  -8.660  -22.175 0.00 42.14  ? 34  LYS B CG  1 
ATOM   876  C  CD  . LYS B 1 27 ? -3.069  -9.279  -21.683 0.00 43.69  ? 34  LYS B CD  1 
ATOM   877  C  CE  . LYS B 1 27 ? -3.214  -10.783 -21.487 0.00 44.62  ? 34  LYS B CE  1 
ATOM   878  N  NZ  . LYS B 1 27 ? -1.889  -11.446 -21.351 0.00 45.57  ? 34  LYS B NZ  1 
ATOM   879  N  N   . GLY B 1 28 ? -7.504  -6.122  -20.831 1.00 40.24  ? 35  GLY B N   1 
ATOM   880  C  CA  . GLY B 1 28 ? -8.687  -6.492  -20.055 1.00 38.81  ? 35  GLY B CA  1 
ATOM   881  C  C   . GLY B 1 28 ? -8.329  -6.887  -18.626 1.00 37.85  ? 35  GLY B C   1 
ATOM   882  O  O   . GLY B 1 28 ? -9.210  -7.249  -17.841 1.00 38.49  ? 35  GLY B O   1 
ATOM   883  N  N   . ASP B 1 29 ? -7.043  -6.826  -18.285 1.00 36.54  ? 36  ASP B N   1 
ATOM   884  C  CA  . ASP B 1 29 ? -6.572  -7.193  -16.947 1.00 35.38  ? 36  ASP B CA  1 
ATOM   885  C  C   . ASP B 1 29 ? -6.841  -6.100  -15.922 1.00 33.71  ? 36  ASP B C   1 
ATOM   886  O  O   . ASP B 1 29 ? -6.802  -4.913  -16.242 1.00 33.32  ? 36  ASP B O   1 
ATOM   887  C  CB  . ASP B 1 29 ? -5.077  -7.521  -16.959 1.00 35.69  ? 36  ASP B CB  1 
ATOM   888  C  CG  . ASP B 1 29 ? -4.743  -8.703  -17.847 1.00 37.98  ? 36  ASP B CG  1 
ATOM   889  O  OD1 . ASP B 1 29 ? -5.537  -9.669  -17.898 1.00 38.97  ? 36  ASP B OD1 1 
ATOM   890  O  OD2 . ASP B 1 29 ? -3.676  -8.659  -18.493 1.00 41.90  ? 36  ASP B OD2 1 
ATOM   891  N  N   . TYR B 1 30 ? -7.104  -6.517  -14.689 1.00 32.44  ? 37  TYR B N   1 
ATOM   892  C  CA  . TYR B 1 30 ? -7.367  -5.593  -13.596 1.00 31.50  ? 37  TYR B CA  1 
ATOM   893  C  C   . TYR B 1 30 ? -6.081  -5.293  -12.834 1.00 30.14  ? 37  TYR B C   1 
ATOM   894  O  O   . TYR B 1 30 ? -5.180  -6.135  -12.746 1.00 29.66  ? 37  TYR B O   1 
ATOM   895  C  CB  . TYR B 1 30 ? -8.399  -6.181  -12.644 1.00 32.38  ? 37  TYR B CB  1 
ATOM   896  C  CG  . TYR B 1 30 ? -9.798  -6.223  -13.199 1.00 35.53  ? 37  TYR B CG  1 
ATOM   897  C  CD1 . TYR B 1 30 ? -10.711 -5.225  -12.889 1.00 39.06  ? 37  TYR B CD1 1 
ATOM   898  C  CD2 . TYR B 1 30 ? -10.214 -7.270  -14.029 1.00 40.25  ? 37  TYR B CD2 1 
ATOM   899  C  CE1 . TYR B 1 30 ? -12.007 -5.254  -13.392 1.00 41.09  ? 37  TYR B CE1 1 
ATOM   900  C  CE2 . TYR B 1 30 ? -11.513 -7.311  -14.539 1.00 42.03  ? 37  TYR B CE2 1 
ATOM   901  C  CZ  . TYR B 1 30 ? -12.400 -6.292  -14.213 1.00 42.24  ? 37  TYR B CZ  1 
ATOM   902  O  OH  . TYR B 1 30 ? -13.687 -6.308  -14.700 1.00 45.92  ? 37  TYR B OH  1 
ATOM   903  N  N   . PHE B 1 31 ? -5.983  -4.082  -12.304 1.00 28.35  ? 38  PHE B N   1 
ATOM   904  C  CA  . PHE B 1 31 ? -4.883  -3.761  -11.412 1.00 26.67  ? 38  PHE B CA  1 
ATOM   905  C  C   . PHE B 1 31 ? -5.334  -2.914  -10.230 1.00 24.37  ? 38  PHE B C   1 
ATOM   906  O  O   . PHE B 1 31 ? -6.333  -2.197  -10.313 1.00 24.15  ? 38  PHE B O   1 
ATOM   907  C  CB  . PHE B 1 31 ? -3.682  -3.159  -12.168 1.00 28.41  ? 38  PHE B CB  1 
ATOM   908  C  CG  . PHE B 1 31 ? -3.991  -1.910  -12.930 1.00 31.76  ? 38  PHE B CG  1 
ATOM   909  C  CD1 . PHE B 1 31 ? -3.909  -0.663  -12.313 1.00 36.36  ? 38  PHE B CD1 1 
ATOM   910  C  CD2 . PHE B 1 31 ? -4.334  -1.972  -14.277 1.00 35.79  ? 38  PHE B CD2 1 
ATOM   911  C  CE1 . PHE B 1 31 ? -4.185  0.512   -13.026 1.00 37.69  ? 38  PHE B CE1 1 
ATOM   912  C  CE2 . PHE B 1 31 ? -4.617  -0.802  -15.002 1.00 38.74  ? 38  PHE B CE2 1 
ATOM   913  C  CZ  . PHE B 1 31 ? -4.537  0.441   -14.376 1.00 37.70  ? 38  PHE B CZ  1 
ATOM   914  N  N   . LEU B 1 32 ? -4.614  -3.051  -9.120  1.00 21.07  ? 39  LEU B N   1 
ATOM   915  C  CA  . LEU B 1 32 ? -4.894  -2.298  -7.910  1.00 19.34  ? 39  LEU B CA  1 
ATOM   916  C  C   . LEU B 1 32 ? -3.983  -1.089  -7.866  1.00 18.50  ? 39  LEU B C   1 
ATOM   917  O  O   . LEU B 1 32 ? -2.805  -1.188  -8.191  1.00 18.41  ? 39  LEU B O   1 
ATOM   918  C  CB  . LEU B 1 32 ? -4.643  -3.165  -6.671  1.00 18.71  ? 39  LEU B CB  1 
ATOM   919  C  CG  . LEU B 1 32 ? -4.906  -2.515  -5.312  1.00 18.09  ? 39  LEU B CG  1 
ATOM   920  C  CD1 . LEU B 1 32 ? -6.401  -2.386  -5.094  1.00 20.14  ? 39  LEU B CD1 1 
ATOM   921  C  CD2 . LEU B 1 32 ? -4.268  -3.318  -4.196  1.00 16.44  ? 39  LEU B CD2 1 
ATOM   922  N  N   . ASN B 1 33 ? -4.542  0.052   -7.476  1.00 18.25  ? 40  ASN B N   1 
ATOM   923  C  CA  . ASN B 1 33 ? -3.756  1.261   -7.299  1.00 17.26  ? 40  ASN B CA  1 
ATOM   924  C  C   . ASN B 1 33 ? -4.061  1.832   -5.928  1.00 16.40  ? 40  ASN B C   1 
ATOM   925  O  O   . ASN B 1 33 ? -5.215  2.136   -5.612  1.00 16.63  ? 40  ASN B O   1 
ATOM   926  C  CB  . ASN B 1 33 ? -4.067  2.263   -8.410  1.00 17.15  ? 40  ASN B CB  1 
ATOM   927  C  CG  . ASN B 1 33 ? -3.287  3.565   -8.281  1.00 19.54  ? 40  ASN B CG  1 
ATOM   928  O  OD1 . ASN B 1 33 ? -2.119  3.592   -7.854  1.00 18.88  ? 40  ASN B OD1 1 
ATOM   929  N  ND2 . ASN B 1 33 ? -3.931  4.654   -8.661  1.00 17.75  ? 40  ASN B ND2 1 
ATOM   930  N  N   . ILE B 1 34 ? -3.025  1.909   -5.098  1.00 14.36  ? 41  ILE B N   1 
ATOM   931  C  CA  . ILE B 1 34 ? -3.134  2.485   -3.769  1.00 14.43  ? 41  ILE B CA  1 
ATOM   932  C  C   . ILE B 1 34 ? -2.415  3.827   -3.832  1.00 13.33  ? 41  ILE B C   1 
ATOM   933  O  O   . ILE B 1 34 ? -1.289  3.911   -4.331  1.00 12.05  ? 41  ILE B O   1 
ATOM   934  C  CB  . ILE B 1 34 ? -2.477  1.591   -2.688  1.00 14.57  ? 41  ILE B CB  1 
ATOM   935  C  CG1 . ILE B 1 34 ? -2.995  0.153   -2.782  1.00 17.34  ? 41  ILE B CG1 1 
ATOM   936  C  CG2 . ILE B 1 34 ? -2.706  2.180   -1.276  1.00 13.83  ? 41  ILE B CG2 1 
ATOM   937  C  CD1 . ILE B 1 34 ? -2.167  -0.822  -2.016  1.00 21.61  ? 41  ILE B CD1 1 
ATOM   938  N  N   . VAL B 1 35 ? -3.088  4.877   -3.367  1.00 14.38  ? 42  VAL B N   1 
ATOM   939  C  CA  . VAL B 1 35 ? -2.510  6.224   -3.379  1.00 13.95  ? 42  VAL B CA  1 
ATOM   940  C  C   . VAL B 1 35 ? -2.564  6.826   -1.981  1.00 13.42  ? 42  VAL B C   1 
ATOM   941  O  O   . VAL B 1 35 ? -3.580  6.731   -1.296  1.00 12.87  ? 42  VAL B O   1 
ATOM   942  C  CB  . VAL B 1 35 ? -3.214  7.149   -4.391  1.00 14.94  ? 42  VAL B CB  1 
ATOM   943  C  CG1 . VAL B 1 35 ? -2.576  8.541   -4.391  1.00 15.36  ? 42  VAL B CG1 1 
ATOM   944  C  CG2 . VAL B 1 35 ? -3.157  6.553   -5.810  1.00 14.37  ? 42  VAL B CG2 1 
ATOM   945  N  N   . GLU B 1 36 ? -1.453  7.409   -1.550  1.00 11.95  ? 43  GLU B N   1 
ATOM   946  C  CA  . GLU B 1 36 ? -1.450  8.218   -0.342  1.00 12.60  ? 43  GLU B CA  1 
ATOM   947  C  C   . GLU B 1 36 ? -1.292  9.668   -0.784  1.00 12.28  ? 43  GLU B C   1 
ATOM   948  O  O   . GLU B 1 36 ? -0.361  9.986   -1.518  1.00 11.75  ? 43  GLU B O   1 
ATOM   949  C  CB  . GLU B 1 36 ? -0.276  7.814   0.551   1.00 13.65  ? 43  GLU B CB  1 
ATOM   950  C  CG  . GLU B 1 36 ? -0.140  8.631   1.826   1.00 12.01  ? 43  GLU B CG  1 
ATOM   951  C  CD  . GLU B 1 36 ? 1.179   8.386   2.551   1.00 17.51  ? 43  GLU B CD  1 
ATOM   952  O  OE1 . GLU B 1 36 ? 1.828   7.327   2.355   1.00 12.75  ? 43  GLU B OE1 1 
ATOM   953  O  OE2 . GLU B 1 36 ? 1.561   9.256   3.358   1.00 18.20  ? 43  GLU B OE2 1 
ATOM   954  N  N   . SER B 1 37 ? -2.207  10.536  -0.358  1.00 12.69  ? 44  SER B N   1 
ATOM   955  C  CA  . SER B 1 37 ? -2.137  11.955  -0.730  1.00 13.38  ? 44  SER B CA  1 
ATOM   956  C  C   . SER B 1 37 ? -2.047  12.781  0.547   1.00 14.13  ? 44  SER B C   1 
ATOM   957  O  O   . SER B 1 37 ? -2.945  12.730  1.393   1.00 14.10  ? 44  SER B O   1 
ATOM   958  C  CB  . SER B 1 37 ? -3.366  12.350  -1.566  1.00 14.09  ? 44  SER B CB  1 
ATOM   959  O  OG  . SER B 1 37 ? -3.355  13.732  -1.901  1.00 15.00  ? 44  SER B OG  1 
ATOM   960  N  N   . LYS B 1 38 ? -0.954  13.530  0.693   1.00 14.16  ? 45  LYS B N   1 
ATOM   961  C  CA  . LYS B 1 38 ? -0.743  14.331  1.892   1.00 14.88  ? 45  LYS B CA  1 
ATOM   962  C  C   . LYS B 1 38 ? -0.732  15.831  1.583   1.00 14.31  ? 45  LYS B C   1 
ATOM   963  O  O   . LYS B 1 38 ? 0.034   16.316  0.728   1.00 13.28  ? 45  LYS B O   1 
ATOM   964  C  CB  . LYS B 1 38 ? 0.545   13.915  2.620   1.00 16.23  ? 45  LYS B CB  1 
ATOM   965  C  CG  . LYS B 1 38 ? 0.658   14.511  4.025   1.00 19.06  ? 45  LYS B CG  1 
ATOM   966  C  CD  . LYS B 1 38 ? 1.925   14.070  4.723   1.00 25.36  ? 45  LYS B CD  1 
ATOM   967  C  CE  . LYS B 1 38 ? 2.995   15.140  4.647   1.00 28.97  ? 45  LYS B CE  1 
ATOM   968  N  NZ  . LYS B 1 38 ? 4.220   14.752  5.394   1.00 31.66  ? 45  LYS B NZ  1 
ATOM   969  N  N   . ARG B 1 39 ? -1.581  16.564  2.301   1.00 14.52  ? 46  ARG B N   1 
ATOM   970  C  CA  . ARG B 1 39 ? -1.662  18.008  2.134   1.00 15.29  ? 46  ARG B CA  1 
ATOM   971  C  C   . ARG B 1 39 ? -0.472  18.670  2.824   1.00 16.48  ? 46  ARG B C   1 
ATOM   972  O  O   . ARG B 1 39 ? -0.129  18.315  3.958   1.00 17.18  ? 46  ARG B O   1 
ATOM   973  C  CB  . ARG B 1 39 ? -2.971  18.543  2.740   1.00 15.18  ? 46  ARG B CB  1 
ATOM   974  C  CG  . ARG B 1 39 ? -3.244  20.021  2.424   1.00 15.75  ? 46  ARG B CG  1 
ATOM   975  C  CD  . ARG B 1 39 ? -4.587  20.475  3.019   1.00 15.61  ? 46  ARG B CD  1 
ATOM   976  N  NE  . ARG B 1 39 ? -4.833  21.880  2.696   1.00 17.59  ? 46  ARG B NE  1 
ATOM   977  C  CZ  . ARG B 1 39 ? -4.371  22.907  3.408   1.00 18.24  ? 46  ARG B CZ  1 
ATOM   978  N  NH1 . ARG B 1 39 ? -3.665  22.691  4.507   1.00 17.71  ? 46  ARG B NH1 1 
ATOM   979  N  NH2 . ARG B 1 39 ? -4.641  24.149  3.025   1.00 19.05  ? 46  ARG B NH2 1 
ATOM   980  N  N   . SER B 1 40 ? 0.152   19.619  2.131   1.00 17.32  ? 47  SER B N   1 
ATOM   981  C  CA  A SER B 1 40 ? 1.189   20.438  2.741   0.50 18.56  ? 47  SER B CA  1 
ATOM   982  C  CA  B SER B 1 40 ? 1.198   20.454  2.715   0.50 18.25  ? 47  SER B CA  1 
ATOM   983  C  C   . SER B 1 40 ? 0.564   21.723  3.298   1.00 19.10  ? 47  SER B C   1 
ATOM   984  O  O   . SER B 1 40 ? -0.555  22.081  2.930   1.00 17.63  ? 47  SER B O   1 
ATOM   985  C  CB  A SER B 1 40 ? 2.297   20.755  1.730   0.50 18.51  ? 47  SER B CB  1 
ATOM   986  C  CB  B SER B 1 40 ? 2.245   20.829  1.655   0.50 18.06  ? 47  SER B CB  1 
ATOM   987  O  OG  A SER B 1 40 ? 3.154   19.635  1.564   0.50 21.66  ? 47  SER B OG  1 
ATOM   988  O  OG  B SER B 1 40 ? 1.799   21.894  0.830   0.50 19.25  ? 47  SER B OG  1 
ATOM   989  N  N   . PRO B 1 41 ? 1.280   22.411  4.205   1.00 20.78  ? 48  PRO B N   1 
ATOM   990  C  CA  . PRO B 1 41 ? 0.733   23.666  4.737   1.00 22.47  ? 48  PRO B CA  1 
ATOM   991  C  C   . PRO B 1 41 ? 0.397   24.699  3.664   1.00 23.61  ? 48  PRO B C   1 
ATOM   992  O  O   . PRO B 1 41 ? -0.500  25.512  3.864   1.00 24.87  ? 48  PRO B O   1 
ATOM   993  C  CB  . PRO B 1 41 ? 1.859   24.175  5.630   1.00 22.21  ? 48  PRO B CB  1 
ATOM   994  C  CG  . PRO B 1 41 ? 2.505   22.947  6.125   1.00 22.74  ? 48  PRO B CG  1 
ATOM   995  C  CD  . PRO B 1 41 ? 2.478   21.986  4.959   1.00 21.18  ? 48  PRO B CD  1 
ATOM   996  N  N   . SER B 1 42 ? 1.088   24.663  2.529   1.00 24.03  ? 49  SER B N   1 
ATOM   997  C  CA  . SER B 1 42 ? 0.803   25.588  1.433   1.00 24.88  ? 49  SER B CA  1 
ATOM   998  C  C   . SER B 1 42 ? -0.489  25.249  0.693   1.00 24.86  ? 49  SER B C   1 
ATOM   999  O  O   . SER B 1 42 ? -0.945  26.014  -0.155  1.00 24.56  ? 49  SER B O   1 
ATOM   1000 C  CB  . SER B 1 42 ? 1.966   25.620  0.445   1.00 25.51  ? 49  SER B CB  1 
ATOM   1001 O  OG  . SER B 1 42 ? 2.065   24.382  -0.245  1.00 28.69  ? 49  SER B OG  1 
ATOM   1002 N  N   . GLY B 1 43 ? -1.079  24.102  1.009   1.00 24.18  ? 50  GLY B N   1 
ATOM   1003 C  CA  . GLY B 1 43 ? -2.269  23.657  0.300   1.00 24.40  ? 50  GLY B CA  1 
ATOM   1004 C  C   . GLY B 1 43 ? -1.955  22.799  -0.917  1.00 24.70  ? 50  GLY B C   1 
ATOM   1005 O  O   . GLY B 1 43 ? -2.872  22.349  -1.606  1.00 24.22  ? 50  GLY B O   1 
ATOM   1006 N  N   . ASP B 1 44 ? -0.665  22.581  -1.188  1.00 24.57  ? 51  ASP B N   1 
ATOM   1007 C  CA  . ASP B 1 44 ? -0.232  21.625  -2.223  1.00 25.51  ? 51  ASP B CA  1 
ATOM   1008 C  C   . ASP B 1 44 ? -0.406  20.203  -1.708  1.00 23.47  ? 51  ASP B C   1 
ATOM   1009 O  O   . ASP B 1 44 ? -0.542  19.999  -0.501  1.00 21.97  ? 51  ASP B O   1 
ATOM   1010 C  CB  . ASP B 1 44 ? 1.247   21.834  -2.580  1.00 26.34  ? 51  ASP B CB  1 
ATOM   1011 C  CG  . ASP B 1 44 ? 1.446   22.746  -3.784  1.00 34.11  ? 51  ASP B CG  1 
ATOM   1012 O  OD1 . ASP B 1 44 ? 0.534   23.543  -4.115  1.00 38.01  ? 51  ASP B OD1 1 
ATOM   1013 O  OD2 . ASP B 1 44 ? 2.535   22.671  -4.405  1.00 40.86  ? 51  ASP B OD2 1 
ATOM   1014 N  N   . PHE B 1 45 ? -0.358  19.225  -2.619  1.00 21.97  ? 52  PHE B N   1 
ATOM   1015 C  CA  . PHE B 1 45 ? -0.456  17.821  -2.231  1.00 21.24  ? 52  PHE B CA  1 
ATOM   1016 C  C   . PHE B 1 45 ? 0.729   17.009  -2.712  1.00 20.66  ? 52  PHE B C   1 
ATOM   1017 O  O   . PHE B 1 45 ? 1.150   17.146  -3.859  1.00 21.44  ? 52  PHE B O   1 
ATOM   1018 C  CB  . PHE B 1 45 ? -1.752  17.197  -2.760  1.00 21.43  ? 52  PHE B CB  1 
ATOM   1019 C  CG  . PHE B 1 45 ? -2.982  17.733  -2.088  1.00 23.78  ? 52  PHE B CG  1 
ATOM   1020 C  CD1 . PHE B 1 45 ? -3.481  17.121  -0.941  1.00 22.55  ? 52  PHE B CD1 1 
ATOM   1021 C  CD2 . PHE B 1 45 ? -3.623  18.869  -2.581  1.00 23.78  ? 52  PHE B CD2 1 
ATOM   1022 C  CE1 . PHE B 1 45 ? -4.608  17.624  -0.290  1.00 24.00  ? 52  PHE B CE1 1 
ATOM   1023 C  CE2 . PHE B 1 45 ? -4.761  19.380  -1.938  1.00 25.91  ? 52  PHE B CE2 1 
ATOM   1024 C  CZ  . PHE B 1 45 ? -5.249  18.754  -0.790  1.00 23.95  ? 52  PHE B CZ  1 
ATOM   1025 N  N   . GLU B 1 46 ? 1.273   16.176  -1.834  1.00 19.92  ? 53  GLU B N   1 
ATOM   1026 C  CA  A GLU B 1 46 ? 2.284   15.189  -2.214  0.50 19.89  ? 53  GLU B CA  1 
ATOM   1027 C  CA  B GLU B 1 46 ? 2.254   15.203  -2.292  0.50 19.65  ? 53  GLU B CA  1 
ATOM   1028 C  C   . GLU B 1 46 ? 1.556   13.858  -2.413  1.00 19.43  ? 53  GLU B C   1 
ATOM   1029 O  O   . GLU B 1 46 ? 0.759   13.462  -1.554  1.00 19.13  ? 53  GLU B O   1 
ATOM   1030 C  CB  A GLU B 1 46 ? 3.328   15.048  -1.106  0.50 20.24  ? 53  GLU B CB  1 
ATOM   1031 C  CB  B GLU B 1 46 ? 3.512   15.158  -1.408  0.50 20.12  ? 53  GLU B CB  1 
ATOM   1032 C  CG  A GLU B 1 46 ? 4.204   16.278  -0.890  0.50 21.51  ? 53  GLU B CG  1 
ATOM   1033 C  CG  B GLU B 1 46 ? 3.375   14.482  -0.056  0.50 19.31  ? 53  GLU B CG  1 
ATOM   1034 C  CD  A GLU B 1 46 ? 5.229   16.060  0.207   0.50 22.62  ? 53  GLU B CD  1 
ATOM   1035 C  CD  B GLU B 1 46 ? 4.699   13.933  0.452   0.50 20.21  ? 53  GLU B CD  1 
ATOM   1036 O  OE1 A GLU B 1 46 ? 4.822   15.729  1.341   0.50 19.43  ? 53  GLU B OE1 1 
ATOM   1037 O  OE1 B GLU B 1 46 ? 5.752   14.285  -0.121  0.50 24.46  ? 53  GLU B OE1 1 
ATOM   1038 O  OE2 A GLU B 1 46 ? 6.442   16.213  -0.071  0.50 24.78  ? 53  GLU B OE2 1 
ATOM   1039 O  OE2 B GLU B 1 46 ? 4.692   13.140  1.413   0.50 17.06  ? 53  GLU B OE2 1 
ATOM   1040 N  N   . ARG B 1 47 ? 1.802   13.170  -3.519  1.00 18.54  ? 54  ARG B N   1 
ATOM   1041 C  CA  . ARG B 1 47 ? 1.107   11.906  -3.704  1.00 18.25  ? 54  ARG B CA  1 
ATOM   1042 C  C   . ARG B 1 47 ? 2.085   10.765  -3.945  1.00 17.48  ? 54  ARG B C   1 
ATOM   1043 O  O   . ARG B 1 47 ? 3.161   10.963  -4.521  1.00 17.87  ? 54  ARG B O   1 
ATOM   1044 C  CB  . ARG B 1 47 ? -0.037  11.999  -4.743  1.00 20.23  ? 54  ARG B CB  1 
ATOM   1045 C  CG  . ARG B 1 47 ? 0.350   11.957  -6.199  1.00 24.65  ? 54  ARG B CG  1 
ATOM   1046 C  CD  . ARG B 1 47 ? -0.831  12.302  -7.129  1.00 29.87  ? 54  ARG B CD  1 
ATOM   1047 N  NE  . ARG B 1 47 ? -1.894  11.285  -7.194  1.00 33.10  ? 54  ARG B NE  1 
ATOM   1048 C  CZ  . ARG B 1 47 ? -1.833  10.147  -7.893  1.00 33.11  ? 54  ARG B CZ  1 
ATOM   1049 N  NH1 . ARG B 1 47 ? -0.746  9.823   -8.591  1.00 32.59  ? 54  ARG B NH1 1 
ATOM   1050 N  NH2 . ARG B 1 47 ? -2.866  9.313   -7.889  1.00 33.41  ? 54  ARG B NH2 1 
ATOM   1051 N  N   . HIS B 1 48 ? 1.726   9.603   -3.429  1.00 15.20  ? 55  HIS B N   1 
ATOM   1052 C  CA  . HIS B 1 48 ? 2.571   8.427   -3.464  1.00 14.73  ? 55  HIS B CA  1 
ATOM   1053 C  C   . HIS B 1 48 ? 1.654   7.343   -3.956  1.00 15.10  ? 55  HIS B C   1 
ATOM   1054 O  O   . HIS B 1 48 ? 0.578   7.145   -3.394  1.00 14.21  ? 55  HIS B O   1 
ATOM   1055 C  CB  . HIS B 1 48 ? 3.091   8.116   -2.076  1.00 13.85  ? 55  HIS B CB  1 
ATOM   1056 C  CG  . HIS B 1 48 ? 3.794   9.276   -1.456  1.00 14.41  ? 55  HIS B CG  1 
ATOM   1057 N  ND1 . HIS B 1 48 ? 5.141   9.501   -1.622  1.00 14.80  ? 55  HIS B ND1 1 
ATOM   1058 C  CD2 . HIS B 1 48 ? 3.322   10.312  -0.723  1.00 17.43  ? 55  HIS B CD2 1 
ATOM   1059 C  CE1 . HIS B 1 48 ? 5.477   10.616  -0.996  1.00 18.83  ? 55  HIS B CE1 1 
ATOM   1060 N  NE2 . HIS B 1 48 ? 4.390   11.136  -0.453  1.00 13.93  ? 55  HIS B NE2 1 
ATOM   1061 N  N   . SER B 1 49 ? 2.067   6.682   -5.031  1.00 15.07  ? 56  SER B N   1 
ATOM   1062 C  CA  . SER B 1 49 ? 1.165   5.804   -5.770  1.00 15.10  ? 56  SER B CA  1 
ATOM   1063 C  C   . SER B 1 49 ? 1.832   4.465   -6.058  1.00 14.69  ? 56  SER B C   1 
ATOM   1064 O  O   . SER B 1 49 ? 2.962   4.426   -6.547  1.00 14.73  ? 56  SER B O   1 
ATOM   1065 C  CB  . SER B 1 49 ? 0.744   6.500   -7.067  1.00 15.81  ? 56  SER B CB  1 
ATOM   1066 O  OG  . SER B 1 49 ? -0.163  5.702   -7.818  1.00 17.94  ? 56  SER B OG  1 
ATOM   1067 N  N   . ILE B 1 50 ? 1.129   3.377   -5.745  1.00 14.19  ? 57  ILE B N   1 
ATOM   1068 C  CA  . ILE B 1 50 ? 1.639   2.014   -5.961  1.00 13.47  ? 57  ILE B CA  1 
ATOM   1069 C  C   . ILE B 1 50 ? 0.628   1.252   -6.823  1.00 13.35  ? 57  ILE B C   1 
ATOM   1070 O  O   . ILE B 1 50 ? -0.579  1.429   -6.650  1.00 12.83  ? 57  ILE B O   1 
ATOM   1071 C  CB  . ILE B 1 50 ? 1.921   1.306   -4.615  1.00 13.19  ? 57  ILE B CB  1 
ATOM   1072 C  CG1 . ILE B 1 50 ? 3.232   1.840   -4.010  1.00 12.86  ? 57  ILE B CG1 1 
ATOM   1073 C  CG2 . ILE B 1 50 ? 2.010   -0.229  -4.766  1.00 14.60  ? 57  ILE B CG2 1 
ATOM   1074 C  CD1 . ILE B 1 50 ? 3.491   1.340   -2.591  1.00 16.31  ? 57  ILE B CD1 1 
ATOM   1075 N  N   . PHE B 1 51 ? 1.139   0.449   -7.759  1.00 12.76  ? 58  PHE B N   1 
ATOM   1076 C  CA  . PHE B 1 51 ? 0.314   -0.390  -8.637  1.00 13.53  ? 58  PHE B CA  1 
ATOM   1077 C  C   . PHE B 1 51 ? 0.652   -1.861  -8.463  1.00 12.90  ? 58  PHE B C   1 
ATOM   1078 O  O   . PHE B 1 51 ? 1.830   -2.217  -8.309  1.00 11.75  ? 58  PHE B O   1 
ATOM   1079 C  CB  . PHE B 1 51 ? 0.530   -0.011  -10.114 1.00 14.06  ? 58  PHE B CB  1 
ATOM   1080 C  CG  . PHE B 1 51 ? -0.052  1.325   -10.493 1.00 17.85  ? 58  PHE B CG  1 
ATOM   1081 C  CD1 . PHE B 1 51 ? -1.368  1.421   -10.926 1.00 21.81  ? 58  PHE B CD1 1 
ATOM   1082 C  CD2 . PHE B 1 51 ? 0.720   2.481   -10.419 1.00 20.99  ? 58  PHE B CD2 1 
ATOM   1083 C  CE1 . PHE B 1 51 ? -1.910  2.658   -11.290 1.00 23.19  ? 58  PHE B CE1 1 
ATOM   1084 C  CE2 . PHE B 1 51 ? 0.183   3.725   -10.764 1.00 23.10  ? 58  PHE B CE2 1 
ATOM   1085 C  CZ  . PHE B 1 51 ? -1.131  3.809   -11.201 1.00 23.14  ? 58  PHE B CZ  1 
ATOM   1086 N  N   . VAL B 1 52 ? -0.388  -2.700  -8.516  1.00 13.69  ? 59  VAL B N   1 
ATOM   1087 C  CA  . VAL B 1 52 ? -0.244  -4.162  -8.433  1.00 14.28  ? 59  VAL B CA  1 
ATOM   1088 C  C   . VAL B 1 52 ? -1.093  -4.805  -9.538  1.00 15.42  ? 59  VAL B C   1 
ATOM   1089 O  O   . VAL B 1 52 ? -2.282  -4.541  -9.622  1.00 15.97  ? 59  VAL B O   1 
ATOM   1090 C  CB  . VAL B 1 52 ? -0.705  -4.738  -7.063  1.00 13.80  ? 59  VAL B CB  1 
ATOM   1091 C  CG1 . VAL B 1 52 ? -0.339  -6.238  -6.958  1.00 12.33  ? 59  VAL B CG1 1 
ATOM   1092 C  CG2 . VAL B 1 52 ? -0.069  -3.969  -5.893  1.00 11.61  ? 59  VAL B CG2 1 
ATOM   1093 N  N   . TYR B 1 53 ? -0.457  -5.621  -10.371 1.00 16.82  ? 60  TYR B N   1 
ATOM   1094 C  CA  . TYR B 1 53 ? -1.123  -6.347  -11.468 1.00 18.80  ? 60  TYR B CA  1 
ATOM   1095 C  C   . TYR B 1 53 ? -1.968  -7.507  -10.922 1.00 18.42  ? 60  TYR B C   1 
ATOM   1096 O  O   . TYR B 1 53 ? -1.575  -8.143  -9.945  1.00 16.71  ? 60  TYR B O   1 
ATOM   1097 C  CB  . TYR B 1 53 ? -0.067  -6.937  -12.410 1.00 19.29  ? 60  TYR B CB  1 
ATOM   1098 C  CG  . TYR B 1 53 ? 0.819   -5.971  -13.169 1.00 23.18  ? 60  TYR B CG  1 
ATOM   1099 C  CD1 . TYR B 1 53 ? 0.267   -4.962  -13.979 1.00 26.87  ? 60  TYR B CD1 1 
ATOM   1100 C  CD2 . TYR B 1 53 ? 2.221   -6.106  -13.132 1.00 24.90  ? 60  TYR B CD2 1 
ATOM   1101 C  CE1 . TYR B 1 53 ? 1.093   -4.085  -14.707 1.00 28.83  ? 60  TYR B CE1 1 
ATOM   1102 C  CE2 . TYR B 1 53 ? 3.053   -5.238  -13.857 1.00 26.49  ? 60  TYR B CE2 1 
ATOM   1103 C  CZ  . TYR B 1 53 ? 2.483   -4.237  -14.642 1.00 29.59  ? 60  TYR B CZ  1 
ATOM   1104 O  OH  . TYR B 1 53 ? 3.296   -3.382  -15.357 1.00 32.39  ? 60  TYR B OH  1 
ATOM   1105 N  N   . GLU B 1 54 ? -3.107  -7.815  -11.558 1.00 18.45  ? 61  GLU B N   1 
ATOM   1106 C  CA  . GLU B 1 54 ? -3.974  -8.899  -11.054 1.00 19.04  ? 61  GLU B CA  1 
ATOM   1107 C  C   . GLU B 1 54 ? -3.229  -10.223 -10.844 1.00 17.12  ? 61  GLU B C   1 
ATOM   1108 O  O   . GLU B 1 54 ? -3.517  -10.936 -9.894  1.00 16.41  ? 61  GLU B O   1 
ATOM   1109 C  CB  . GLU B 1 54 ? -5.229  -9.110  -11.925 1.00 21.01  ? 61  GLU B CB  1 
ATOM   1110 C  CG  . GLU B 1 54 ? -4.962  -9.541  -13.336 1.00 24.79  ? 61  GLU B CG  1 
ATOM   1111 C  CD  . GLU B 1 54 ? -6.228  -10.027 -14.031 1.00 29.33  ? 61  GLU B CD  1 
ATOM   1112 O  OE1 . GLU B 1 54 ? -7.129  -9.204  -14.304 1.00 26.19  ? 61  GLU B OE1 1 
ATOM   1113 O  OE2 . GLU B 1 54 ? -6.319  -11.242 -14.298 1.00 33.66  ? 61  GLU B OE2 1 
ATOM   1114 N  N   . GLU B 1 55 ? -2.250  -10.512 -11.705 1.00 16.85  ? 62  GLU B N   1 
ATOM   1115 C  CA  . GLU B 1 55 ? -1.467  -11.756 -11.617 1.00 18.05  ? 62  GLU B CA  1 
ATOM   1116 C  C   . GLU B 1 55 ? -0.657  -11.886 -10.311 1.00 17.22  ? 62  GLU B C   1 
ATOM   1117 O  O   . GLU B 1 55 ? -0.285  -12.994 -9.916  1.00 16.12  ? 62  GLU B O   1 
ATOM   1118 C  CB  . GLU B 1 55 ? -0.568  -11.923 -12.854 1.00 19.42  ? 62  GLU B CB  1 
ATOM   1119 C  CG  . GLU B 1 55 ? 0.746   -11.136 -12.826 1.00 24.59  ? 62  GLU B CG  1 
ATOM   1120 C  CD  . GLU B 1 55 ? 1.075   -10.458 -14.159 1.00 29.32  ? 62  GLU B CD  1 
ATOM   1121 O  OE1 . GLU B 1 55 ? 2.261   -10.452 -14.558 1.00 32.54  ? 62  GLU B OE1 1 
ATOM   1122 O  OE2 . GLU B 1 55 ? 0.154   -9.930  -14.805 1.00 28.24  ? 62  GLU B OE2 1 
ATOM   1123 N  N   . ASN B 1 56 ? -0.420  -10.753 -9.635  1.00 15.52  ? 63  ASN B N   1 
ATOM   1124 C  CA  . ASN B 1 56 ? 0.308   -10.735 -8.358  1.00 15.09  ? 63  ASN B CA  1 
ATOM   1125 C  C   . ASN B 1 56 ? -0.587  -10.459 -7.146  1.00 14.68  ? 63  ASN B C   1 
ATOM   1126 O  O   . ASN B 1 56 ? -0.079  -10.302 -6.039  1.00 14.77  ? 63  ASN B O   1 
ATOM   1127 C  CB  . ASN B 1 56 ? 1.442   -9.697  -8.399  1.00 15.00  ? 63  ASN B CB  1 
ATOM   1128 C  CG  . ASN B 1 56 ? 2.432   -9.955  -9.516  1.00 15.68  ? 63  ASN B CG  1 
ATOM   1129 O  OD1 . ASN B 1 56 ? 2.777   -9.050  -10.278 1.00 16.30  ? 63  ASN B OD1 1 
ATOM   1130 N  ND2 . ASN B 1 56 ? 2.895   -11.187 -9.617  1.00 14.66  ? 63  ASN B ND2 1 
HETATM 1131 N  N   . MSE B 1 57 ? -1.909  -10.431 -7.356  1.00 14.45  ? 64  MSE B N   1 
HETATM 1132 C  CA  . MSE B 1 57 ? -2.859  -9.985  -6.323  1.00 15.20  ? 64  MSE B CA  1 
HETATM 1133 C  C   . MSE B 1 57 ? -2.906  -10.863 -5.082  1.00 15.33  ? 64  MSE B C   1 
HETATM 1134 O  O   . MSE B 1 57 ? -2.889  -10.346 -3.963  1.00 14.78  ? 64  MSE B O   1 
HETATM 1135 C  CB  . MSE B 1 57 ? -4.269  -9.777  -6.895  1.00 15.71  ? 64  MSE B CB  1 
HETATM 1136 C  CG  . MSE B 1 57 ? -5.140  -8.860  -6.041  1.00 17.37  ? 64  MSE B CG  1 
HETATM 1137 SE SE  . MSE B 1 57 ? -4.387  -7.026  -5.900  1.00 22.17  ? 64  MSE B SE  1 
HETATM 1138 C  CE  . MSE B 1 57 ? -3.928  -6.710  -7.760  1.00 20.43  ? 64  MSE B CE  1 
ATOM   1139 N  N   . ASN B 1 58 ? -2.963  -12.185 -5.262  1.00 14.79  ? 65  ASN B N   1 
ATOM   1140 C  CA  . ASN B 1 58 ? -2.997  -13.093 -4.113  1.00 16.21  ? 65  ASN B CA  1 
ATOM   1141 C  C   . ASN B 1 58 ? -1.749  -12.990 -3.235  1.00 15.06  ? 65  ASN B C   1 
ATOM   1142 O  O   . ASN B 1 58 ? -1.842  -12.906 -2.015  1.00 13.84  ? 65  ASN B O   1 
ATOM   1143 C  CB  . ASN B 1 58 ? -3.230  -14.535 -4.570  1.00 17.13  ? 65  ASN B CB  1 
ATOM   1144 C  CG  . ASN B 1 58 ? -4.590  -14.718 -5.213  1.00 19.48  ? 65  ASN B CG  1 
ATOM   1145 O  OD1 . ASN B 1 58 ? -5.571  -14.124 -4.776  1.00 23.76  ? 65  ASN B OD1 1 
ATOM   1146 N  ND2 . ASN B 1 58 ? -4.655  -15.548 -6.251  1.00 20.53  ? 65  ASN B ND2 1 
ATOM   1147 N  N   . GLU B 1 59 ? -0.588  -12.976 -3.875  1.00 14.42  ? 66  GLU B N   1 
ATOM   1148 C  CA  . GLU B 1 59 ? 0.671   -12.884 -3.162  1.00 14.77  ? 66  GLU B CA  1 
ATOM   1149 C  C   . GLU B 1 59 ? 0.854   -11.500 -2.489  1.00 12.92  ? 66  GLU B C   1 
ATOM   1150 O  O   . GLU B 1 59 ? 1.377   -11.417 -1.388  1.00 13.26  ? 66  GLU B O   1 
ATOM   1151 C  CB  . GLU B 1 59 ? 1.826   -13.182 -4.113  1.00 15.43  ? 66  GLU B CB  1 
ATOM   1152 C  CG  . GLU B 1 59 ? 3.164   -13.377 -3.405  1.00 19.53  ? 66  GLU B CG  1 
ATOM   1153 C  CD  . GLU B 1 59 ? 4.302   -13.689 -4.357  1.00 22.88  ? 66  GLU B CD  1 
ATOM   1154 O  OE1 . GLU B 1 59 ? 4.095   -13.674 -5.590  1.00 24.92  ? 66  GLU B OE1 1 
ATOM   1155 O  OE2 . GLU B 1 59 ? 5.415   -13.952 -3.862  1.00 25.12  ? 66  GLU B OE2 1 
ATOM   1156 N  N   . PHE B 1 60 ? 0.437   -10.441 -3.167  1.00 12.46  ? 67  PHE B N   1 
ATOM   1157 C  CA  . PHE B 1 60 ? 0.521   -9.086  -2.614  1.00 12.01  ? 67  PHE B CA  1 
ATOM   1158 C  C   . PHE B 1 60 ? -0.389  -9.008  -1.384  1.00 12.63  ? 67  PHE B C   1 
ATOM   1159 O  O   . PHE B 1 60 ? 0.012   -8.500  -0.340  1.00 11.82  ? 67  PHE B O   1 
ATOM   1160 C  CB  . PHE B 1 60 ? 0.130   -8.041  -3.669  1.00 11.35  ? 67  PHE B CB  1 
ATOM   1161 C  CG  . PHE B 1 60 ? 0.141   -6.631  -3.155  1.00 12.32  ? 67  PHE B CG  1 
ATOM   1162 C  CD1 . PHE B 1 60 ? 1.328   -5.905  -3.139  1.00 12.33  ? 67  PHE B CD1 1 
ATOM   1163 C  CD2 . PHE B 1 60 ? -1.028  -6.035  -2.667  1.00 12.85  ? 67  PHE B CD2 1 
ATOM   1164 C  CE1 . PHE B 1 60 ? 1.358   -4.587  -2.670  1.00 12.60  ? 67  PHE B CE1 1 
ATOM   1165 C  CE2 . PHE B 1 60 ? -1.007  -4.722  -2.166  1.00 13.33  ? 67  PHE B CE2 1 
ATOM   1166 C  CZ  . PHE B 1 60 ? 0.199   -4.003  -2.169  1.00 13.70  ? 67  PHE B CZ  1 
ATOM   1167 N  N   . GLU B 1 61 ? -1.604  -9.531  -1.512  1.00 12.32  ? 68  GLU B N   1 
ATOM   1168 C  CA  . GLU B 1 61 ? -2.551  -9.525  -0.407  1.00 13.99  ? 68  GLU B CA  1 
ATOM   1169 C  C   . GLU B 1 61 ? -2.040  -10.321 0.793   1.00 13.55  ? 68  GLU B C   1 
ATOM   1170 O  O   . GLU B 1 61 ? -2.160  -9.869  1.940   1.00 11.95  ? 68  GLU B O   1 
ATOM   1171 C  CB  . GLU B 1 61 ? -3.914  -10.075 -0.870  1.00 14.19  ? 68  GLU B CB  1 
ATOM   1172 C  CG  . GLU B 1 61 ? -4.961  -10.078 0.218   1.00 18.22  ? 68  GLU B CG  1 
ATOM   1173 C  CD  . GLU B 1 61 ? -6.207  -10.850 -0.190  1.00 25.18  ? 68  GLU B CD  1 
ATOM   1174 O  OE1 . GLU B 1 61 ? -6.106  -11.737 -1.068  1.00 24.59  ? 68  GLU B OE1 1 
ATOM   1175 O  OE2 . GLU B 1 61 ? -7.283  -10.578 0.381   1.00 28.76  ? 68  GLU B OE2 1 
ATOM   1176 N  N   . SER B 1 62 ? -1.490  -11.510 0.538   1.00 12.04  ? 69  SER B N   1 
ATOM   1177 C  CA  . SER B 1 62 ? -0.961  -12.340 1.621   1.00 13.78  ? 69  SER B CA  1 
ATOM   1178 C  C   . SER B 1 62 ? 0.187   -11.607 2.353   1.00 13.83  ? 69  SER B C   1 
ATOM   1179 O  O   . SER B 1 62 ? 0.257   -11.603 3.598   1.00 13.76  ? 69  SER B O   1 
ATOM   1180 C  CB  . SER B 1 62 ? -0.488  -13.702 1.071   1.00 14.56  ? 69  SER B CB  1 
ATOM   1181 O  OG  . SER B 1 62 ? 0.208   -14.438 2.066   1.00 21.85  ? 69  SER B OG  1 
ATOM   1182 N  N   . ASN B 1 63 ? 1.072   -10.984 1.580   1.00 13.27  ? 70  ASN B N   1 
ATOM   1183 C  CA  . ASN B 1 63 ? 2.202   -10.251 2.172   1.00 14.01  ? 70  ASN B CA  1 
ATOM   1184 C  C   . ASN B 1 63 ? 1.767   -9.022  2.991   1.00 14.05  ? 70  ASN B C   1 
ATOM   1185 O  O   . ASN B 1 63 ? 2.338   -8.752  4.059   1.00 14.60  ? 70  ASN B O   1 
ATOM   1186 C  CB  . ASN B 1 63 ? 3.219   -9.873  1.095   1.00 14.17  ? 70  ASN B CB  1 
ATOM   1187 C  CG  . ASN B 1 63 ? 4.241   -10.975 0.857   1.00 18.88  ? 70  ASN B CG  1 
ATOM   1188 O  OD1 . ASN B 1 63 ? 5.003   -11.326 1.761   1.00 21.08  ? 70  ASN B OD1 1 
ATOM   1189 N  ND2 . ASN B 1 63 ? 4.273   -11.513 -0.361  1.00 16.23  ? 70  ASN B ND2 1 
ATOM   1190 N  N   . LEU B 1 64 ? 0.769   -8.289  2.492   1.00 13.88  ? 71  LEU B N   1 
ATOM   1191 C  CA  . LEU B 1 64 ? 0.218   -7.142  3.239   1.00 14.73  ? 71  LEU B CA  1 
ATOM   1192 C  C   . LEU B 1 64 ? -0.439  -7.566  4.539   1.00 13.91  ? 71  LEU B C   1 
ATOM   1193 O  O   . LEU B 1 64 ? -0.236  -6.936  5.576   1.00 12.52  ? 71  LEU B O   1 
ATOM   1194 C  CB  . LEU B 1 64 ? -0.752  -6.286  2.394   1.00 16.14  ? 71  LEU B CB  1 
ATOM   1195 C  CG  . LEU B 1 64 ? -0.264  -4.860  2.079   1.00 19.48  ? 71  LEU B CG  1 
ATOM   1196 C  CD1 . LEU B 1 64 ? -1.234  -4.037  1.277   1.00 21.46  ? 71  LEU B CD1 1 
ATOM   1197 C  CD2 . LEU B 1 64 ? 0.131   -4.085  3.334   1.00 23.14  ? 71  LEU B CD2 1 
ATOM   1198 N  N   . LEU B 1 65 ? -1.227  -8.641  4.483   1.00 13.50  ? 72  LEU B N   1 
ATOM   1199 C  CA  . LEU B 1 65 ? -1.893  -9.165  5.657   1.00 14.17  ? 72  LEU B CA  1 
ATOM   1200 C  C   . LEU B 1 65 ? -0.921  -9.601  6.732   1.00 13.33  ? 72  LEU B C   1 
ATOM   1201 O  O   . LEU B 1 65 ? -1.202  -9.429  7.911   1.00 13.76  ? 72  LEU B O   1 
ATOM   1202 C  CB  . LEU B 1 65 ? -2.826  -10.340 5.300   1.00 14.11  ? 72  LEU B CB  1 
ATOM   1203 C  CG  . LEU B 1 65 ? -4.186  -10.054 4.682   1.00 18.48  ? 72  LEU B CG  1 
ATOM   1204 C  CD1 . LEU B 1 65 ? -4.767  -11.345 4.094   1.00 16.51  ? 72  LEU B CD1 1 
ATOM   1205 C  CD2 . LEU B 1 65 ? -5.144  -9.477  5.704   1.00 21.23  ? 72  LEU B CD2 1 
ATOM   1206 N  N   . LYS B 1 66 ? 0.208   -10.186 6.335   1.00 13.32  ? 73  LYS B N   1 
ATOM   1207 C  CA  . LYS B 1 66 ? 1.225   -10.614 7.290   1.00 13.40  ? 73  LYS B CA  1 
ATOM   1208 C  C   . LYS B 1 66 ? 1.848   -9.407  7.999   1.00 12.69  ? 73  LYS B C   1 
ATOM   1209 O  O   . LYS B 1 66 ? 2.024   -9.417  9.221   1.00 13.64  ? 73  LYS B O   1 
ATOM   1210 C  CB  . LYS B 1 66 ? 2.324   -11.418 6.593   1.00 14.36  ? 73  LYS B CB  1 
ATOM   1211 C  CG  . LYS B 1 66 ? 1.991   -12.862 6.319   1.00 19.57  ? 73  LYS B CG  1 
ATOM   1212 C  CD  . LYS B 1 66 ? 3.107   -13.503 5.493   1.00 22.78  ? 73  LYS B CD  1 
ATOM   1213 C  CE  . LYS B 1 66 ? 2.809   -14.950 5.192   1.00 26.54  ? 73  LYS B CE  1 
ATOM   1214 N  NZ  . LYS B 1 66 ? 1.674   -15.049 4.253   1.00 30.64  ? 73  LYS B NZ  1 
ATOM   1215 N  N   . ALA B 1 67 ? 2.185   -8.377  7.234   1.00 12.44  ? 74  ALA B N   1 
ATOM   1216 C  CA  . ALA B 1 67 ? 2.793   -7.161  7.807   1.00 13.46  ? 74  ALA B CA  1 
ATOM   1217 C  C   . ALA B 1 67 ? 1.807   -6.415  8.731   1.00 13.29  ? 74  ALA B C   1 
ATOM   1218 O  O   . ALA B 1 67 ? 2.164   -5.985  9.833   1.00 13.68  ? 74  ALA B O   1 
ATOM   1219 C  CB  . ALA B 1 67 ? 3.285   -6.244  6.696   1.00 13.89  ? 74  ALA B CB  1 
ATOM   1220 N  N   . ILE B 1 68 ? 0.573   -6.266  8.271   1.00 12.79  ? 75  ILE B N   1 
ATOM   1221 C  CA  . ILE B 1 68 ? -0.483  -5.635  9.067   1.00 13.58  ? 75  ILE B CA  1 
ATOM   1222 C  C   . ILE B 1 68 ? -0.714  -6.417  10.366  1.00 13.67  ? 75  ILE B C   1 
ATOM   1223 O  O   . ILE B 1 68 ? -0.898  -5.820  11.428  1.00 13.84  ? 75  ILE B O   1 
ATOM   1224 C  CB  . ILE B 1 68 ? -1.784  -5.455  8.238   1.00 13.30  ? 75  ILE B CB  1 
ATOM   1225 C  CG1 . ILE B 1 68 ? -1.602  -4.350  7.198   1.00 13.17  ? 75  ILE B CG1 1 
ATOM   1226 C  CG2 . ILE B 1 68 ? -2.973  -5.116  9.142   1.00 14.04  ? 75  ILE B CG2 1 
ATOM   1227 C  CD1 . ILE B 1 68 ? -2.629  -4.345  6.073   1.00 13.59  ? 75  ILE B CD1 1 
ATOM   1228 N  N   . ALA B 1 69 ? -0.663  -7.747  10.287  1.00 14.75  ? 76  ALA B N   1 
ATOM   1229 C  CA  . ALA B 1 69 ? -0.896  -8.613  11.448  1.00 15.57  ? 76  ALA B CA  1 
ATOM   1230 C  C   . ALA B 1 69 ? 0.090   -8.311  12.577  1.00 16.49  ? 76  ALA B C   1 
ATOM   1231 O  O   . ALA B 1 69 ? -0.286  -8.326  13.752  1.00 16.36  ? 76  ALA B O   1 
ATOM   1232 C  CB  . ALA B 1 69 ? -0.789  -10.088 11.058  1.00 16.54  ? 76  ALA B CB  1 
ATOM   1233 N  N   . VAL B 1 70 ? 1.342   -8.042  12.205  1.00 15.57  ? 77  VAL B N   1 
ATOM   1234 C  CA  . VAL B 1 70 ? 2.381   -7.631  13.165  1.00 15.58  ? 77  VAL B CA  1 
ATOM   1235 C  C   . VAL B 1 70 ? 1.929   -6.406  13.967  1.00 16.36  ? 77  VAL B C   1 
ATOM   1236 O  O   . VAL B 1 70 ? 2.049   -6.378  15.204  1.00 16.81  ? 77  VAL B O   1 
ATOM   1237 C  CB  . VAL B 1 70 ? 3.721   -7.327  12.456  1.00 14.67  ? 77  VAL B CB  1 
ATOM   1238 C  CG1 . VAL B 1 70 ? 4.729   -6.723  13.440  1.00 14.81  ? 77  VAL B CG1 1 
ATOM   1239 C  CG2 . VAL B 1 70 ? 4.281   -8.585  11.830  1.00 14.36  ? 77  VAL B CG2 1 
ATOM   1240 N  N   . ILE B 1 71 ? 1.394   -5.409  13.263  1.00 16.18  ? 78  ILE B N   1 
ATOM   1241 C  CA  . ILE B 1 71 ? 0.947   -4.167  13.898  1.00 17.28  ? 78  ILE B CA  1 
ATOM   1242 C  C   . ILE B 1 71 ? -0.285  -4.396  14.783  1.00 19.46  ? 78  ILE B C   1 
ATOM   1243 O  O   . ILE B 1 71 ? -0.312  -3.965  15.939  1.00 18.96  ? 78  ILE B O   1 
ATOM   1244 C  CB  . ILE B 1 71 ? 0.709   -3.063  12.851  1.00 17.02  ? 78  ILE B CB  1 
ATOM   1245 C  CG1 . ILE B 1 71 ? 2.025   -2.808  12.102  1.00 15.79  ? 78  ILE B CG1 1 
ATOM   1246 C  CG2 . ILE B 1 71 ? 0.192   -1.778  13.524  1.00 17.89  ? 78  ILE B CG2 1 
ATOM   1247 C  CD1 . ILE B 1 71 ? 1.963   -1.799  10.967  1.00 15.19  ? 78  ILE B CD1 1 
ATOM   1248 N  N   . LYS B 1 72 ? -1.284  -5.099  14.246  1.00 20.37  ? 79  LYS B N   1 
ATOM   1249 C  CA  . LYS B 1 72 ? -2.502  -5.402  15.000  1.00 22.51  ? 79  LYS B CA  1 
ATOM   1250 C  C   . LYS B 1 72 ? -2.194  -6.169  16.286  1.00 24.24  ? 79  LYS B C   1 
ATOM   1251 O  O   . LYS B 1 72 ? -2.776  -5.871  17.339  1.00 24.73  ? 79  LYS B O   1 
ATOM   1252 C  CB  . LYS B 1 72 ? -3.510  -6.157  14.127  1.00 22.13  ? 79  LYS B CB  1 
ATOM   1253 C  CG  . LYS B 1 72 ? -4.098  -5.290  13.021  1.00 23.13  ? 79  LYS B CG  1 
ATOM   1254 C  CD  . LYS B 1 72 ? -4.866  -6.105  12.001  1.00 28.58  ? 79  LYS B CD  1 
ATOM   1255 C  CE  . LYS B 1 72 ? -6.278  -6.421  12.455  1.00 33.21  ? 79  LYS B CE  1 
ATOM   1256 N  NZ  . LYS B 1 72 ? -6.971  -7.307  11.464  1.00 30.85  ? 79  LYS B NZ  1 
ATOM   1257 N  N   . GLN B 1 73 ? -1.275  -7.132  16.205  1.00 25.53  ? 80  GLN B N   1 
ATOM   1258 C  CA  A GLN B 1 73 ? -0.870  -7.894  17.378  0.50 26.67  ? 80  GLN B CA  1 
ATOM   1259 C  CA  B GLN B 1 73 ? -0.852  -7.905  17.368  0.50 26.66  ? 80  GLN B CA  1 
ATOM   1260 C  C   . GLN B 1 73 ? -0.243  -6.987  18.427  1.00 27.51  ? 80  GLN B C   1 
ATOM   1261 O  O   . GLN B 1 73 ? -0.561  -7.103  19.603  1.00 27.12  ? 80  GLN B O   1 
ATOM   1262 C  CB  A GLN B 1 73 ? 0.086   -9.029  17.006  0.50 27.14  ? 80  GLN B CB  1 
ATOM   1263 C  CB  B GLN B 1 73 ? 0.143   -8.998  16.961  0.50 27.19  ? 80  GLN B CB  1 
ATOM   1264 C  CG  A GLN B 1 73 ? -0.624  -10.278 16.531  0.50 29.00  ? 80  GLN B CG  1 
ATOM   1265 C  CG  B GLN B 1 73 ? 0.630   -9.883  18.102  0.50 28.83  ? 80  GLN B CG  1 
ATOM   1266 C  CD  A GLN B 1 73 ? -1.672  -10.753 17.523  0.50 30.82  ? 80  GLN B CD  1 
ATOM   1267 C  CD  B GLN B 1 73 ? 1.600   -10.957 17.642  0.50 31.30  ? 80  GLN B CD  1 
ATOM   1268 O  OE1 A GLN B 1 73 ? -1.361  -11.079 18.673  0.50 30.82  ? 80  GLN B OE1 1 
ATOM   1269 O  OE1 B GLN B 1 73 ? 1.791   -11.172 16.444  0.50 33.33  ? 80  GLN B OE1 1 
ATOM   1270 N  NE2 A GLN B 1 73 ? -2.924  -10.790 17.081  0.50 31.01  ? 80  GLN B NE2 1 
ATOM   1271 N  NE2 B GLN B 1 73 ? 2.218   -11.642 18.595  0.50 31.53  ? 80  GLN B NE2 1 
ATOM   1272 N  N   . LYS B 1 74 ? 0.632   -6.080  17.991  1.00 28.00  ? 81  LYS B N   1 
ATOM   1273 C  CA  . LYS B 1 74 ? 1.277   -5.118  18.889  1.00 29.57  ? 81  LYS B CA  1 
ATOM   1274 C  C   . LYS B 1 74 ? 0.224   -4.231  19.554  1.00 31.32  ? 81  LYS B C   1 
ATOM   1275 O  O   . LYS B 1 74 ? 0.215   -4.097  20.777  1.00 32.35  ? 81  LYS B O   1 
ATOM   1276 C  CB  . LYS B 1 74 ? 2.325   -4.282  18.128  1.00 29.01  ? 81  LYS B CB  1 
ATOM   1277 C  CG  . LYS B 1 74 ? 3.100   -3.249  18.957  1.00 26.55  ? 81  LYS B CG  1 
ATOM   1278 C  CD  . LYS B 1 74 ? 2.422   -1.892  18.932  1.00 26.42  ? 81  LYS B CD  1 
ATOM   1279 C  CE  . LYS B 1 74 ? 3.240   -0.835  19.661  1.00 24.68  ? 81  LYS B CE  1 
ATOM   1280 N  NZ  . LYS B 1 74 ? 2.478   0.430   19.755  1.00 26.62  ? 81  LYS B NZ  1 
ATOM   1281 N  N   . VAL B 1 75 ? -0.673  -3.657  18.752  1.00 32.98  ? 82  VAL B N   1 
ATOM   1282 C  CA  . VAL B 1 75 ? -1.701  -2.746  19.256  1.00 35.05  ? 82  VAL B CA  1 
ATOM   1283 C  C   . VAL B 1 75 ? -2.616  -3.412  20.293  1.00 37.58  ? 82  VAL B C   1 
ATOM   1284 O  O   . VAL B 1 75 ? -2.920  -2.819  21.328  1.00 37.71  ? 82  VAL B O   1 
ATOM   1285 C  CB  . VAL B 1 75 ? -2.524  -2.114  18.104  1.00 34.81  ? 82  VAL B CB  1 
ATOM   1286 C  CG1 . VAL B 1 75 ? -3.797  -1.450  18.623  1.00 34.13  ? 82  VAL B CG1 1 
ATOM   1287 C  CG2 . VAL B 1 75 ? -1.674  -1.103  17.348  1.00 33.58  ? 82  VAL B CG2 1 
ATOM   1288 N  N   . SER B 1 76 ? -3.040  -4.644  20.016  1.00 39.83  ? 83  SER B N   1 
ATOM   1289 C  CA  . SER B 1 76 ? -3.863  -5.407  20.958  1.00 42.42  ? 83  SER B CA  1 
ATOM   1290 C  C   . SER B 1 76 ? -3.033  -6.054  22.082  1.00 43.91  ? 83  SER B C   1 
ATOM   1291 O  O   . SER B 1 76 ? -3.593  -6.598  23.035  1.00 44.45  ? 83  SER B O   1 
ATOM   1292 C  CB  . SER B 1 76 ? -4.683  -6.467  20.217  1.00 42.28  ? 83  SER B CB  1 
ATOM   1293 O  OG  . SER B 1 76 ? -3.851  -7.518  19.750  1.00 44.01  ? 83  SER B OG  1 
ATOM   1294 N  N   . THR B 1 77 ? -1.707  -5.983  21.961  1.00 45.53  ? 84  THR B N   1 
ATOM   1295 C  CA  . THR B 1 77 ? -0.786  -6.546  22.945  1.00 46.73  ? 84  THR B CA  1 
ATOM   1296 C  C   . THR B 1 77 ? -0.518  -5.521  24.044  1.00 47.45  ? 84  THR B C   1 
ATOM   1297 O  O   . THR B 1 77 ? -0.606  -5.828  25.235  1.00 48.59  ? 84  THR B O   1 
ATOM   1298 C  CB  . THR B 1 77 ? 0.555   -6.971  22.283  1.00 46.70  ? 84  THR B CB  1 
ATOM   1299 O  OG1 . THR B 1 77 ? 0.778   -8.372  22.483  1.00 48.03  ? 84  THR B OG1 1 
ATOM   1300 C  CG2 . THR B 1 77 ? 1.752   -6.150  22.803  1.00 46.96  ? 84  THR B CG2 1 
HETATM 1301 C  C1  . EDO C 2 .  ? 13.743  9.000   24.879  1.00 31.82  ? 1   EDO A C1  1 
HETATM 1302 O  O1  . EDO C 2 .  ? 14.107  10.086  24.034  1.00 29.09  ? 1   EDO A O1  1 
HETATM 1303 C  C2  . EDO C 2 .  ? 12.338  8.611   24.485  1.00 31.87  ? 1   EDO A C2  1 
HETATM 1304 O  O2  . EDO C 2 .  ? 12.252  8.835   23.083  1.00 31.83  ? 1   EDO A O2  1 
HETATM 1305 C  C1  . EDO D 2 .  ? -7.223  2.025   13.308  1.00 26.65  ? 106 EDO A C1  1 
HETATM 1306 O  O1  . EDO D 2 .  ? -6.611  0.772   13.540  1.00 19.81  ? 106 EDO A O1  1 
HETATM 1307 C  C2  . EDO D 2 .  ? -8.477  1.802   12.490  1.00 23.24  ? 106 EDO A C2  1 
HETATM 1308 O  O2  . EDO D 2 .  ? -8.477  2.598   11.319  1.00 23.37  ? 106 EDO A O2  1 
HETATM 1309 C  C1  . EDO E 2 .  ? 10.629  -11.883 8.809   1.00 37.25  ? 107 EDO A C1  1 
HETATM 1310 O  O1  . EDO E 2 .  ? 10.141  -11.764 7.466   1.00 38.62  ? 107 EDO A O1  1 
HETATM 1311 C  C2  . EDO E 2 .  ? 10.555  -10.527 9.506   1.00 35.74  ? 107 EDO A C2  1 
HETATM 1312 O  O2  . EDO E 2 .  ? 11.329  -9.559  8.790   1.00 30.38  ? 107 EDO A O2  1 
HETATM 1313 MG MG  . MG  F 3 .  ? 10.744  -9.328  -11.872 0.50 16.30  ? 108 MG  A MG  1 
HETATM 1314 C  C1  . EDO G 2 .  ? -3.380  25.395  6.325   1.00 29.66  ? 1   EDO B C1  1 
HETATM 1315 O  O1  . EDO G 2 .  ? -2.818  24.421  7.192   1.00 29.76  ? 1   EDO B O1  1 
HETATM 1316 C  C2  . EDO G 2 .  ? -2.529  25.556  5.092   1.00 28.34  ? 1   EDO B C2  1 
HETATM 1317 O  O2  . EDO G 2 .  ? -3.251  26.297  4.115   1.00 31.43  ? 1   EDO B O2  1 
HETATM 1318 MG MG  . MG  H 3 .  ? -8.273  14.643  6.851   0.50 30.00  ? 106 MG  B MG  1 
HETATM 1319 O  O   . HOH I 4 .  ? 10.303  -8.292  -9.488  1.00 10.92  ? 2   HOH A O   1 
HETATM 1320 O  O   . HOH I 4 .  ? 11.040  8.481   15.218  1.00 20.63  ? 4   HOH A O   1 
HETATM 1321 O  O   . HOH I 4 .  ? 9.135   -12.548 -16.235 1.00 15.46  ? 5   HOH A O   1 
HETATM 1322 O  O   . HOH I 4 .  ? -1.990  6.598   8.522   1.00 14.23  ? 6   HOH A O   1 
HETATM 1323 O  O   . HOH I 4 .  ? 4.732   7.372   -6.018  1.00 17.83  ? 109 HOH A O   1 
HETATM 1324 O  O   . HOH I 4 .  ? 13.152  -6.672  10.281  1.00 42.00  ? 110 HOH A O   1 
HETATM 1325 O  O   . HOH I 4 .  ? 13.571  -6.737  15.612  1.00 48.77  ? 111 HOH A O   1 
HETATM 1326 O  O   . HOH I 4 .  ? 7.890   7.768   24.487  1.00 32.52  ? 112 HOH A O   1 
HETATM 1327 O  O   . HOH I 4 .  ? 18.504  -3.794  17.604  1.00 40.54  ? 113 HOH A O   1 
HETATM 1328 O  O   . HOH I 4 .  ? -11.185 1.282   12.840  1.00 34.37  ? 114 HOH A O   1 
HETATM 1329 O  O   . HOH I 4 .  ? -12.886 -0.003  9.171   1.00 50.40  ? 115 HOH A O   1 
HETATM 1330 O  O   . HOH I 4 .  ? -0.818  4.755   21.184  1.00 51.04  ? 116 HOH A O   1 
HETATM 1331 O  O   . HOH I 4 .  ? 19.006  1.151   12.935  1.00 19.69  ? 118 HOH A O   1 
HETATM 1332 O  O   . HOH I 4 .  ? 20.848  -2.653  16.820  1.00 33.17  ? 120 HOH A O   1 
HETATM 1333 O  O   . HOH I 4 .  ? -4.049  9.880   10.517  1.00 17.47  ? 121 HOH A O   1 
HETATM 1334 O  O   . HOH I 4 .  ? 13.310  6.970   15.608  1.00 21.25  ? 122 HOH A O   1 
HETATM 1335 O  O   . HOH I 4 .  ? 15.444  0.685   20.162  1.00 38.13  ? 123 HOH A O   1 
HETATM 1336 O  O   . HOH I 4 .  ? 13.507  -1.866  16.680  1.00 40.59  ? 124 HOH A O   1 
HETATM 1337 O  O   . HOH I 4 .  ? 2.027   4.490   14.008  1.00 16.28  ? 125 HOH A O   1 
HETATM 1338 O  O   . HOH I 4 .  ? 11.220  12.834  17.791  1.00 19.83  ? 126 HOH A O   1 
HETATM 1339 O  O   . HOH I 4 .  ? 2.261   -6.366  -9.807  1.00 16.51  ? 127 HOH A O   1 
HETATM 1340 O  O   . HOH I 4 .  ? 10.537  8.701   -6.180  1.00 50.44  ? 128 HOH A O   1 
HETATM 1341 O  O   . HOH I 4 .  ? -3.678  -8.772  9.130   1.00 19.21  ? 129 HOH A O   1 
HETATM 1342 O  O   . HOH I 4 .  ? 10.898  -7.929  15.389  1.00 46.00  ? 130 HOH A O   1 
HETATM 1343 O  O   . HOH I 4 .  ? 20.589  -2.448  14.535  1.00 24.66  ? 131 HOH A O   1 
HETATM 1344 O  O   . HOH I 4 .  ? -17.485 -11.380 -12.195 1.00 47.70  ? 132 HOH A O   1 
HETATM 1345 O  O   . HOH I 4 .  ? 10.556  10.633  16.046  1.00 22.54  ? 133 HOH A O   1 
HETATM 1346 O  O   . HOH I 4 .  ? -9.786  -9.312  -0.326  1.00 27.06  ? 134 HOH A O   1 
HETATM 1347 O  O   . HOH I 4 .  ? 2.016   6.552   15.611  1.00 24.53  ? 135 HOH A O   1 
HETATM 1348 O  O   . HOH I 4 .  ? 12.439  -1.663  20.724  1.00 50.69  ? 136 HOH A O   1 
HETATM 1349 O  O   . HOH I 4 .  ? 8.541   -13.316 -1.119  1.00 49.15  ? 137 HOH A O   1 
HETATM 1350 O  O   . HOH I 4 .  ? 12.532  -1.947  2.205   1.00 30.54  ? 138 HOH A O   1 
HETATM 1351 O  O   . HOH I 4 .  ? 11.170  2.321   2.890   1.00 25.37  ? 139 HOH A O   1 
HETATM 1352 O  O   . HOH I 4 .  ? 16.335  -1.083  5.567   1.00 52.02  ? 140 HOH A O   1 
HETATM 1353 O  O   . HOH I 4 .  ? -8.864  4.915   10.720  1.00 24.37  ? 141 HOH A O   1 
HETATM 1354 O  O   . HOH I 4 .  ? 5.849   6.081   24.127  1.00 24.00  ? 142 HOH A O   1 
HETATM 1355 O  O   . HOH I 4 .  ? 13.677  -3.225  -7.579  1.00 23.89  ? 143 HOH A O   1 
HETATM 1356 O  O   . HOH I 4 .  ? 7.918   -13.487 -18.429 1.00 356.92 ? 144 HOH A O   1 
HETATM 1357 O  O   . HOH I 4 .  ? -16.227 -2.683  6.794   1.00 51.91  ? 145 HOH A O   1 
HETATM 1358 O  O   . HOH I 4 .  ? 13.205  1.048   4.425   1.00 38.10  ? 146 HOH A O   1 
HETATM 1359 O  O   . HOH I 4 .  ? 10.297  8.008   12.641  0.50 19.03  ? 147 HOH A O   1 
HETATM 1360 O  O   . HOH I 4 .  ? 3.876   3.064   -8.862  1.00 26.95  ? 148 HOH A O   1 
HETATM 1361 O  O   . HOH I 4 .  ? 9.580   -13.105 -3.911  1.00 24.45  ? 149 HOH A O   1 
HETATM 1362 O  O   . HOH I 4 .  ? -13.064 3.838   5.165   1.00 29.66  ? 150 HOH A O   1 
HETATM 1363 O  O   . HOH I 4 .  ? 13.407  -0.676  0.034   1.00 34.45  ? 151 HOH A O   1 
HETATM 1364 O  O   . HOH I 4 .  ? 5.173   10.081  6.669   1.00 32.40  ? 152 HOH A O   1 
HETATM 1365 O  O   . HOH I 4 .  ? -7.201  -9.498  8.666   1.00 38.81  ? 153 HOH A O   1 
HETATM 1366 O  O   . HOH I 4 .  ? 6.870   -0.588  20.724  1.00 31.77  ? 154 HOH A O   1 
HETATM 1367 O  O   . HOH I 4 .  ? -10.798 7.476   9.059   1.00 29.01  ? 155 HOH A O   1 
HETATM 1368 O  O   . HOH I 4 .  ? 12.853  -2.851  -17.055 1.00 30.17  ? 156 HOH A O   1 
HETATM 1369 O  O   . HOH I 4 .  ? -14.043 -0.367  4.358   1.00 44.51  ? 157 HOH A O   1 
HETATM 1370 O  O   . HOH I 4 .  ? -9.404  -4.442  9.377   1.00 24.81  ? 158 HOH A O   1 
HETATM 1371 O  O   . HOH I 4 .  ? 12.374  6.993   -7.069  1.00 43.96  ? 159 HOH A O   1 
HETATM 1372 O  O   . HOH I 4 .  ? 11.505  -11.391 2.101   1.00 38.78  ? 160 HOH A O   1 
HETATM 1373 O  O   . HOH I 4 .  ? 4.158   2.528   -13.607 1.00 37.40  ? 161 HOH A O   1 
HETATM 1374 O  O   . HOH I 4 .  ? -4.865  -2.426  14.966  1.00 33.05  ? 162 HOH A O   1 
HETATM 1375 O  O   . HOH I 4 .  ? 13.153  4.305   15.290  1.00 37.77  ? 163 HOH A O   1 
HETATM 1376 O  O   . HOH I 4 .  ? 7.983   9.369   17.305  1.00 26.74  ? 164 HOH A O   1 
HETATM 1377 O  O   . HOH I 4 .  ? 12.224  3.675   11.649  1.00 46.78  ? 165 HOH A O   1 
HETATM 1378 O  O   . HOH I 4 .  ? 8.191   11.582  18.994  1.00 31.39  ? 166 HOH A O   1 
HETATM 1379 O  O   . HOH I 4 .  ? 8.095   -9.683  13.141  1.00 46.57  ? 167 HOH A O   1 
HETATM 1380 O  O   . HOH I 4 .  ? 14.136  -4.159  15.418  1.00 49.86  ? 168 HOH A O   1 
HETATM 1381 O  O   . HOH I 4 .  ? -10.020 5.997   13.158  1.00 48.89  ? 169 HOH A O   1 
HETATM 1382 O  O   . HOH I 4 .  ? -15.521 -5.530  -2.629  1.00 36.04  ? 170 HOH A O   1 
HETATM 1383 O  O   . HOH I 4 .  ? 12.461  -12.804 4.593   1.00 48.34  ? 171 HOH A O   1 
HETATM 1384 O  O   . HOH I 4 .  ? 14.905  -1.198  -4.032  1.00 39.98  ? 172 HOH A O   1 
HETATM 1385 O  O   . HOH I 4 .  ? 15.691  1.608   10.895  1.00 47.64  ? 173 HOH A O   1 
HETATM 1386 O  O   . HOH I 4 .  ? 6.769   -13.284 6.124   1.00 46.33  ? 174 HOH A O   1 
HETATM 1387 O  O   . HOH I 4 .  ? -12.939 -5.413  3.932   1.00 28.36  ? 175 HOH A O   1 
HETATM 1388 O  O   . HOH I 4 .  ? 17.560  -7.254  13.746  1.00 55.45  ? 176 HOH A O   1 
HETATM 1389 O  O   . HOH I 4 .  ? 10.136  5.109   23.446  1.00 49.34  ? 177 HOH A O   1 
HETATM 1390 O  O   . HOH I 4 .  ? 0.779   -0.427  -15.904 1.00 41.51  ? 179 HOH A O   1 
HETATM 1391 O  O   . HOH I 4 .  ? -4.359  0.082   15.526  1.00 41.28  ? 180 HOH A O   1 
HETATM 1392 O  O   . HOH I 4 .  ? 6.706   -7.354  17.315  1.00 39.34  ? 182 HOH A O   1 
HETATM 1393 O  O   . HOH I 4 .  ? 13.674  -9.471  7.458   1.00 43.31  ? 183 HOH A O   1 
HETATM 1394 O  O   . HOH I 4 .  ? 9.673   -3.564  18.981  1.00 31.60  ? 184 HOH A O   1 
HETATM 1395 O  O   . HOH I 4 .  ? -0.892  4.978   18.387  1.00 49.39  ? 185 HOH A O   1 
HETATM 1396 O  O   . HOH I 4 .  ? -13.521 -7.209  1.993   1.00 46.88  ? 186 HOH A O   1 
HETATM 1397 O  O   . HOH I 4 .  ? 11.060  3.037   19.773  1.00 37.97  ? 187 HOH A O   1 
HETATM 1398 O  O   . HOH I 4 .  ? 15.126  -6.104  12.481  1.00 49.66  ? 188 HOH A O   1 
HETATM 1399 O  O   . HOH I 4 .  ? -13.852 0.140   6.793   1.00 47.82  ? 189 HOH A O   1 
HETATM 1400 O  O   . HOH I 4 .  ? 0.850   3.268   19.987  1.00 44.43  ? 190 HOH A O   1 
HETATM 1401 O  O   . HOH I 4 .  ? 8.003   3.159   -15.759 1.00 52.25  ? 191 HOH A O   1 
HETATM 1402 O  O   . HOH I 4 .  ? 20.191  -5.230  13.712  1.00 48.14  ? 192 HOH A O   1 
HETATM 1403 O  O   . HOH I 4 .  ? 4.032   -16.773 -16.428 1.00 42.97  ? 193 HOH A O   1 
HETATM 1404 O  O   . HOH I 4 .  ? -14.848 2.196   3.001   1.00 48.14  ? 194 HOH A O   1 
HETATM 1405 O  O   . HOH I 4 .  ? 19.898  -3.633  7.211   1.00 50.77  ? 195 HOH A O   1 
HETATM 1406 O  O   . HOH I 4 .  ? 13.825  3.548   9.168   0.50 19.38  ? 196 HOH A O   1 
HETATM 1407 O  O   . HOH J 4 .  ? -10.663 12.591  17.369  1.00 47.23  ? 2   HOH B O   1 
HETATM 1408 O  O   . HOH J 4 .  ? 6.586   7.582   -3.127  1.00 16.74  ? 7   HOH B O   1 
HETATM 1409 O  O   . HOH J 4 .  ? -5.130  14.714  2.096   1.00 15.65  ? 107 HOH B O   1 
HETATM 1410 O  O   . HOH J 4 .  ? 5.888   -13.522 -7.582  1.00 29.57  ? 108 HOH B O   1 
HETATM 1411 O  O   . HOH J 4 .  ? 3.976   -9.839  -12.720 1.00 27.65  ? 109 HOH B O   1 
HETATM 1412 O  O   . HOH J 4 .  ? -2.650  20.450  5.820   1.00 24.64  ? 110 HOH B O   1 
HETATM 1413 O  O   . HOH J 4 .  ? 2.109   -13.586 -7.658  1.00 23.76  ? 111 HOH B O   1 
HETATM 1414 O  O   . HOH J 4 .  ? -7.749  13.063  4.841   1.00 16.89  ? 112 HOH B O   1 
HETATM 1415 O  O   . HOH J 4 .  ? 4.909   -9.613  4.027   1.00 17.04  ? 113 HOH B O   1 
HETATM 1416 O  O   . HOH J 4 .  ? -7.483  9.354   11.500  1.00 22.83  ? 114 HOH B O   1 
HETATM 1417 O  O   . HOH J 4 .  ? -5.670  14.264  -0.547  1.00 20.47  ? 115 HOH B O   1 
HETATM 1418 O  O   . HOH J 4 .  ? -13.301 8.250   4.593   1.00 24.53  ? 116 HOH B O   1 
HETATM 1419 O  O   . HOH J 4 .  ? 3.139   -13.765 -12.980 1.00 34.80  ? 117 HOH B O   1 
HETATM 1420 O  O   . HOH J 4 .  ? -5.571  -13.761 -11.871 1.00 47.30  ? 118 HOH B O   1 
HETATM 1421 O  O   . HOH J 4 .  ? 1.325   -14.428 -14.900 1.00 44.90  ? 119 HOH B O   1 
HETATM 1422 O  O   . HOH J 4 .  ? -2.667  -13.469 -7.864  1.00 31.46  ? 120 HOH B O   1 
HETATM 1423 O  O   . HOH J 4 .  ? 0.349   18.086  10.688  1.00 29.80  ? 121 HOH B O   1 
HETATM 1424 O  O   . HOH J 4 .  ? -4.258  -14.137 -0.866  1.00 35.59  ? 122 HOH B O   1 
HETATM 1425 O  O   . HOH J 4 .  ? 3.649   -7.820  16.868  1.00 25.66  ? 123 HOH B O   1 
HETATM 1426 O  O   . HOH J 4 .  ? 2.615   -11.789 10.532  1.00 27.61  ? 124 HOH B O   1 
HETATM 1427 O  O   . HOH J 4 .  ? -4.221  12.181  -5.917  1.00 41.97  ? 125 HOH B O   1 
HETATM 1428 O  O   . HOH J 4 .  ? 4.031   23.970  2.202   1.00 35.79  ? 126 HOH B O   1 
HETATM 1429 O  O   . HOH J 4 .  ? -2.030  -3.148  24.177  1.00 45.02  ? 127 HOH B O   1 
HETATM 1430 O  O   . HOH J 4 .  ? 1.651   -11.570 13.634  1.00 37.81  ? 128 HOH B O   1 
HETATM 1431 O  O   . HOH J 4 .  ? -2.047  -9.278  -14.493 1.00 29.16  ? 129 HOH B O   1 
HETATM 1432 O  O   . HOH J 4 .  ? -10.376 8.416   11.389  1.00 45.15  ? 130 HOH B O   1 
HETATM 1433 O  O   . HOH J 4 .  ? -4.635  -3.118  24.854  1.00 48.76  ? 131 HOH B O   1 
HETATM 1434 O  O   . HOH J 4 .  ? -0.948  7.149   -9.846  1.00 35.42  ? 132 HOH B O   1 
HETATM 1435 O  O   . HOH J 4 .  ? -2.956  -6.263  -14.306 1.00 42.73  ? 133 HOH B O   1 
HETATM 1436 O  O   . HOH J 4 .  ? -15.182 8.573   0.973   1.00 33.82  ? 134 HOH B O   1 
HETATM 1437 O  O   . HOH J 4 .  ? -14.155 13.671  -1.669  1.00 44.15  ? 135 HOH B O   1 
HETATM 1438 O  O   . HOH J 4 .  ? -5.379  -4.192  16.955  1.00 32.85  ? 136 HOH B O   1 
HETATM 1439 O  O   . HOH J 4 .  ? -3.388  6.888   -9.449  1.00 32.34  ? 137 HOH B O   1 
HETATM 1440 O  O   . HOH J 4 .  ? -9.059  -9.977  -16.016 1.00 36.94  ? 138 HOH B O   1 
HETATM 1441 O  O   . HOH J 4 .  ? -16.485 2.537   -6.100  1.00 34.78  ? 139 HOH B O   1 
HETATM 1442 O  O   . HOH J 4 .  ? 2.600   17.112  2.021   1.00 38.01  ? 140 HOH B O   1 
HETATM 1443 O  O   . HOH J 4 .  ? -0.772  28.993  0.069   1.00 31.23  ? 141 HOH B O   1 
HETATM 1444 O  O   . HOH J 4 .  ? -5.766  25.210  0.784   1.00 34.01  ? 142 HOH B O   1 
HETATM 1445 O  O   . HOH J 4 .  ? 8.118   -14.869 -5.387  1.00 52.33  ? 143 HOH B O   1 
HETATM 1446 O  O   . HOH J 4 .  ? 3.874   14.524  -5.207  1.00 41.22  ? 144 HOH B O   1 
HETATM 1447 O  O   . HOH J 4 .  ? -0.568  20.105  -5.344  1.00 35.61  ? 145 HOH B O   1 
HETATM 1448 O  O   . HOH J 4 .  ? -6.939  8.316   -7.033  1.00 39.00  ? 146 HOH B O   1 
HETATM 1449 O  O   . HOH J 4 .  ? -1.480  -4.849  27.919  1.00 45.67  ? 147 HOH B O   1 
HETATM 1450 O  O   . HOH J 4 .  ? 2.532   10.077  -7.846  1.00 37.70  ? 149 HOH B O   1 
HETATM 1451 O  O   . HOH J 4 .  ? 6.165   -13.269 -1.449  1.00 34.59  ? 150 HOH B O   1 
HETATM 1452 O  O   . HOH J 4 .  ? 4.094   -13.801 9.371   1.00 41.74  ? 151 HOH B O   1 
HETATM 1453 O  O   . HOH J 4 .  ? -15.077 7.296   -2.526  1.00 37.69  ? 152 HOH B O   1 
HETATM 1454 O  O   . HOH J 4 .  ? -8.287  -13.185 -15.145 1.00 44.78  ? 153 HOH B O   1 
HETATM 1455 O  O   . HOH J 4 .  ? -5.989  -12.470 -9.371  1.00 39.11  ? 154 HOH B O   1 
HETATM 1456 O  O   . HOH J 4 .  ? 3.517   2.610   21.468  1.00 44.01  ? 155 HOH B O   1 
HETATM 1457 O  O   . HOH J 4 .  ? -0.294  -5.323  -17.805 1.00 44.01  ? 156 HOH B O   1 
HETATM 1458 O  O   . HOH J 4 .  ? 0.652   -0.603  21.805  1.00 47.82  ? 157 HOH B O   1 
HETATM 1459 O  O   . HOH J 4 .  ? -1.127  -15.290 -10.869 1.00 39.20  ? 158 HOH B O   1 
HETATM 1460 O  O   . HOH J 4 .  ? 4.562   -12.514 -11.405 1.00 24.76  ? 159 HOH B O   1 
HETATM 1461 O  O   . HOH J 4 .  ? -10.727 1.062   -15.228 1.00 47.45  ? 160 HOH B O   1 
HETATM 1462 O  O   . HOH J 4 .  ? -5.171  10.176  -6.631  1.00 45.78  ? 161 HOH B O   1 
HETATM 1463 O  O   . HOH J 4 .  ? 4.615   18.880  3.718   1.00 49.36  ? 162 HOH B O   1 
HETATM 1464 O  O   . HOH J 4 .  ? -13.419 4.817   2.894   1.00 66.18  ? 163 HOH B O   1 
HETATM 1465 O  O   . HOH J 4 .  ? 4.981   12.461  3.988   1.00 44.90  ? 165 HOH B O   1 
HETATM 1466 O  O   . HOH J 4 .  ? -11.820 0.222   -0.455  1.00 24.07  ? 166 HOH B O   1 
HETATM 1467 O  O   . HOH J 4 .  ? -0.415  -13.799 -6.747  1.00 17.45  ? 167 HOH B O   1 
# 
